data_2DA7
#
_entry.id   2DA7
#
_entity_poly.entity_id   1
_entity_poly.type   'polypeptide(L)'
_entity_poly.pdbx_seq_one_letter_code
;GSSGSSGSPINPYKDHMSVLKAYYAMNMEPNSDELLKISIAVGLPQEFVKEWFEQRKVYQYSNSRSGPSSG
;
_entity_poly.pdbx_strand_id   A
#
# COMPACT_ATOMS: atom_id res chain seq x y z
N GLY A 1 5.43 16.45 14.93
CA GLY A 1 4.91 16.00 16.21
C GLY A 1 3.52 16.52 16.49
N SER A 2 3.17 16.61 17.78
CA SER A 2 1.85 17.09 18.17
C SER A 2 0.75 16.31 17.46
N SER A 3 0.95 15.01 17.31
CA SER A 3 -0.02 14.15 16.66
C SER A 3 -0.66 13.19 17.65
N GLY A 4 -1.73 12.51 17.21
CA GLY A 4 -2.42 11.58 18.07
C GLY A 4 -3.82 11.27 17.58
N SER A 5 -4.14 9.99 17.48
CA SER A 5 -5.46 9.57 17.02
C SER A 5 -6.08 8.55 17.98
N SER A 6 -7.41 8.56 18.08
CA SER A 6 -8.12 7.65 18.96
C SER A 6 -8.61 6.43 18.19
N GLY A 7 -8.97 6.63 16.93
CA GLY A 7 -9.46 5.54 16.11
C GLY A 7 -9.96 6.01 14.76
N SER A 8 -9.72 5.20 13.72
CA SER A 8 -10.15 5.54 12.38
C SER A 8 -11.42 4.78 12.00
N PRO A 9 -12.28 5.43 11.22
CA PRO A 9 -13.55 4.83 10.76
C PRO A 9 -13.32 3.71 9.75
N ILE A 10 -14.42 3.19 9.20
CA ILE A 10 -14.34 2.12 8.21
C ILE A 10 -14.82 2.59 6.84
N ASN A 11 -14.11 2.17 5.80
CA ASN A 11 -14.47 2.54 4.44
C ASN A 11 -14.92 1.33 3.64
N PRO A 12 -15.95 1.54 2.80
CA PRO A 12 -16.51 0.47 1.95
C PRO A 12 -15.56 0.05 0.85
N TYR A 13 -15.07 1.02 0.09
CA TYR A 13 -14.15 0.74 -1.01
C TYR A 13 -12.71 0.98 -0.59
N LYS A 14 -12.45 2.17 -0.06
CA LYS A 14 -11.11 2.54 0.40
C LYS A 14 -10.41 1.35 1.04
N ASP A 15 -11.20 0.44 1.61
CA ASP A 15 -10.66 -0.75 2.25
C ASP A 15 -9.55 -1.37 1.40
N HIS A 16 -9.85 -1.61 0.13
CA HIS A 16 -8.89 -2.20 -0.78
C HIS A 16 -7.55 -1.46 -0.73
N MET A 17 -7.62 -0.16 -0.46
CA MET A 17 -6.42 0.66 -0.38
C MET A 17 -5.74 0.50 0.98
N SER A 18 -6.41 0.97 2.03
CA SER A 18 -5.87 0.89 3.38
C SER A 18 -5.13 -0.43 3.58
N VAL A 19 -5.78 -1.53 3.25
CA VAL A 19 -5.17 -2.85 3.39
C VAL A 19 -3.77 -2.88 2.82
N LEU A 20 -3.64 -2.55 1.54
CA LEU A 20 -2.35 -2.53 0.87
C LEU A 20 -1.35 -1.68 1.65
N LYS A 21 -1.83 -0.57 2.19
CA LYS A 21 -0.98 0.33 2.96
C LYS A 21 -0.57 -0.30 4.29
N ALA A 22 -1.37 -1.24 4.76
CA ALA A 22 -1.09 -1.92 6.02
C ALA A 22 0.03 -2.94 5.85
N TYR A 23 0.04 -3.61 4.69
CA TYR A 23 1.05 -4.62 4.40
C TYR A 23 2.41 -3.96 4.16
N TYR A 24 2.44 -2.96 3.30
CA TYR A 24 3.67 -2.25 2.98
C TYR A 24 4.26 -1.59 4.22
N ALA A 25 3.40 -0.91 4.98
CA ALA A 25 3.83 -0.22 6.19
C ALA A 25 4.70 -1.13 7.06
N MET A 26 4.40 -2.42 7.04
CA MET A 26 5.16 -3.40 7.82
C MET A 26 6.38 -3.88 7.03
N ASN A 27 6.17 -4.24 5.78
CA ASN A 27 7.25 -4.71 4.92
C ASN A 27 7.45 -3.79 3.72
N MET A 28 8.70 -3.43 3.47
CA MET A 28 9.03 -2.55 2.34
C MET A 28 8.92 -3.30 1.02
N GLU A 29 9.62 -4.42 0.93
CA GLU A 29 9.60 -5.23 -0.29
C GLU A 29 9.09 -6.64 -0.01
N PRO A 30 7.82 -6.89 -0.36
CA PRO A 30 7.18 -8.19 -0.15
C PRO A 30 7.75 -9.28 -1.06
N ASN A 31 7.39 -10.52 -0.79
CA ASN A 31 7.87 -11.65 -1.58
C ASN A 31 6.74 -12.23 -2.42
N SER A 32 7.11 -12.87 -3.53
CA SER A 32 6.13 -13.46 -4.43
C SER A 32 4.96 -14.07 -3.64
N ASP A 33 5.29 -14.67 -2.50
CA ASP A 33 4.28 -15.29 -1.65
C ASP A 33 3.29 -14.25 -1.13
N GLU A 34 3.82 -13.19 -0.54
CA GLU A 34 2.99 -12.12 0.00
C GLU A 34 2.21 -11.41 -1.11
N LEU A 35 2.95 -10.86 -2.07
CA LEU A 35 2.34 -10.16 -3.19
C LEU A 35 1.03 -10.82 -3.60
N LEU A 36 1.07 -12.13 -3.84
CA LEU A 36 -0.10 -12.88 -4.23
C LEU A 36 -1.26 -12.65 -3.25
N LYS A 37 -1.05 -13.08 -2.01
CA LYS A 37 -2.07 -12.92 -0.97
C LYS A 37 -2.57 -11.48 -0.92
N ILE A 38 -1.65 -10.53 -0.87
CA ILE A 38 -2.00 -9.12 -0.84
C ILE A 38 -3.12 -8.80 -1.82
N SER A 39 -2.97 -9.29 -3.04
CA SER A 39 -3.98 -9.06 -4.08
C SER A 39 -5.20 -9.94 -3.87
N ILE A 40 -5.02 -11.00 -3.08
CA ILE A 40 -6.11 -11.92 -2.80
C ILE A 40 -7.03 -11.37 -1.72
N ALA A 41 -6.47 -11.04 -0.57
CA ALA A 41 -7.23 -10.49 0.54
C ALA A 41 -8.19 -9.40 0.07
N VAL A 42 -7.75 -8.66 -0.95
CA VAL A 42 -8.55 -7.57 -1.50
C VAL A 42 -9.37 -8.04 -2.70
N GLY A 43 -8.82 -9.01 -3.43
CA GLY A 43 -9.51 -9.53 -4.59
C GLY A 43 -8.98 -8.97 -5.90
N LEU A 44 -7.93 -8.15 -5.80
CA LEU A 44 -7.31 -7.56 -6.97
C LEU A 44 -6.30 -8.49 -7.60
N PRO A 45 -6.02 -8.28 -8.89
CA PRO A 45 -5.06 -9.11 -9.65
C PRO A 45 -3.62 -8.88 -9.20
N GLN A 46 -2.98 -9.93 -8.72
CA GLN A 46 -1.59 -9.84 -8.26
C GLN A 46 -0.77 -8.97 -9.20
N GLU A 47 -1.05 -9.08 -10.49
CA GLU A 47 -0.32 -8.31 -11.50
C GLU A 47 -0.37 -6.82 -11.18
N PHE A 48 -1.55 -6.34 -10.81
CA PHE A 48 -1.74 -4.94 -10.48
C PHE A 48 -0.98 -4.57 -9.21
N VAL A 49 -1.26 -5.28 -8.13
CA VAL A 49 -0.61 -5.04 -6.85
C VAL A 49 0.90 -4.94 -7.01
N LYS A 50 1.46 -5.82 -7.84
CA LYS A 50 2.90 -5.83 -8.08
C LYS A 50 3.40 -4.43 -8.43
N GLU A 51 2.86 -3.87 -9.51
CA GLU A 51 3.26 -2.53 -9.95
C GLU A 51 3.10 -1.53 -8.82
N TRP A 52 1.97 -1.60 -8.13
CA TRP A 52 1.69 -0.69 -7.02
C TRP A 52 2.86 -0.65 -6.04
N PHE A 53 3.39 -1.81 -5.71
CA PHE A 53 4.53 -1.91 -4.79
C PHE A 53 5.79 -1.35 -5.42
N GLU A 54 5.99 -1.66 -6.70
CA GLU A 54 7.17 -1.19 -7.43
C GLU A 54 7.25 0.34 -7.41
N GLN A 55 6.12 0.99 -7.66
CA GLN A 55 6.06 2.44 -7.69
C GLN A 55 6.64 3.02 -6.40
N ARG A 56 6.19 2.50 -5.26
CA ARG A 56 6.67 2.98 -3.97
C ARG A 56 8.18 3.17 -3.99
N LYS A 57 8.89 2.24 -4.61
CA LYS A 57 10.35 2.31 -4.70
C LYS A 57 10.79 3.61 -5.35
N VAL A 58 10.05 4.04 -6.37
CA VAL A 58 10.37 5.27 -7.08
C VAL A 58 10.48 6.44 -6.12
N TYR A 59 9.51 6.56 -5.22
CA TYR A 59 9.49 7.65 -4.24
C TYR A 59 10.54 7.40 -3.15
N GLN A 60 10.58 6.17 -2.65
CA GLN A 60 11.53 5.81 -1.60
C GLN A 60 12.96 6.14 -2.02
N TYR A 61 13.24 5.99 -3.31
CA TYR A 61 14.57 6.27 -3.85
C TYR A 61 14.71 7.74 -4.21
N SER A 62 13.62 8.33 -4.70
CA SER A 62 13.62 9.74 -5.09
C SER A 62 13.38 10.64 -3.89
N ASN A 63 13.92 11.86 -3.94
CA ASN A 63 13.77 12.81 -2.86
C ASN A 63 12.30 13.18 -2.65
N SER A 64 11.85 13.13 -1.41
CA SER A 64 10.46 13.46 -1.08
C SER A 64 10.25 14.97 -1.02
N ARG A 65 11.21 15.67 -0.41
CA ARG A 65 11.12 17.12 -0.29
C ARG A 65 10.64 17.75 -1.59
N SER A 66 11.33 17.45 -2.68
CA SER A 66 10.97 18.00 -3.98
C SER A 66 9.58 17.53 -4.40
N GLY A 67 8.83 18.42 -5.03
CA GLY A 67 7.48 18.07 -5.48
C GLY A 67 7.36 16.62 -5.87
N PRO A 68 6.88 15.79 -4.94
CA PRO A 68 6.70 14.35 -5.17
C PRO A 68 5.56 14.05 -6.14
N SER A 69 5.28 12.77 -6.34
CA SER A 69 4.21 12.36 -7.24
C SER A 69 2.86 12.84 -6.75
N SER A 70 2.54 12.53 -5.50
CA SER A 70 1.27 12.93 -4.90
C SER A 70 1.45 13.29 -3.44
N GLY A 71 0.72 14.31 -2.99
CA GLY A 71 0.82 14.74 -1.61
C GLY A 71 1.65 16.01 -1.45
N GLY A 1 -7.14 -3.09 15.87
CA GLY A 1 -6.81 -4.08 16.88
C GLY A 1 -7.87 -4.19 17.96
N SER A 2 -9.00 -4.77 17.60
CA SER A 2 -10.10 -4.94 18.54
C SER A 2 -10.76 -6.31 18.39
N SER A 3 -11.59 -6.68 19.36
CA SER A 3 -12.28 -7.97 19.32
C SER A 3 -13.31 -8.01 18.21
N GLY A 4 -13.33 -9.12 17.48
CA GLY A 4 -14.27 -9.27 16.38
C GLY A 4 -13.96 -8.35 15.21
N SER A 5 -14.70 -7.26 15.09
CA SER A 5 -14.49 -6.31 14.01
C SER A 5 -13.76 -5.07 14.50
N SER A 6 -13.02 -4.43 13.60
CA SER A 6 -12.26 -3.23 13.94
C SER A 6 -12.49 -2.13 12.91
N GLY A 7 -12.35 -0.88 13.34
CA GLY A 7 -12.54 0.25 12.45
C GLY A 7 -14.00 0.69 12.38
N SER A 8 -14.43 1.44 13.38
CA SER A 8 -15.81 1.93 13.42
C SER A 8 -16.28 2.34 12.04
N PRO A 9 -15.59 3.32 11.44
CA PRO A 9 -15.92 3.83 10.11
C PRO A 9 -15.63 2.81 9.01
N ILE A 10 -16.69 2.37 8.33
CA ILE A 10 -16.53 1.40 7.25
C ILE A 10 -16.28 2.09 5.92
N ASN A 11 -15.36 1.54 5.13
CA ASN A 11 -15.01 2.10 3.83
C ASN A 11 -15.48 1.19 2.71
N PRO A 12 -16.22 1.76 1.75
CA PRO A 12 -16.75 1.01 0.60
C PRO A 12 -15.64 0.60 -0.37
N TYR A 13 -14.84 1.57 -0.80
CA TYR A 13 -13.75 1.30 -1.73
C TYR A 13 -12.40 1.64 -1.10
N LYS A 14 -12.38 2.73 -0.33
CA LYS A 14 -11.15 3.15 0.33
C LYS A 14 -10.52 2.01 1.11
N ASP A 15 -11.33 1.01 1.44
CA ASP A 15 -10.84 -0.15 2.18
C ASP A 15 -9.75 -0.88 1.40
N HIS A 16 -10.04 -1.18 0.14
CA HIS A 16 -9.08 -1.88 -0.71
C HIS A 16 -7.71 -1.22 -0.65
N MET A 17 -7.71 0.11 -0.58
CA MET A 17 -6.46 0.87 -0.50
C MET A 17 -5.82 0.73 0.87
N SER A 18 -6.59 1.00 1.92
CA SER A 18 -6.10 0.92 3.28
C SER A 18 -5.34 -0.40 3.50
N VAL A 19 -6.04 -1.52 3.32
CA VAL A 19 -5.45 -2.83 3.50
C VAL A 19 -4.05 -2.89 2.87
N LEU A 20 -3.95 -2.46 1.62
CA LEU A 20 -2.68 -2.47 0.91
C LEU A 20 -1.62 -1.68 1.68
N LYS A 21 -2.06 -0.60 2.32
CA LYS A 21 -1.15 0.25 3.09
C LYS A 21 -0.72 -0.45 4.37
N ALA A 22 -1.49 -1.46 4.79
CA ALA A 22 -1.19 -2.21 6.00
C ALA A 22 -0.10 -3.25 5.74
N TYR A 23 -0.06 -3.75 4.51
CA TYR A 23 0.93 -4.75 4.15
C TYR A 23 2.32 -4.13 4.00
N TYR A 24 2.36 -2.96 3.37
CA TYR A 24 3.61 -2.25 3.16
C TYR A 24 4.20 -1.78 4.49
N ALA A 25 3.38 -1.12 5.29
CA ALA A 25 3.81 -0.62 6.59
C ALA A 25 4.68 -1.64 7.32
N MET A 26 4.16 -2.85 7.48
CA MET A 26 4.89 -3.92 8.15
C MET A 26 6.11 -4.33 7.33
N ASN A 27 5.90 -4.57 6.04
CA ASN A 27 6.99 -4.98 5.16
C ASN A 27 7.20 -3.94 4.05
N MET A 28 8.40 -3.36 4.01
CA MET A 28 8.72 -2.36 3.00
C MET A 28 8.54 -2.93 1.60
N GLU A 29 9.28 -3.98 1.29
CA GLU A 29 9.20 -4.61 -0.03
C GLU A 29 8.89 -6.10 0.11
N PRO A 30 7.62 -6.47 -0.14
CA PRO A 30 7.16 -7.85 -0.04
C PRO A 30 7.73 -8.72 -1.17
N ASN A 31 7.51 -10.03 -1.06
CA ASN A 31 8.00 -10.96 -2.07
C ASN A 31 6.84 -11.52 -2.90
N SER A 32 7.17 -12.36 -3.88
CA SER A 32 6.16 -12.96 -4.74
C SER A 32 5.06 -13.62 -3.91
N ASP A 33 5.47 -14.35 -2.88
CA ASP A 33 4.53 -15.04 -2.01
C ASP A 33 3.56 -14.04 -1.36
N GLU A 34 4.11 -13.06 -0.66
CA GLU A 34 3.30 -12.05 -0.01
C GLU A 34 2.44 -11.29 -1.01
N LEU A 35 3.09 -10.67 -1.99
CA LEU A 35 2.39 -9.91 -3.02
C LEU A 35 1.08 -10.59 -3.40
N LEU A 36 1.16 -11.87 -3.76
CA LEU A 36 -0.02 -12.64 -4.15
C LEU A 36 -1.12 -12.50 -3.10
N LYS A 37 -0.85 -12.95 -1.89
CA LYS A 37 -1.83 -12.86 -0.81
C LYS A 37 -2.39 -11.45 -0.70
N ILE A 38 -1.52 -10.46 -0.77
CA ILE A 38 -1.93 -9.06 -0.67
C ILE A 38 -3.04 -8.76 -1.68
N SER A 39 -2.85 -9.20 -2.92
CA SER A 39 -3.84 -8.97 -3.97
C SER A 39 -5.01 -9.94 -3.84
N ILE A 40 -4.78 -11.03 -3.10
CA ILE A 40 -5.82 -12.04 -2.90
C ILE A 40 -6.83 -11.59 -1.85
N ALA A 41 -6.34 -11.28 -0.66
CA ALA A 41 -7.20 -10.84 0.43
C ALA A 41 -8.17 -9.77 -0.04
N VAL A 42 -7.67 -8.83 -0.85
CA VAL A 42 -8.50 -7.75 -1.38
C VAL A 42 -9.31 -8.22 -2.58
N GLY A 43 -8.72 -9.11 -3.38
CA GLY A 43 -9.40 -9.62 -4.55
C GLY A 43 -8.79 -9.09 -5.84
N LEU A 44 -7.77 -8.25 -5.72
CA LEU A 44 -7.10 -7.68 -6.87
C LEU A 44 -6.07 -8.65 -7.45
N PRO A 45 -5.77 -8.50 -8.75
CA PRO A 45 -4.80 -9.35 -9.44
C PRO A 45 -3.38 -9.09 -8.98
N GLN A 46 -2.66 -10.16 -8.64
CA GLN A 46 -1.29 -10.05 -8.18
C GLN A 46 -0.48 -9.14 -9.10
N GLU A 47 -0.83 -9.13 -10.39
CA GLU A 47 -0.14 -8.29 -11.36
C GLU A 47 -0.29 -6.81 -11.02
N PHE A 48 -1.52 -6.40 -10.72
CA PHE A 48 -1.80 -5.01 -10.38
C PHE A 48 -1.09 -4.62 -9.09
N VAL A 49 -1.32 -5.38 -8.03
CA VAL A 49 -0.71 -5.12 -6.73
C VAL A 49 0.80 -4.92 -6.87
N LYS A 50 1.41 -5.70 -7.76
CA LYS A 50 2.84 -5.62 -8.00
C LYS A 50 3.26 -4.19 -8.34
N GLU A 51 2.75 -3.68 -9.47
CA GLU A 51 3.07 -2.33 -9.90
C GLU A 51 2.89 -1.33 -8.76
N TRP A 52 1.78 -1.46 -8.04
CA TRP A 52 1.49 -0.57 -6.92
C TRP A 52 2.68 -0.47 -5.97
N PHE A 53 3.22 -1.63 -5.60
CA PHE A 53 4.36 -1.68 -4.70
C PHE A 53 5.63 -1.18 -5.39
N GLU A 54 5.80 -1.59 -6.64
CA GLU A 54 6.97 -1.20 -7.42
C GLU A 54 7.14 0.32 -7.41
N GLN A 55 6.06 1.03 -7.72
CA GLN A 55 6.09 2.49 -7.75
C GLN A 55 6.80 3.04 -6.52
N ARG A 56 6.35 2.60 -5.34
CA ARG A 56 6.94 3.05 -4.08
C ARG A 56 8.46 3.06 -4.16
N LYS A 57 9.02 2.05 -4.83
CA LYS A 57 10.46 1.93 -4.97
C LYS A 57 11.01 3.06 -5.84
N VAL A 58 10.30 3.36 -6.93
CA VAL A 58 10.72 4.41 -7.85
C VAL A 58 11.00 5.70 -7.10
N TYR A 59 10.05 6.12 -6.26
CA TYR A 59 10.19 7.34 -5.49
C TYR A 59 11.26 7.19 -4.41
N GLN A 60 11.18 6.08 -3.67
CA GLN A 60 12.14 5.81 -2.60
C GLN A 60 13.57 5.85 -3.14
N TYR A 61 13.74 5.43 -4.38
CA TYR A 61 15.07 5.42 -5.00
C TYR A 61 15.35 6.74 -5.71
N SER A 62 14.30 7.33 -6.29
CA SER A 62 14.43 8.59 -7.01
C SER A 62 14.40 9.77 -6.04
N ASN A 63 14.88 10.93 -6.50
CA ASN A 63 14.91 12.13 -5.68
C ASN A 63 15.76 11.91 -4.44
N SER A 64 16.94 11.31 -4.64
CA SER A 64 17.85 11.04 -3.54
C SER A 64 19.02 12.02 -3.56
N ARG A 65 19.87 11.95 -2.54
CA ARG A 65 21.04 12.82 -2.44
C ARG A 65 22.23 12.23 -3.18
N SER A 66 22.51 10.96 -2.93
CA SER A 66 23.62 10.27 -3.57
C SER A 66 23.28 9.90 -5.00
N GLY A 67 22.29 9.03 -5.16
CA GLY A 67 21.87 8.60 -6.48
C GLY A 67 21.54 9.76 -7.39
N PRO A 68 21.33 9.47 -8.68
CA PRO A 68 21.00 10.49 -9.68
C PRO A 68 19.60 11.06 -9.48
N SER A 69 19.18 11.92 -10.41
CA SER A 69 17.87 12.55 -10.32
C SER A 69 17.10 12.38 -11.64
N SER A 70 15.96 11.70 -11.57
CA SER A 70 15.14 11.46 -12.75
C SER A 70 14.67 12.78 -13.36
N GLY A 71 14.24 12.72 -14.62
CA GLY A 71 13.77 13.92 -15.30
C GLY A 71 12.67 14.63 -14.54
N GLY A 1 4.27 7.58 16.75
CA GLY A 1 3.31 6.49 16.65
C GLY A 1 2.71 6.37 15.27
N SER A 2 1.60 5.64 15.17
CA SER A 2 0.93 5.43 13.90
C SER A 2 -0.35 6.27 13.82
N SER A 3 -0.72 6.66 12.60
CA SER A 3 -1.92 7.47 12.39
C SER A 3 -2.83 6.83 11.34
N GLY A 4 -3.95 6.29 11.80
CA GLY A 4 -4.89 5.66 10.89
C GLY A 4 -6.32 6.09 11.13
N SER A 5 -6.75 7.13 10.41
CA SER A 5 -8.11 7.65 10.56
C SER A 5 -9.12 6.51 10.61
N SER A 6 -9.06 5.64 9.61
CA SER A 6 -9.98 4.51 9.53
C SER A 6 -9.23 3.19 9.74
N GLY A 7 -9.44 2.60 10.91
CA GLY A 7 -8.79 1.34 11.23
C GLY A 7 -9.74 0.33 11.85
N SER A 8 -10.40 0.73 12.92
CA SER A 8 -11.34 -0.16 13.61
C SER A 8 -12.47 -0.59 12.68
N PRO A 9 -13.23 0.39 12.18
CA PRO A 9 -14.35 0.14 11.26
C PRO A 9 -13.87 -0.32 9.89
N ILE A 10 -14.82 -0.60 9.01
CA ILE A 10 -14.51 -1.05 7.66
C ILE A 10 -14.77 0.05 6.63
N ASN A 11 -13.97 0.06 5.57
CA ASN A 11 -14.11 1.05 4.51
C ASN A 11 -14.68 0.42 3.24
N PRO A 12 -15.58 1.15 2.57
CA PRO A 12 -16.21 0.69 1.33
C PRO A 12 -15.23 0.65 0.16
N TYR A 13 -14.53 1.76 -0.06
CA TYR A 13 -13.56 1.85 -1.14
C TYR A 13 -12.16 2.09 -0.60
N LYS A 14 -12.07 2.88 0.46
CA LYS A 14 -10.78 3.20 1.08
C LYS A 14 -10.10 1.93 1.59
N ASP A 15 -10.91 0.95 1.98
CA ASP A 15 -10.38 -0.31 2.49
C ASP A 15 -9.42 -0.94 1.49
N HIS A 16 -9.85 -1.03 0.23
CA HIS A 16 -9.03 -1.62 -0.82
C HIS A 16 -7.60 -1.11 -0.74
N MET A 17 -7.44 0.20 -0.56
CA MET A 17 -6.13 0.81 -0.46
C MET A 17 -5.51 0.55 0.91
N SER A 18 -6.21 0.98 1.96
CA SER A 18 -5.72 0.79 3.32
C SER A 18 -4.98 -0.54 3.45
N VAL A 19 -5.70 -1.63 3.26
CA VAL A 19 -5.11 -2.97 3.36
C VAL A 19 -3.73 -3.00 2.72
N LEU A 20 -3.67 -2.72 1.42
CA LEU A 20 -2.42 -2.72 0.69
C LEU A 20 -1.35 -1.94 1.44
N LYS A 21 -1.73 -0.78 1.98
CA LYS A 21 -0.81 0.06 2.72
C LYS A 21 -0.34 -0.64 3.99
N ALA A 22 -1.23 -1.40 4.61
CA ALA A 22 -0.91 -2.13 5.83
C ALA A 22 0.21 -3.14 5.58
N TYR A 23 0.14 -3.84 4.45
CA TYR A 23 1.13 -4.83 4.11
C TYR A 23 2.50 -4.20 3.92
N TYR A 24 2.53 -3.05 3.26
CA TYR A 24 3.78 -2.34 3.02
C TYR A 24 4.39 -1.86 4.33
N ALA A 25 3.59 -1.12 5.10
CA ALA A 25 4.06 -0.60 6.39
C ALA A 25 4.87 -1.63 7.14
N MET A 26 4.30 -2.82 7.31
CA MET A 26 4.97 -3.90 8.02
C MET A 26 6.11 -4.46 7.19
N ASN A 27 5.84 -4.73 5.91
CA ASN A 27 6.85 -5.27 5.02
C ASN A 27 7.10 -4.32 3.84
N MET A 28 8.25 -3.65 3.88
CA MET A 28 8.60 -2.71 2.82
C MET A 28 8.39 -3.33 1.45
N GLU A 29 9.09 -4.43 1.17
CA GLU A 29 8.96 -5.12 -0.11
C GLU A 29 8.57 -6.58 0.09
N PRO A 30 7.28 -6.88 -0.12
CA PRO A 30 6.75 -8.24 0.03
C PRO A 30 7.26 -9.18 -1.06
N ASN A 31 7.33 -10.46 -0.72
CA ASN A 31 7.81 -11.47 -1.66
C ASN A 31 6.64 -12.03 -2.49
N SER A 32 6.97 -12.93 -3.42
CA SER A 32 5.96 -13.53 -4.28
C SER A 32 4.77 -14.03 -3.45
N ASP A 33 5.08 -14.69 -2.35
CA ASP A 33 4.03 -15.23 -1.47
C ASP A 33 3.12 -14.12 -0.98
N GLU A 34 3.71 -13.11 -0.34
CA GLU A 34 2.95 -12.00 0.19
C GLU A 34 2.18 -11.29 -0.92
N LEU A 35 2.91 -10.82 -1.92
CA LEU A 35 2.31 -10.12 -3.05
C LEU A 35 1.00 -10.78 -3.46
N LEU A 36 1.04 -12.09 -3.67
CA LEU A 36 -0.14 -12.85 -4.06
C LEU A 36 -1.29 -12.62 -3.08
N LYS A 37 -1.08 -13.02 -1.83
CA LYS A 37 -2.09 -12.86 -0.79
C LYS A 37 -2.64 -11.44 -0.79
N ILE A 38 -1.74 -10.46 -0.74
CA ILE A 38 -2.12 -9.05 -0.73
C ILE A 38 -3.21 -8.78 -1.77
N SER A 39 -2.98 -9.23 -3.00
CA SER A 39 -3.94 -9.03 -4.08
C SER A 39 -5.13 -9.98 -3.92
N ILE A 40 -4.96 -11.01 -3.12
CA ILE A 40 -6.01 -11.99 -2.88
C ILE A 40 -7.04 -11.45 -1.88
N ALA A 41 -6.56 -11.10 -0.69
CA ALA A 41 -7.44 -10.58 0.35
C ALA A 41 -8.37 -9.51 -0.20
N VAL A 42 -7.85 -8.69 -1.11
CA VAL A 42 -8.66 -7.63 -1.72
C VAL A 42 -9.39 -8.13 -2.95
N GLY A 43 -8.79 -9.10 -3.64
CA GLY A 43 -9.42 -9.65 -4.83
C GLY A 43 -8.80 -9.11 -6.11
N LEU A 44 -7.87 -8.18 -5.97
CA LEU A 44 -7.20 -7.59 -7.12
C LEU A 44 -6.17 -8.55 -7.71
N PRO A 45 -5.85 -8.37 -9.00
CA PRO A 45 -4.87 -9.21 -9.70
C PRO A 45 -3.45 -8.97 -9.22
N GLN A 46 -2.81 -10.03 -8.73
CA GLN A 46 -1.44 -9.93 -8.23
C GLN A 46 -0.59 -9.06 -9.15
N GLU A 47 -0.79 -9.22 -10.46
CA GLU A 47 -0.04 -8.45 -11.44
C GLU A 47 -0.11 -6.95 -11.14
N PHE A 48 -1.31 -6.49 -10.80
CA PHE A 48 -1.52 -5.08 -10.49
C PHE A 48 -0.81 -4.70 -9.20
N VAL A 49 -1.13 -5.40 -8.12
CA VAL A 49 -0.52 -5.13 -6.82
C VAL A 49 0.99 -5.01 -6.94
N LYS A 50 1.58 -5.90 -7.73
CA LYS A 50 3.03 -5.89 -7.93
C LYS A 50 3.52 -4.49 -8.28
N GLU A 51 2.96 -3.92 -9.35
CA GLU A 51 3.35 -2.59 -9.79
C GLU A 51 3.14 -1.56 -8.68
N TRP A 52 1.95 -1.56 -8.10
CA TRP A 52 1.62 -0.63 -7.02
C TRP A 52 2.76 -0.55 -6.01
N PHE A 53 3.36 -1.70 -5.70
CA PHE A 53 4.46 -1.76 -4.74
C PHE A 53 5.73 -1.17 -5.35
N GLU A 54 5.98 -1.51 -6.61
CA GLU A 54 7.17 -1.02 -7.30
C GLU A 54 7.17 0.51 -7.36
N GLN A 55 6.03 1.08 -7.75
CA GLN A 55 5.89 2.52 -7.85
C GLN A 55 6.37 3.21 -6.57
N ARG A 56 5.92 2.70 -5.44
CA ARG A 56 6.30 3.26 -4.14
C ARG A 56 7.80 3.53 -4.08
N LYS A 57 8.57 2.62 -4.68
CA LYS A 57 10.02 2.75 -4.69
C LYS A 57 10.46 3.99 -5.47
N VAL A 58 9.74 4.28 -6.56
CA VAL A 58 10.05 5.44 -7.39
C VAL A 58 10.13 6.71 -6.56
N TYR A 59 9.29 6.79 -5.52
CA TYR A 59 9.27 7.95 -4.65
C TYR A 59 10.30 7.81 -3.52
N GLN A 60 10.30 6.65 -2.87
CA GLN A 60 11.22 6.38 -1.78
C GLN A 60 12.67 6.61 -2.22
N TYR A 61 12.91 6.44 -3.52
CA TYR A 61 14.25 6.62 -4.08
C TYR A 61 14.47 8.06 -4.52
N SER A 62 13.40 8.68 -5.03
CA SER A 62 13.47 10.06 -5.50
C SER A 62 13.41 11.03 -4.32
N ASN A 63 14.06 12.18 -4.48
CA ASN A 63 14.08 13.19 -3.44
C ASN A 63 12.72 13.87 -3.32
N SER A 64 12.27 14.48 -4.42
CA SER A 64 10.99 15.17 -4.44
C SER A 64 9.86 14.23 -4.03
N ARG A 65 9.03 14.67 -3.10
CA ARG A 65 7.91 13.87 -2.62
C ARG A 65 6.58 14.50 -3.02
N SER A 66 5.51 13.72 -2.96
CA SER A 66 4.18 14.21 -3.31
C SER A 66 3.84 15.46 -2.52
N GLY A 67 3.71 15.31 -1.20
CA GLY A 67 3.40 16.44 -0.36
C GLY A 67 2.16 16.19 0.49
N PRO A 68 2.34 15.57 1.66
CA PRO A 68 1.25 15.26 2.58
C PRO A 68 0.67 16.52 3.23
N SER A 69 1.19 17.68 2.84
CA SER A 69 0.73 18.95 3.39
C SER A 69 -0.78 19.07 3.26
N SER A 70 -1.37 19.94 4.08
CA SER A 70 -2.81 20.15 4.07
C SER A 70 -3.56 18.86 4.40
N GLY A 71 -3.05 18.14 5.40
CA GLY A 71 -3.68 16.90 5.80
C GLY A 71 -3.30 16.48 7.21
N GLY A 1 -4.12 11.67 22.86
CA GLY A 1 -3.77 11.80 21.45
C GLY A 1 -5.00 11.96 20.56
N SER A 2 -5.03 13.03 19.79
CA SER A 2 -6.15 13.29 18.90
C SER A 2 -6.40 12.10 17.98
N SER A 3 -5.32 11.57 17.42
CA SER A 3 -5.43 10.43 16.50
C SER A 3 -5.96 9.21 17.24
N GLY A 4 -5.24 8.79 18.28
CA GLY A 4 -5.66 7.63 19.05
C GLY A 4 -7.16 7.59 19.28
N SER A 5 -7.81 6.58 18.72
CA SER A 5 -9.25 6.44 18.88
C SER A 5 -9.66 4.97 18.81
N SER A 6 -10.24 4.47 19.91
CA SER A 6 -10.66 3.09 19.98
C SER A 6 -11.59 2.74 18.81
N GLY A 7 -11.73 1.44 18.54
CA GLY A 7 -12.58 1.00 17.45
C GLY A 7 -12.14 1.56 16.11
N SER A 8 -12.46 0.83 15.04
CA SER A 8 -12.09 1.26 13.70
C SER A 8 -13.32 1.62 12.88
N PRO A 9 -13.21 2.68 12.06
CA PRO A 9 -14.30 3.16 11.22
C PRO A 9 -14.62 2.19 10.08
N ILE A 10 -15.54 2.59 9.20
CA ILE A 10 -15.93 1.76 8.08
C ILE A 10 -15.32 2.27 6.78
N ASN A 11 -14.97 1.35 5.89
CA ASN A 11 -14.38 1.71 4.61
C ASN A 11 -15.00 0.89 3.47
N PRO A 12 -15.92 1.52 2.73
CA PRO A 12 -16.60 0.88 1.60
C PRO A 12 -15.67 0.62 0.42
N TYR A 13 -14.95 1.66 0.00
CA TYR A 13 -14.03 1.55 -1.12
C TYR A 13 -12.59 1.77 -0.66
N LYS A 14 -12.41 2.68 0.29
CA LYS A 14 -11.09 2.99 0.82
C LYS A 14 -10.42 1.73 1.37
N ASP A 15 -11.23 0.75 1.75
CA ASP A 15 -10.72 -0.50 2.28
C ASP A 15 -9.64 -1.09 1.37
N HIS A 16 -9.99 -1.26 0.09
CA HIS A 16 -9.06 -1.82 -0.88
C HIS A 16 -7.66 -1.24 -0.68
N MET A 17 -7.59 0.05 -0.43
CA MET A 17 -6.31 0.73 -0.22
C MET A 17 -5.79 0.47 1.20
N SER A 18 -6.59 0.86 2.19
CA SER A 18 -6.21 0.69 3.58
C SER A 18 -5.42 -0.61 3.77
N VAL A 19 -6.02 -1.72 3.37
CA VAL A 19 -5.36 -3.02 3.50
C VAL A 19 -3.97 -3.00 2.89
N LEU A 20 -3.90 -2.65 1.60
CA LEU A 20 -2.62 -2.59 0.90
C LEU A 20 -1.63 -1.70 1.65
N LYS A 21 -2.14 -0.66 2.29
CA LYS A 21 -1.32 0.28 3.04
C LYS A 21 -0.85 -0.36 4.35
N ALA A 22 -1.53 -1.41 4.78
CA ALA A 22 -1.18 -2.10 6.01
C ALA A 22 -0.06 -3.10 5.78
N TYR A 23 -0.06 -3.72 4.61
CA TYR A 23 0.96 -4.72 4.26
C TYR A 23 2.29 -4.03 3.95
N TYR A 24 2.22 -2.83 3.38
CA TYR A 24 3.42 -2.08 3.04
C TYR A 24 4.05 -1.47 4.28
N ALA A 25 3.23 -0.87 5.12
CA ALA A 25 3.71 -0.25 6.35
C ALA A 25 4.67 -1.17 7.10
N MET A 26 4.43 -2.47 7.00
CA MET A 26 5.27 -3.46 7.66
C MET A 26 6.48 -3.80 6.80
N ASN A 27 6.25 -4.00 5.51
CA ASN A 27 7.32 -4.34 4.58
C ASN A 27 7.32 -3.40 3.38
N MET A 28 8.49 -2.86 3.03
CA MET A 28 8.62 -1.96 1.91
C MET A 28 8.26 -2.66 0.60
N GLU A 29 9.02 -3.70 0.27
CA GLU A 29 8.78 -4.46 -0.96
C GLU A 29 8.62 -5.95 -0.65
N PRO A 30 7.37 -6.43 -0.67
CA PRO A 30 7.05 -7.84 -0.40
C PRO A 30 7.53 -8.75 -1.52
N ASN A 31 7.50 -10.05 -1.26
CA ASN A 31 7.92 -11.05 -2.25
C ASN A 31 6.72 -11.70 -2.92
N SER A 32 6.95 -12.33 -4.07
CA SER A 32 5.89 -12.99 -4.81
C SER A 32 4.87 -13.59 -3.85
N ASP A 33 5.35 -14.37 -2.89
CA ASP A 33 4.48 -15.01 -1.92
C ASP A 33 3.50 -14.00 -1.31
N GLU A 34 4.05 -12.96 -0.68
CA GLU A 34 3.24 -11.92 -0.06
C GLU A 34 2.42 -11.17 -1.10
N LEU A 35 3.10 -10.63 -2.10
CA LEU A 35 2.44 -9.89 -3.17
C LEU A 35 1.13 -10.56 -3.57
N LEU A 36 1.20 -11.87 -3.83
CA LEU A 36 0.02 -12.63 -4.23
C LEU A 36 -1.11 -12.45 -3.22
N LYS A 37 -0.88 -12.92 -2.00
CA LYS A 37 -1.88 -12.82 -0.93
C LYS A 37 -2.45 -11.41 -0.86
N ILE A 38 -1.56 -10.42 -0.76
CA ILE A 38 -1.98 -9.03 -0.69
C ILE A 38 -3.10 -8.73 -1.67
N SER A 39 -2.90 -9.12 -2.93
CA SER A 39 -3.91 -8.90 -3.96
C SER A 39 -5.08 -9.85 -3.78
N ILE A 40 -4.86 -10.94 -3.05
CA ILE A 40 -5.90 -11.92 -2.81
C ILE A 40 -6.88 -11.44 -1.75
N ALA A 41 -6.35 -11.12 -0.57
CA ALA A 41 -7.18 -10.64 0.54
C ALA A 41 -8.14 -9.56 0.07
N VAL A 42 -7.71 -8.77 -0.90
CA VAL A 42 -8.54 -7.69 -1.45
C VAL A 42 -9.30 -8.16 -2.68
N GLY A 43 -8.74 -9.14 -3.38
CA GLY A 43 -9.39 -9.67 -4.57
C GLY A 43 -8.74 -9.15 -5.84
N LEU A 44 -7.86 -8.16 -5.70
CA LEU A 44 -7.18 -7.58 -6.85
C LEU A 44 -6.14 -8.56 -7.42
N PRO A 45 -5.84 -8.41 -8.71
CA PRO A 45 -4.87 -9.26 -9.40
C PRO A 45 -3.44 -9.00 -8.94
N GLN A 46 -2.67 -10.08 -8.79
CA GLN A 46 -1.29 -9.97 -8.35
C GLN A 46 -0.49 -9.07 -9.28
N GLU A 47 -0.85 -9.09 -10.57
CA GLU A 47 -0.17 -8.27 -11.57
C GLU A 47 -0.32 -6.79 -11.25
N PHE A 48 -1.48 -6.42 -10.73
CA PHE A 48 -1.75 -5.03 -10.39
C PHE A 48 -1.00 -4.62 -9.12
N VAL A 49 -1.29 -5.32 -8.02
CA VAL A 49 -0.64 -5.03 -6.74
C VAL A 49 0.87 -4.88 -6.92
N LYS A 50 1.46 -5.78 -7.70
CA LYS A 50 2.90 -5.73 -7.95
C LYS A 50 3.35 -4.32 -8.30
N GLU A 51 2.86 -3.81 -9.42
CA GLU A 51 3.21 -2.47 -9.88
C GLU A 51 3.00 -1.45 -8.76
N TRP A 52 1.90 -1.60 -8.03
CA TRP A 52 1.59 -0.69 -6.94
C TRP A 52 2.74 -0.63 -5.93
N PHE A 53 3.33 -1.79 -5.64
CA PHE A 53 4.43 -1.87 -4.70
C PHE A 53 5.72 -1.37 -5.33
N GLU A 54 5.99 -1.81 -6.55
CA GLU A 54 7.20 -1.40 -7.27
C GLU A 54 7.29 0.12 -7.36
N GLN A 55 6.16 0.76 -7.63
CA GLN A 55 6.11 2.21 -7.75
C GLN A 55 6.65 2.87 -6.49
N ARG A 56 6.21 2.40 -5.34
CA ARG A 56 6.65 2.95 -4.06
C ARG A 56 8.17 3.02 -4.00
N LYS A 57 8.83 2.04 -4.60
CA LYS A 57 10.28 1.98 -4.62
C LYS A 57 10.87 3.13 -5.44
N VAL A 58 10.36 3.28 -6.67
CA VAL A 58 10.82 4.34 -7.55
C VAL A 58 10.94 5.68 -6.81
N TYR A 59 10.16 5.82 -5.75
CA TYR A 59 10.18 7.05 -4.95
C TYR A 59 11.05 6.87 -3.72
N GLN A 60 10.84 5.77 -3.00
CA GLN A 60 11.62 5.49 -1.80
C GLN A 60 13.11 5.45 -2.10
N TYR A 61 13.52 4.51 -2.95
CA TYR A 61 14.92 4.36 -3.31
C TYR A 61 15.34 5.45 -4.30
N SER A 62 14.41 5.83 -5.19
CA SER A 62 14.69 6.85 -6.18
C SER A 62 15.97 6.54 -6.95
N ASN A 63 16.16 5.26 -7.27
CA ASN A 63 17.34 4.83 -8.01
C ASN A 63 17.27 5.27 -9.47
N SER A 64 16.09 5.12 -10.07
CA SER A 64 15.90 5.51 -11.46
C SER A 64 14.48 6.06 -11.68
N ARG A 65 14.37 7.04 -12.56
CA ARG A 65 13.09 7.65 -12.87
C ARG A 65 12.85 7.72 -14.37
N SER A 66 11.58 7.82 -14.77
CA SER A 66 11.22 7.89 -16.18
C SER A 66 9.96 8.70 -16.37
N GLY A 67 9.82 9.32 -17.54
CA GLY A 67 8.65 10.12 -17.84
C GLY A 67 7.38 9.49 -17.30
N PRO A 68 6.43 10.34 -16.88
CA PRO A 68 5.14 9.88 -16.33
C PRO A 68 4.25 9.27 -17.41
N SER A 69 4.14 7.94 -17.37
CA SER A 69 3.31 7.23 -18.35
C SER A 69 1.88 7.07 -17.83
N SER A 70 0.96 7.85 -18.41
CA SER A 70 -0.44 7.79 -18.01
C SER A 70 -0.92 6.36 -17.89
N GLY A 71 -0.78 5.60 -18.98
CA GLY A 71 -1.20 4.21 -18.98
C GLY A 71 -0.51 3.39 -20.03
N GLY A 1 -9.59 -3.89 18.24
CA GLY A 1 -8.29 -3.44 18.69
C GLY A 1 -8.27 -3.06 20.15
N SER A 2 -7.50 -2.02 20.49
CA SER A 2 -7.39 -1.58 21.87
C SER A 2 -8.72 -1.02 22.36
N SER A 3 -9.22 0.00 21.67
CA SER A 3 -10.49 0.62 22.04
C SER A 3 -11.32 0.96 20.80
N GLY A 4 -12.45 0.29 20.65
CA GLY A 4 -13.31 0.52 19.51
C GLY A 4 -14.26 -0.63 19.25
N SER A 5 -15.13 -0.91 20.21
CA SER A 5 -16.09 -2.00 20.07
C SER A 5 -17.03 -1.75 18.89
N SER A 6 -17.78 -0.67 18.97
CA SER A 6 -18.73 -0.32 17.91
C SER A 6 -18.65 1.17 17.57
N GLY A 7 -18.65 1.47 16.27
CA GLY A 7 -18.59 2.85 15.84
C GLY A 7 -17.45 3.10 14.87
N SER A 8 -17.52 2.46 13.70
CA SER A 8 -16.49 2.61 12.69
C SER A 8 -17.11 2.88 11.31
N PRO A 9 -16.47 3.77 10.55
CA PRO A 9 -16.93 4.14 9.20
C PRO A 9 -16.76 3.00 8.20
N ILE A 10 -17.18 3.25 6.97
CA ILE A 10 -17.07 2.24 5.91
C ILE A 10 -16.33 2.80 4.70
N ASN A 11 -15.45 1.98 4.13
CA ASN A 11 -14.67 2.38 2.96
C ASN A 11 -14.88 1.40 1.80
N PRO A 12 -15.62 1.85 0.78
CA PRO A 12 -15.90 1.03 -0.41
C PRO A 12 -14.66 0.81 -1.27
N TYR A 13 -13.92 1.89 -1.53
CA TYR A 13 -12.71 1.80 -2.34
C TYR A 13 -11.48 2.17 -1.52
N LYS A 14 -11.67 3.06 -0.54
CA LYS A 14 -10.58 3.49 0.31
C LYS A 14 -9.97 2.31 1.06
N ASP A 15 -10.81 1.32 1.39
CA ASP A 15 -10.35 0.14 2.10
C ASP A 15 -9.32 -0.64 1.28
N HIS A 16 -9.69 -0.94 0.03
CA HIS A 16 -8.81 -1.69 -0.87
C HIS A 16 -7.41 -1.09 -0.84
N MET A 17 -7.32 0.23 -0.73
CA MET A 17 -6.03 0.91 -0.71
C MET A 17 -5.36 0.75 0.65
N SER A 18 -6.02 1.23 1.70
CA SER A 18 -5.49 1.13 3.05
C SER A 18 -4.85 -0.23 3.30
N VAL A 19 -5.65 -1.28 3.19
CA VAL A 19 -5.16 -2.64 3.39
C VAL A 19 -3.76 -2.81 2.80
N LEU A 20 -3.60 -2.38 1.55
CA LEU A 20 -2.32 -2.49 0.86
C LEU A 20 -1.22 -1.78 1.64
N LYS A 21 -1.56 -0.64 2.24
CA LYS A 21 -0.61 0.14 3.02
C LYS A 21 -0.20 -0.62 4.28
N ALA A 22 -1.07 -1.52 4.74
CA ALA A 22 -0.80 -2.30 5.93
C ALA A 22 0.23 -3.39 5.66
N TYR A 23 0.15 -4.00 4.48
CA TYR A 23 1.08 -5.05 4.08
C TYR A 23 2.48 -4.49 3.87
N TYR A 24 2.55 -3.28 3.32
CA TYR A 24 3.82 -2.63 3.06
C TYR A 24 4.42 -2.07 4.34
N ALA A 25 3.63 -1.29 5.07
CA ALA A 25 4.08 -0.69 6.31
C ALA A 25 4.92 -1.67 7.12
N MET A 26 4.45 -2.90 7.24
CA MET A 26 5.15 -3.93 7.98
C MET A 26 6.39 -4.40 7.22
N ASN A 27 6.21 -4.69 5.94
CA ASN A 27 7.31 -5.16 5.09
C ASN A 27 7.49 -4.25 3.89
N MET A 28 8.70 -3.74 3.71
CA MET A 28 9.01 -2.85 2.59
C MET A 28 8.88 -3.59 1.26
N GLU A 29 9.60 -4.70 1.13
CA GLU A 29 9.56 -5.50 -0.09
C GLU A 29 9.07 -6.91 0.19
N PRO A 30 7.80 -7.18 -0.13
CA PRO A 30 7.18 -8.49 0.09
C PRO A 30 7.74 -9.55 -0.85
N ASN A 31 7.33 -10.79 -0.64
CA ASN A 31 7.79 -11.91 -1.47
C ASN A 31 6.65 -12.45 -2.33
N SER A 32 7.01 -13.13 -3.41
CA SER A 32 6.02 -13.69 -4.32
C SER A 32 4.84 -14.27 -3.54
N ASP A 33 5.13 -14.88 -2.40
CA ASP A 33 4.09 -15.47 -1.57
C ASP A 33 3.17 -14.39 -1.00
N GLU A 34 3.76 -13.35 -0.43
CA GLU A 34 3.00 -12.25 0.14
C GLU A 34 2.23 -11.49 -0.94
N LEU A 35 2.96 -11.00 -1.94
CA LEU A 35 2.35 -10.26 -3.04
C LEU A 35 1.00 -10.86 -3.41
N LEU A 36 0.98 -12.17 -3.65
CA LEU A 36 -0.24 -12.86 -4.02
C LEU A 36 -1.35 -12.59 -3.01
N LYS A 37 -1.15 -13.07 -1.78
CA LYS A 37 -2.13 -12.88 -0.72
C LYS A 37 -2.66 -11.45 -0.71
N ILE A 38 -1.74 -10.49 -0.80
CA ILE A 38 -2.10 -9.08 -0.80
C ILE A 38 -3.18 -8.79 -1.84
N SER A 39 -2.99 -9.31 -3.04
CA SER A 39 -3.95 -9.12 -4.13
C SER A 39 -5.15 -10.05 -3.97
N ILE A 40 -5.00 -11.05 -3.11
CA ILE A 40 -6.07 -12.00 -2.86
C ILE A 40 -7.08 -11.46 -1.85
N ALA A 41 -6.59 -11.12 -0.66
CA ALA A 41 -7.44 -10.59 0.39
C ALA A 41 -8.35 -9.49 -0.15
N VAL A 42 -7.78 -8.58 -0.94
CA VAL A 42 -8.55 -7.49 -1.53
C VAL A 42 -9.31 -7.95 -2.77
N GLY A 43 -8.83 -9.02 -3.39
CA GLY A 43 -9.48 -9.53 -4.58
C GLY A 43 -8.95 -8.91 -5.85
N LEU A 44 -7.75 -8.33 -5.78
CA LEU A 44 -7.13 -7.70 -6.94
C LEU A 44 -6.13 -8.64 -7.60
N PRO A 45 -5.85 -8.38 -8.89
CA PRO A 45 -4.91 -9.19 -9.67
C PRO A 45 -3.46 -9.00 -9.20
N GLN A 46 -2.85 -10.09 -8.73
CA GLN A 46 -1.48 -10.04 -8.26
C GLN A 46 -0.61 -9.19 -9.18
N GLU A 47 -0.88 -9.28 -10.49
CA GLU A 47 -0.12 -8.53 -11.48
C GLU A 47 -0.16 -7.04 -11.16
N PHE A 48 -1.34 -6.53 -10.80
CA PHE A 48 -1.51 -5.12 -10.48
C PHE A 48 -0.75 -4.76 -9.21
N VAL A 49 -1.12 -5.39 -8.10
CA VAL A 49 -0.47 -5.13 -6.83
C VAL A 49 1.03 -4.99 -7.00
N LYS A 50 1.64 -5.93 -7.71
CA LYS A 50 3.09 -5.92 -7.94
C LYS A 50 3.55 -4.52 -8.35
N GLU A 51 3.02 -4.03 -9.47
CA GLU A 51 3.38 -2.71 -9.97
C GLU A 51 3.20 -1.65 -8.88
N TRP A 52 2.08 -1.73 -8.17
CA TRP A 52 1.79 -0.78 -7.11
C TRP A 52 2.95 -0.68 -6.12
N PHE A 53 3.33 -1.82 -5.57
CA PHE A 53 4.44 -1.87 -4.60
C PHE A 53 5.70 -1.23 -5.20
N GLU A 54 5.96 -1.52 -6.47
CA GLU A 54 7.13 -0.98 -7.15
C GLU A 54 7.06 0.54 -7.21
N GLN A 55 5.99 1.07 -7.79
CA GLN A 55 5.82 2.50 -7.91
C GLN A 55 6.15 3.20 -6.60
N ARG A 56 5.60 2.68 -5.50
CA ARG A 56 5.84 3.27 -4.18
C ARG A 56 7.32 3.62 -4.00
N LYS A 57 8.19 2.83 -4.62
CA LYS A 57 9.62 3.07 -4.53
C LYS A 57 10.00 4.38 -5.22
N VAL A 58 9.35 4.67 -6.33
CA VAL A 58 9.62 5.90 -7.07
C VAL A 58 9.59 7.12 -6.16
N TYR A 59 8.60 7.16 -5.27
CA TYR A 59 8.46 8.27 -4.33
C TYR A 59 9.50 8.19 -3.22
N GLN A 60 9.80 6.96 -2.79
CA GLN A 60 10.77 6.74 -1.74
C GLN A 60 12.14 7.31 -2.12
N TYR A 61 12.47 7.23 -3.40
CA TYR A 61 13.74 7.73 -3.90
C TYR A 61 13.62 9.17 -4.36
N SER A 62 12.45 9.51 -4.92
CA SER A 62 12.21 10.86 -5.40
C SER A 62 11.74 11.77 -4.26
N ASN A 63 11.96 13.08 -4.42
CA ASN A 63 11.57 14.04 -3.40
C ASN A 63 10.04 14.17 -3.33
N SER A 64 9.51 14.08 -2.12
CA SER A 64 8.07 14.18 -1.91
C SER A 64 7.58 15.60 -2.17
N ARG A 65 8.20 16.56 -1.48
CA ARG A 65 7.83 17.96 -1.62
C ARG A 65 9.07 18.85 -1.74
N SER A 66 8.86 20.10 -2.14
CA SER A 66 9.97 21.04 -2.29
C SER A 66 10.09 21.94 -1.07
N GLY A 67 11.12 22.78 -1.06
CA GLY A 67 11.34 23.68 0.06
C GLY A 67 10.97 25.10 -0.27
N PRO A 68 10.98 25.97 0.76
CA PRO A 68 10.65 27.39 0.59
C PRO A 68 11.71 28.15 -0.19
N SER A 69 12.82 27.48 -0.48
CA SER A 69 13.92 28.09 -1.22
C SER A 69 14.48 27.12 -2.26
N SER A 70 15.45 27.60 -3.03
CA SER A 70 16.06 26.78 -4.07
C SER A 70 17.07 25.80 -3.47
N GLY A 71 17.46 24.80 -4.25
CA GLY A 71 18.40 23.82 -3.78
C GLY A 71 18.03 22.41 -4.21
N GLY A 1 -4.83 23.93 22.86
CA GLY A 1 -5.70 22.81 22.53
C GLY A 1 -5.24 22.06 21.29
N SER A 2 -6.09 22.04 20.27
CA SER A 2 -5.77 21.35 19.02
C SER A 2 -5.56 19.86 19.26
N SER A 3 -6.45 19.28 20.07
CA SER A 3 -6.36 17.86 20.39
C SER A 3 -7.59 17.11 19.87
N GLY A 4 -7.45 15.80 19.70
CA GLY A 4 -8.55 14.99 19.20
C GLY A 4 -8.26 13.51 19.27
N SER A 5 -9.27 12.69 19.04
CA SER A 5 -9.13 11.24 19.09
C SER A 5 -9.93 10.58 17.98
N SER A 6 -9.58 9.34 17.67
CA SER A 6 -10.26 8.59 16.62
C SER A 6 -10.68 7.21 17.12
N GLY A 7 -11.47 6.51 16.31
CA GLY A 7 -11.94 5.19 16.69
C GLY A 7 -11.59 4.13 15.66
N SER A 8 -12.52 3.86 14.75
CA SER A 8 -12.30 2.86 13.71
C SER A 8 -12.35 3.50 12.33
N PRO A 9 -11.26 3.34 11.56
CA PRO A 9 -11.15 3.89 10.21
C PRO A 9 -12.07 3.18 9.22
N ILE A 10 -13.05 3.92 8.70
CA ILE A 10 -13.99 3.35 7.74
C ILE A 10 -13.94 4.11 6.41
N ASN A 11 -13.99 3.36 5.31
CA ASN A 11 -13.95 3.96 3.98
C ASN A 11 -14.71 3.10 2.97
N PRO A 12 -15.36 3.76 2.01
CA PRO A 12 -16.14 3.07 0.97
C PRO A 12 -15.25 2.33 -0.02
N TYR A 13 -14.26 3.02 -0.57
CA TYR A 13 -13.34 2.43 -1.53
C TYR A 13 -11.91 2.46 -1.01
N LYS A 14 -11.57 3.56 -0.33
CA LYS A 14 -10.23 3.72 0.23
C LYS A 14 -9.75 2.41 0.87
N ASP A 15 -10.68 1.64 1.40
CA ASP A 15 -10.35 0.38 2.05
C ASP A 15 -9.38 -0.43 1.20
N HIS A 16 -9.78 -0.70 -0.04
CA HIS A 16 -8.94 -1.46 -0.96
C HIS A 16 -7.48 -1.01 -0.88
N MET A 17 -7.28 0.30 -0.77
CA MET A 17 -5.95 0.87 -0.68
C MET A 17 -5.37 0.69 0.72
N SER A 18 -6.08 1.24 1.71
CA SER A 18 -5.64 1.15 3.10
C SER A 18 -5.00 -0.21 3.38
N VAL A 19 -5.77 -1.27 3.18
CA VAL A 19 -5.27 -2.63 3.41
C VAL A 19 -3.88 -2.81 2.83
N LEU A 20 -3.69 -2.36 1.59
CA LEU A 20 -2.41 -2.47 0.91
C LEU A 20 -1.31 -1.76 1.71
N LYS A 21 -1.67 -0.63 2.32
CA LYS A 21 -0.73 0.14 3.11
C LYS A 21 -0.31 -0.62 4.37
N ALA A 22 -1.19 -1.52 4.81
CA ALA A 22 -0.92 -2.32 6.01
C ALA A 22 0.14 -3.38 5.73
N TYR A 23 0.15 -3.90 4.51
CA TYR A 23 1.11 -4.92 4.12
C TYR A 23 2.50 -4.33 3.96
N TYR A 24 2.57 -3.13 3.39
CA TYR A 24 3.84 -2.46 3.18
C TYR A 24 4.44 -1.97 4.51
N ALA A 25 3.63 -1.22 5.26
CA ALA A 25 4.07 -0.70 6.55
C ALA A 25 4.83 -1.76 7.34
N MET A 26 4.40 -3.01 7.21
CA MET A 26 5.03 -4.12 7.91
C MET A 26 6.24 -4.64 7.13
N ASN A 27 6.13 -4.63 5.81
CA ASN A 27 7.21 -5.10 4.94
C ASN A 27 7.32 -4.24 3.69
N MET A 28 8.39 -3.46 3.61
CA MET A 28 8.62 -2.59 2.45
C MET A 28 8.44 -3.36 1.16
N GLU A 29 9.31 -4.34 0.92
CA GLU A 29 9.25 -5.15 -0.29
C GLU A 29 8.93 -6.60 0.04
N PRO A 30 7.66 -7.00 -0.17
CA PRO A 30 7.20 -8.36 0.11
C PRO A 30 7.78 -9.38 -0.87
N ASN A 31 7.33 -10.63 -0.75
CA ASN A 31 7.81 -11.69 -1.64
C ASN A 31 6.66 -12.30 -2.42
N SER A 32 6.98 -12.88 -3.56
CA SER A 32 5.97 -13.51 -4.41
C SER A 32 4.84 -14.11 -3.57
N ASP A 33 5.22 -14.90 -2.57
CA ASP A 33 4.25 -15.54 -1.70
C ASP A 33 3.30 -14.50 -1.10
N GLU A 34 3.87 -13.45 -0.50
CA GLU A 34 3.08 -12.40 0.11
C GLU A 34 2.32 -11.61 -0.95
N LEU A 35 3.04 -11.10 -1.93
CA LEU A 35 2.43 -10.33 -3.01
C LEU A 35 1.09 -10.92 -3.41
N LEU A 36 1.07 -12.22 -3.70
CA LEU A 36 -0.14 -12.90 -4.09
C LEU A 36 -1.27 -12.65 -3.09
N LYS A 37 -1.10 -13.15 -1.87
CA LYS A 37 -2.09 -12.97 -0.82
C LYS A 37 -2.60 -11.54 -0.79
N ILE A 38 -1.68 -10.58 -0.70
CA ILE A 38 -2.03 -9.17 -0.66
C ILE A 38 -3.15 -8.86 -1.67
N SER A 39 -2.93 -9.26 -2.92
CA SER A 39 -3.91 -9.03 -3.97
C SER A 39 -5.12 -9.94 -3.80
N ILE A 40 -4.92 -11.05 -3.10
CA ILE A 40 -6.00 -12.00 -2.86
C ILE A 40 -7.00 -11.46 -1.85
N ALA A 41 -6.51 -11.10 -0.68
CA ALA A 41 -7.36 -10.56 0.38
C ALA A 41 -8.31 -9.50 -0.18
N VAL A 42 -7.79 -8.65 -1.05
CA VAL A 42 -8.60 -7.59 -1.64
C VAL A 42 -9.34 -8.09 -2.87
N GLY A 43 -8.71 -9.02 -3.60
CA GLY A 43 -9.33 -9.57 -4.79
C GLY A 43 -8.66 -9.10 -6.06
N LEU A 44 -7.83 -8.05 -5.94
CA LEU A 44 -7.13 -7.50 -7.09
C LEU A 44 -6.12 -8.50 -7.64
N PRO A 45 -5.81 -8.38 -8.94
CA PRO A 45 -4.86 -9.26 -9.62
C PRO A 45 -3.43 -9.03 -9.16
N GLN A 46 -2.73 -10.13 -8.85
CA GLN A 46 -1.35 -10.03 -8.39
C GLN A 46 -0.53 -9.12 -9.30
N GLU A 47 -0.75 -9.23 -10.60
CA GLU A 47 -0.04 -8.42 -11.58
C GLU A 47 -0.14 -6.94 -11.23
N PHE A 48 -1.31 -6.53 -10.76
CA PHE A 48 -1.55 -5.13 -10.39
C PHE A 48 -0.81 -4.79 -9.11
N VAL A 49 -1.14 -5.48 -8.02
CA VAL A 49 -0.50 -5.24 -6.74
C VAL A 49 1.01 -5.09 -6.89
N LYS A 50 1.61 -6.00 -7.65
CA LYS A 50 3.05 -5.97 -7.88
C LYS A 50 3.52 -4.56 -8.24
N GLU A 51 2.97 -4.03 -9.32
CA GLU A 51 3.34 -2.69 -9.77
C GLU A 51 3.07 -1.66 -8.67
N TRP A 52 1.88 -1.73 -8.08
CA TRP A 52 1.51 -0.80 -7.03
C TRP A 52 2.61 -0.69 -5.98
N PHE A 53 3.24 -1.81 -5.67
CA PHE A 53 4.31 -1.84 -4.68
C PHE A 53 5.58 -1.22 -5.24
N GLU A 54 5.89 -1.54 -6.50
CA GLU A 54 7.08 -1.02 -7.16
C GLU A 54 7.03 0.50 -7.23
N GLN A 55 5.98 1.03 -7.84
CA GLN A 55 5.82 2.48 -7.98
C GLN A 55 6.20 3.19 -6.69
N ARG A 56 5.72 2.68 -5.56
CA ARG A 56 6.01 3.27 -4.27
C ARG A 56 7.49 3.66 -4.16
N LYS A 57 8.35 2.80 -4.67
CA LYS A 57 9.79 3.05 -4.65
C LYS A 57 10.13 4.34 -5.37
N VAL A 58 9.50 4.55 -6.53
CA VAL A 58 9.74 5.75 -7.31
C VAL A 58 9.71 7.00 -6.45
N TYR A 59 8.67 7.10 -5.61
CA TYR A 59 8.52 8.25 -4.73
C TYR A 59 9.54 8.20 -3.59
N GLN A 60 9.77 7.01 -3.05
CA GLN A 60 10.72 6.83 -1.97
C GLN A 60 12.09 7.38 -2.34
N TYR A 61 12.48 7.17 -3.60
CA TYR A 61 13.76 7.64 -4.09
C TYR A 61 13.64 9.03 -4.70
N SER A 62 12.51 9.29 -5.35
CA SER A 62 12.26 10.58 -5.99
C SER A 62 11.78 11.60 -4.96
N ASN A 63 12.43 12.76 -4.94
CA ASN A 63 12.07 13.82 -4.01
C ASN A 63 10.64 14.29 -4.24
N SER A 64 9.89 14.43 -3.15
CA SER A 64 8.50 14.86 -3.24
C SER A 64 8.12 15.72 -2.03
N ARG A 65 7.41 16.82 -2.30
CA ARG A 65 6.98 17.73 -1.24
C ARG A 65 6.12 17.01 -0.22
N SER A 66 6.46 17.16 1.07
CA SER A 66 5.72 16.52 2.14
C SER A 66 4.71 17.48 2.75
N GLY A 67 5.20 18.61 3.25
CA GLY A 67 4.33 19.60 3.86
C GLY A 67 4.45 19.62 5.37
N PRO A 68 3.40 20.14 6.04
CA PRO A 68 3.37 20.24 7.50
C PRO A 68 3.25 18.87 8.16
N SER A 69 3.39 18.84 9.49
CA SER A 69 3.30 17.60 10.25
C SER A 69 2.01 16.86 9.92
N SER A 70 2.14 15.57 9.61
CA SER A 70 0.98 14.75 9.27
C SER A 70 -0.11 14.90 10.32
N GLY A 71 0.26 14.72 11.59
CA GLY A 71 -0.70 14.83 12.68
C GLY A 71 -0.09 15.43 13.92
N GLY A 1 -1.02 17.11 11.54
CA GLY A 1 -2.04 17.33 12.55
C GLY A 1 -2.22 16.12 13.45
N SER A 2 -2.48 14.98 12.84
CA SER A 2 -2.69 13.74 13.60
C SER A 2 -1.92 12.58 12.98
N SER A 3 -1.05 11.96 13.76
CA SER A 3 -0.25 10.84 13.29
C SER A 3 -0.88 9.51 13.70
N GLY A 4 -0.87 8.55 12.77
CA GLY A 4 -1.44 7.24 13.05
C GLY A 4 -2.53 6.86 12.07
N SER A 5 -2.60 5.58 11.73
CA SER A 5 -3.60 5.10 10.79
C SER A 5 -4.73 4.37 11.52
N SER A 6 -5.96 4.60 11.08
CA SER A 6 -7.13 3.97 11.69
C SER A 6 -8.11 3.49 10.62
N GLY A 7 -8.98 2.56 11.01
CA GLY A 7 -9.95 2.03 10.09
C GLY A 7 -11.21 1.53 10.78
N SER A 8 -11.69 2.30 11.74
CA SER A 8 -12.89 1.93 12.49
C SER A 8 -14.06 1.67 11.55
N PRO A 9 -14.45 2.71 10.78
CA PRO A 9 -15.55 2.61 9.83
C PRO A 9 -15.22 1.73 8.63
N ILE A 10 -16.18 1.56 7.72
CA ILE A 10 -15.99 0.75 6.54
C ILE A 10 -16.04 1.59 5.27
N ASN A 11 -15.16 1.31 4.33
CA ASN A 11 -15.11 2.04 3.07
C ASN A 11 -15.12 1.08 1.88
N PRO A 12 -15.86 1.45 0.83
CA PRO A 12 -15.97 0.64 -0.38
C PRO A 12 -14.67 0.61 -1.18
N TYR A 13 -14.13 1.79 -1.45
CA TYR A 13 -12.88 1.90 -2.22
C TYR A 13 -11.68 2.07 -1.28
N LYS A 14 -11.77 3.05 -0.39
CA LYS A 14 -10.70 3.32 0.56
C LYS A 14 -10.14 2.01 1.13
N ASP A 15 -11.02 1.19 1.68
CA ASP A 15 -10.62 -0.09 2.25
C ASP A 15 -9.61 -0.80 1.34
N HIS A 16 -10.01 -1.05 0.10
CA HIS A 16 -9.14 -1.71 -0.85
C HIS A 16 -7.70 -1.18 -0.75
N MET A 17 -7.57 0.13 -0.62
CA MET A 17 -6.26 0.76 -0.50
C MET A 17 -5.68 0.55 0.89
N SER A 18 -6.42 0.96 1.90
CA SER A 18 -5.98 0.82 3.29
C SER A 18 -5.23 -0.49 3.49
N VAL A 19 -5.93 -1.60 3.24
CA VAL A 19 -5.34 -2.92 3.40
C VAL A 19 -3.95 -2.98 2.78
N LEU A 20 -3.87 -2.71 1.48
CA LEU A 20 -2.60 -2.74 0.77
C LEU A 20 -1.55 -1.94 1.53
N LYS A 21 -1.93 -0.78 2.04
CA LYS A 21 -1.02 0.08 2.79
C LYS A 21 -0.55 -0.62 4.07
N ALA A 22 -1.44 -1.39 4.67
CA ALA A 22 -1.11 -2.11 5.90
C ALA A 22 0.01 -3.12 5.66
N TYR A 23 -0.06 -3.82 4.54
CA TYR A 23 0.96 -4.81 4.20
C TYR A 23 2.31 -4.15 3.97
N TYR A 24 2.30 -2.98 3.33
CA TYR A 24 3.53 -2.25 3.05
C TYR A 24 4.15 -1.73 4.34
N ALA A 25 3.33 -1.08 5.16
CA ALA A 25 3.80 -0.52 6.43
C ALA A 25 4.70 -1.51 7.16
N MET A 26 4.20 -2.73 7.34
CA MET A 26 4.96 -3.77 8.02
C MET A 26 6.17 -4.20 7.20
N ASN A 27 5.93 -4.44 5.91
CA ASN A 27 7.00 -4.87 5.00
C ASN A 27 7.16 -3.89 3.85
N MET A 28 8.33 -3.26 3.77
CA MET A 28 8.61 -2.29 2.71
C MET A 28 8.38 -2.91 1.34
N GLU A 29 9.17 -3.93 1.02
CA GLU A 29 9.06 -4.60 -0.26
C GLU A 29 8.71 -6.08 -0.08
N PRO A 30 7.42 -6.42 -0.29
CA PRO A 30 6.93 -7.79 -0.15
C PRO A 30 7.46 -8.71 -1.25
N ASN A 31 7.51 -10.00 -0.96
CA ASN A 31 8.00 -10.99 -1.92
C ASN A 31 6.83 -11.66 -2.64
N SER A 32 7.12 -12.30 -3.77
CA SER A 32 6.11 -12.98 -4.55
C SER A 32 5.04 -13.59 -3.64
N ASP A 33 5.49 -14.35 -2.65
CA ASP A 33 4.58 -15.00 -1.71
C ASP A 33 3.58 -13.99 -1.14
N GLU A 34 4.10 -12.94 -0.51
CA GLU A 34 3.24 -11.91 0.07
C GLU A 34 2.43 -11.20 -1.01
N LEU A 35 3.12 -10.67 -2.01
CA LEU A 35 2.47 -9.97 -3.11
C LEU A 35 1.16 -10.65 -3.48
N LEU A 36 1.21 -11.96 -3.70
CA LEU A 36 0.03 -12.73 -4.07
C LEU A 36 -1.09 -12.54 -3.04
N LYS A 37 -0.85 -13.00 -1.83
CA LYS A 37 -1.83 -12.88 -0.76
C LYS A 37 -2.41 -11.47 -0.70
N ILE A 38 -1.54 -10.48 -0.79
CA ILE A 38 -1.96 -9.08 -0.77
C ILE A 38 -3.08 -8.83 -1.77
N SER A 39 -2.90 -9.30 -2.99
CA SER A 39 -3.90 -9.13 -4.04
C SER A 39 -5.05 -10.12 -3.86
N ILE A 40 -4.83 -11.14 -3.05
CA ILE A 40 -5.85 -12.14 -2.79
C ILE A 40 -6.86 -11.66 -1.76
N ALA A 41 -6.35 -11.28 -0.58
CA ALA A 41 -7.21 -10.79 0.50
C ALA A 41 -8.21 -9.76 -0.03
N VAL A 42 -7.75 -8.90 -0.92
CA VAL A 42 -8.60 -7.86 -1.51
C VAL A 42 -9.36 -8.39 -2.71
N GLY A 43 -8.75 -9.36 -3.41
CA GLY A 43 -9.39 -9.93 -4.58
C GLY A 43 -8.84 -9.37 -5.88
N LEU A 44 -7.90 -8.44 -5.76
CA LEU A 44 -7.30 -7.81 -6.92
C LEU A 44 -6.23 -8.73 -7.53
N PRO A 45 -5.96 -8.52 -8.84
CA PRO A 45 -4.96 -9.32 -9.57
C PRO A 45 -3.54 -9.01 -9.12
N GLN A 46 -2.84 -10.03 -8.64
CA GLN A 46 -1.47 -9.88 -8.17
C GLN A 46 -0.68 -8.98 -9.12
N GLU A 47 -0.94 -9.11 -10.42
CA GLU A 47 -0.26 -8.31 -11.42
C GLU A 47 -0.38 -6.82 -11.12
N PHE A 48 -1.59 -6.40 -10.74
CA PHE A 48 -1.85 -5.01 -10.42
C PHE A 48 -1.10 -4.59 -9.16
N VAL A 49 -1.37 -5.28 -8.06
CA VAL A 49 -0.72 -4.99 -6.79
C VAL A 49 0.78 -4.82 -6.97
N LYS A 50 1.39 -5.72 -7.74
CA LYS A 50 2.83 -5.66 -7.98
C LYS A 50 3.27 -4.25 -8.33
N GLU A 51 2.70 -3.69 -9.40
CA GLU A 51 3.04 -2.34 -9.82
C GLU A 51 2.84 -1.34 -8.69
N TRP A 52 1.68 -1.42 -8.04
CA TRP A 52 1.36 -0.52 -6.93
C TRP A 52 2.53 -0.43 -5.96
N PHE A 53 3.14 -1.57 -5.66
CA PHE A 53 4.27 -1.62 -4.74
C PHE A 53 5.53 -1.07 -5.39
N GLU A 54 5.74 -1.44 -6.65
CA GLU A 54 6.92 -0.98 -7.38
C GLU A 54 7.04 0.53 -7.32
N GLN A 55 5.96 1.23 -7.68
CA GLN A 55 5.95 2.69 -7.66
C GLN A 55 6.68 3.23 -6.44
N ARG A 56 6.31 2.72 -5.26
CA ARG A 56 6.94 3.14 -4.01
C ARG A 56 8.45 3.05 -4.10
N LYS A 57 8.94 1.95 -4.67
CA LYS A 57 10.38 1.73 -4.81
C LYS A 57 11.02 2.86 -5.62
N VAL A 58 10.34 3.29 -6.68
CA VAL A 58 10.84 4.36 -7.53
C VAL A 58 11.23 5.58 -6.70
N TYR A 59 10.38 5.96 -5.76
CA TYR A 59 10.63 7.10 -4.90
C TYR A 59 11.61 6.74 -3.78
N GLN A 60 11.48 5.52 -3.27
CA GLN A 60 12.35 5.05 -2.20
C GLN A 60 13.81 5.16 -2.59
N TYR A 61 14.09 4.99 -3.88
CA TYR A 61 15.45 5.07 -4.39
C TYR A 61 15.77 6.49 -4.87
N SER A 62 14.76 7.15 -5.43
CA SER A 62 14.94 8.50 -5.94
C SER A 62 14.84 9.52 -4.80
N ASN A 63 15.37 10.71 -5.04
CA ASN A 63 15.35 11.78 -4.04
C ASN A 63 14.07 12.60 -4.15
N SER A 64 13.78 13.39 -3.13
CA SER A 64 12.59 14.22 -3.12
C SER A 64 12.84 15.52 -2.34
N ARG A 65 12.29 16.61 -2.85
CA ARG A 65 12.45 17.91 -2.21
C ARG A 65 11.90 17.90 -0.79
N SER A 66 10.59 17.64 -0.68
CA SER A 66 9.94 17.59 0.62
C SER A 66 9.95 16.18 1.19
N GLY A 67 10.30 16.06 2.47
CA GLY A 67 10.35 14.77 3.12
C GLY A 67 9.65 14.76 4.45
N PRO A 68 8.85 13.71 4.72
CA PRO A 68 8.11 13.57 5.97
C PRO A 68 9.03 13.28 7.15
N SER A 69 8.53 13.55 8.36
CA SER A 69 9.31 13.33 9.57
C SER A 69 8.93 12.00 10.23
N SER A 70 9.93 11.23 10.63
CA SER A 70 9.71 9.94 11.26
C SER A 70 8.82 9.06 10.40
N GLY A 71 9.01 9.13 9.09
CA GLY A 71 8.21 8.34 8.17
C GLY A 71 8.98 7.99 6.90
N GLY A 1 -1.47 10.04 17.02
CA GLY A 1 -1.39 8.68 16.52
C GLY A 1 -0.28 7.88 17.17
N SER A 2 0.90 8.48 17.25
CA SER A 2 2.06 7.82 17.84
C SER A 2 1.67 7.08 19.12
N SER A 3 0.94 7.76 20.00
CA SER A 3 0.50 7.18 21.26
C SER A 3 -0.82 6.45 21.08
N GLY A 4 -1.79 7.13 20.46
CA GLY A 4 -3.09 6.53 20.23
C GLY A 4 -3.01 5.03 19.98
N SER A 5 -2.64 4.66 18.76
CA SER A 5 -2.53 3.26 18.39
C SER A 5 -3.89 2.57 18.46
N SER A 6 -4.92 3.27 17.99
CA SER A 6 -6.28 2.72 17.99
C SER A 6 -7.05 3.16 16.75
N GLY A 7 -7.83 2.24 16.19
CA GLY A 7 -8.61 2.55 15.01
C GLY A 7 -8.90 1.33 14.17
N SER A 8 -8.32 1.27 12.98
CA SER A 8 -8.53 0.15 12.08
C SER A 8 -10.00 0.03 11.70
N PRO A 9 -10.61 1.17 11.32
CA PRO A 9 -12.01 1.22 10.92
C PRO A 9 -12.26 0.54 9.57
N ILE A 10 -13.51 0.57 9.12
CA ILE A 10 -13.87 -0.04 7.85
C ILE A 10 -14.16 1.02 6.78
N ASN A 11 -13.82 0.70 5.54
CA ASN A 11 -14.04 1.63 4.44
C ASN A 11 -14.63 0.91 3.23
N PRO A 12 -15.54 1.59 2.51
CA PRO A 12 -16.19 1.02 1.33
C PRO A 12 -15.23 0.88 0.16
N TYR A 13 -14.53 1.96 -0.17
CA TYR A 13 -13.57 1.95 -1.27
C TYR A 13 -12.15 2.22 -0.78
N LYS A 14 -12.05 3.11 0.20
CA LYS A 14 -10.75 3.47 0.77
C LYS A 14 -10.07 2.24 1.37
N ASP A 15 -10.88 1.26 1.79
CA ASP A 15 -10.36 0.05 2.38
C ASP A 15 -9.37 -0.65 1.44
N HIS A 16 -9.83 -0.94 0.23
CA HIS A 16 -8.99 -1.60 -0.77
C HIS A 16 -7.56 -1.05 -0.73
N MET A 17 -7.45 0.27 -0.52
CA MET A 17 -6.14 0.92 -0.46
C MET A 17 -5.51 0.71 0.92
N SER A 18 -6.22 1.12 1.97
CA SER A 18 -5.71 0.99 3.33
C SER A 18 -4.95 -0.32 3.50
N VAL A 19 -5.61 -1.42 3.19
CA VAL A 19 -5.01 -2.75 3.31
C VAL A 19 -3.61 -2.77 2.69
N LEU A 20 -3.56 -2.49 1.39
CA LEU A 20 -2.28 -2.47 0.67
C LEU A 20 -1.25 -1.64 1.41
N LYS A 21 -1.68 -0.50 1.94
CA LYS A 21 -0.79 0.39 2.68
C LYS A 21 -0.23 -0.31 3.92
N ALA A 22 -1.06 -1.15 4.53
CA ALA A 22 -0.64 -1.87 5.73
C ALA A 22 0.47 -2.86 5.42
N TYR A 23 0.16 -3.85 4.57
CA TYR A 23 1.14 -4.86 4.19
C TYR A 23 2.51 -4.23 3.97
N TYR A 24 2.54 -3.17 3.17
CA TYR A 24 3.79 -2.48 2.87
C TYR A 24 4.38 -1.86 4.14
N ALA A 25 3.53 -1.30 4.98
CA ALA A 25 3.96 -0.67 6.21
C ALA A 25 4.85 -1.62 7.02
N MET A 26 4.32 -2.80 7.32
CA MET A 26 5.07 -3.80 8.09
C MET A 26 6.15 -4.45 7.23
N ASN A 27 5.76 -4.89 6.04
CA ASN A 27 6.69 -5.53 5.13
C ASN A 27 7.00 -4.63 3.94
N MET A 28 8.18 -4.01 3.96
CA MET A 28 8.59 -3.12 2.88
C MET A 28 8.42 -3.79 1.52
N GLU A 29 9.15 -4.88 1.31
CA GLU A 29 9.09 -5.62 0.05
C GLU A 29 8.62 -7.05 0.28
N PRO A 30 7.34 -7.31 0.00
CA PRO A 30 6.74 -8.64 0.17
C PRO A 30 7.28 -9.66 -0.84
N ASN A 31 7.33 -10.92 -0.44
CA ASN A 31 7.82 -11.97 -1.31
C ASN A 31 6.71 -12.50 -2.20
N SER A 32 7.08 -13.12 -3.32
CA SER A 32 6.11 -13.67 -4.26
C SER A 32 4.90 -14.23 -3.52
N ASP A 33 5.16 -14.96 -2.44
CA ASP A 33 4.10 -15.55 -1.64
C ASP A 33 3.16 -14.47 -1.08
N GLU A 34 3.76 -13.45 -0.46
CA GLU A 34 2.99 -12.37 0.12
C GLU A 34 2.22 -11.61 -0.96
N LEU A 35 2.95 -11.11 -1.96
CA LEU A 35 2.34 -10.36 -3.06
C LEU A 35 1.01 -10.99 -3.46
N LEU A 36 1.02 -12.29 -3.71
CA LEU A 36 -0.18 -13.01 -4.10
C LEU A 36 -1.32 -12.76 -3.12
N LYS A 37 -1.11 -13.18 -1.87
CA LYS A 37 -2.11 -12.99 -0.82
C LYS A 37 -2.60 -11.55 -0.78
N ILE A 38 -1.66 -10.61 -0.86
CA ILE A 38 -2.00 -9.19 -0.84
C ILE A 38 -3.09 -8.86 -1.84
N SER A 39 -2.93 -9.37 -3.06
CA SER A 39 -3.91 -9.13 -4.12
C SER A 39 -5.13 -10.03 -3.94
N ILE A 40 -4.97 -11.08 -3.16
CA ILE A 40 -6.06 -12.02 -2.90
C ILE A 40 -7.04 -11.45 -1.88
N ALA A 41 -6.53 -11.09 -0.71
CA ALA A 41 -7.36 -10.53 0.34
C ALA A 41 -8.30 -9.46 -0.20
N VAL A 42 -7.78 -8.65 -1.12
CA VAL A 42 -8.57 -7.58 -1.72
C VAL A 42 -9.35 -8.08 -2.94
N GLY A 43 -8.76 -9.05 -3.65
CA GLY A 43 -9.40 -9.60 -4.82
C GLY A 43 -8.80 -9.08 -6.12
N LEU A 44 -7.85 -8.16 -5.99
CA LEU A 44 -7.19 -7.59 -7.16
C LEU A 44 -6.18 -8.57 -7.75
N PRO A 45 -5.87 -8.39 -9.05
CA PRO A 45 -4.91 -9.24 -9.75
C PRO A 45 -3.48 -9.02 -9.28
N GLN A 46 -2.86 -10.09 -8.77
CA GLN A 46 -1.48 -10.00 -8.28
C GLN A 46 -0.63 -9.15 -9.22
N GLU A 47 -0.82 -9.33 -10.52
CA GLU A 47 -0.05 -8.58 -11.51
C GLU A 47 -0.11 -7.09 -11.22
N PHE A 48 -1.30 -6.60 -10.88
CA PHE A 48 -1.49 -5.18 -10.57
C PHE A 48 -0.77 -4.81 -9.29
N VAL A 49 -1.15 -5.45 -8.19
CA VAL A 49 -0.55 -5.17 -6.90
C VAL A 49 0.97 -5.00 -7.02
N LYS A 50 1.60 -5.91 -7.76
CA LYS A 50 3.04 -5.86 -7.96
C LYS A 50 3.50 -4.44 -8.27
N GLU A 51 2.94 -3.86 -9.33
CA GLU A 51 3.29 -2.50 -9.73
C GLU A 51 3.07 -1.51 -8.57
N TRP A 52 1.90 -1.60 -7.95
CA TRP A 52 1.56 -0.73 -6.84
C TRP A 52 2.71 -0.66 -5.83
N PHE A 53 3.32 -1.80 -5.56
CA PHE A 53 4.42 -1.88 -4.61
C PHE A 53 5.68 -1.22 -5.19
N GLU A 54 5.94 -1.48 -6.46
CA GLU A 54 7.11 -0.92 -7.14
C GLU A 54 7.05 0.60 -7.14
N GLN A 55 5.90 1.14 -7.57
CA GLN A 55 5.71 2.58 -7.63
C GLN A 55 6.22 3.25 -6.34
N ARG A 56 5.73 2.77 -5.21
CA ARG A 56 6.12 3.32 -3.92
C ARG A 56 7.62 3.58 -3.87
N LYS A 57 8.38 2.73 -4.54
CA LYS A 57 9.84 2.87 -4.58
C LYS A 57 10.24 4.10 -5.38
N VAL A 58 9.51 4.37 -6.46
CA VAL A 58 9.79 5.52 -7.30
C VAL A 58 9.87 6.80 -6.48
N TYR A 59 9.09 6.86 -5.42
CA TYR A 59 9.08 8.03 -4.55
C TYR A 59 10.16 7.93 -3.47
N GLN A 60 10.24 6.77 -2.83
CA GLN A 60 11.23 6.55 -1.79
C GLN A 60 12.64 6.82 -2.30
N TYR A 61 12.84 6.64 -3.60
CA TYR A 61 14.14 6.87 -4.22
C TYR A 61 14.33 8.35 -4.56
N SER A 62 13.24 9.01 -4.94
CA SER A 62 13.28 10.41 -5.30
C SER A 62 13.25 11.30 -4.06
N ASN A 63 13.89 12.46 -4.14
CA ASN A 63 13.93 13.38 -3.01
C ASN A 63 12.52 13.82 -2.61
N SER A 64 11.82 14.46 -3.54
CA SER A 64 10.47 14.92 -3.28
C SER A 64 9.50 13.75 -3.15
N ARG A 65 8.66 13.80 -2.13
CA ARG A 65 7.69 12.74 -1.89
C ARG A 65 6.42 13.30 -1.23
N SER A 66 5.31 12.61 -1.44
CA SER A 66 4.03 13.04 -0.88
C SER A 66 3.98 12.76 0.63
N GLY A 67 3.06 13.43 1.32
CA GLY A 67 2.94 13.26 2.75
C GLY A 67 1.50 13.33 3.22
N PRO A 68 1.13 12.46 4.17
CA PRO A 68 -0.22 12.40 4.72
C PRO A 68 -0.55 13.62 5.58
N SER A 69 -1.38 14.51 5.04
CA SER A 69 -1.77 15.72 5.76
C SER A 69 -2.09 15.41 7.22
N SER A 70 -2.82 14.32 7.44
CA SER A 70 -3.20 13.91 8.79
C SER A 70 -2.77 12.48 9.07
N GLY A 71 -2.10 12.28 10.20
CA GLY A 71 -1.65 10.95 10.57
C GLY A 71 -2.79 9.99 10.86
N GLY A 1 -7.65 17.07 22.68
CA GLY A 1 -6.31 16.51 22.72
C GLY A 1 -6.30 15.03 23.07
N SER A 2 -6.26 14.74 24.36
CA SER A 2 -6.24 13.36 24.83
C SER A 2 -7.64 12.74 24.78
N SER A 3 -8.65 13.57 25.07
CA SER A 3 -10.03 13.10 25.06
C SER A 3 -10.70 13.42 23.72
N GLY A 4 -11.64 12.57 23.32
CA GLY A 4 -12.34 12.78 22.06
C GLY A 4 -13.44 11.75 21.84
N SER A 5 -13.06 10.59 21.34
CA SER A 5 -14.02 9.53 21.07
C SER A 5 -13.31 8.20 20.81
N SER A 6 -14.08 7.12 20.77
CA SER A 6 -13.52 5.79 20.54
C SER A 6 -14.10 5.17 19.27
N GLY A 7 -13.34 4.29 18.64
CA GLY A 7 -13.79 3.64 17.43
C GLY A 7 -13.01 4.09 16.21
N SER A 8 -12.37 3.13 15.53
CA SER A 8 -11.58 3.43 14.35
C SER A 8 -12.49 3.74 13.16
N PRO A 9 -11.98 4.57 12.23
CA PRO A 9 -12.72 4.97 11.03
C PRO A 9 -12.89 3.81 10.05
N ILE A 10 -14.12 3.34 9.90
CA ILE A 10 -14.41 2.24 8.99
C ILE A 10 -14.37 2.70 7.53
N ASN A 11 -13.73 1.89 6.69
CA ASN A 11 -13.61 2.23 5.27
C ASN A 11 -14.38 1.23 4.41
N PRO A 12 -15.58 1.64 3.95
CA PRO A 12 -16.43 0.80 3.12
C PRO A 12 -15.86 0.58 1.73
N TYR A 13 -15.24 1.62 1.18
CA TYR A 13 -14.66 1.55 -0.15
C TYR A 13 -13.15 1.74 -0.09
N LYS A 14 -12.68 2.41 0.96
CA LYS A 14 -11.26 2.67 1.15
C LYS A 14 -10.56 1.45 1.73
N ASP A 15 -11.29 0.34 1.83
CA ASP A 15 -10.73 -0.89 2.37
C ASP A 15 -9.64 -1.44 1.46
N HIS A 16 -9.99 -1.70 0.21
CA HIS A 16 -9.03 -2.22 -0.76
C HIS A 16 -7.69 -1.52 -0.65
N MET A 17 -7.73 -0.26 -0.22
CA MET A 17 -6.51 0.54 -0.06
C MET A 17 -5.86 0.27 1.29
N SER A 18 -6.53 0.71 2.36
CA SER A 18 -6.02 0.53 3.71
C SER A 18 -5.26 -0.79 3.83
N VAL A 19 -5.86 -1.86 3.30
CA VAL A 19 -5.23 -3.18 3.35
C VAL A 19 -3.84 -3.15 2.75
N LEU A 20 -3.73 -2.64 1.52
CA LEU A 20 -2.45 -2.56 0.84
C LEU A 20 -1.45 -1.76 1.66
N LYS A 21 -1.92 -0.69 2.29
CA LYS A 21 -1.07 0.16 3.11
C LYS A 21 -0.65 -0.57 4.39
N ALA A 22 -1.42 -1.59 4.77
CA ALA A 22 -1.13 -2.35 5.97
C ALA A 22 0.01 -3.35 5.72
N TYR A 23 0.08 -3.86 4.50
CA TYR A 23 1.11 -4.81 4.12
C TYR A 23 2.47 -4.14 4.01
N TYR A 24 2.49 -2.98 3.38
CA TYR A 24 3.73 -2.23 3.20
C TYR A 24 4.27 -1.74 4.53
N ALA A 25 3.44 -1.00 5.26
CA ALA A 25 3.83 -0.47 6.56
C ALA A 25 4.59 -1.52 7.38
N MET A 26 4.20 -2.78 7.22
CA MET A 26 4.83 -3.88 7.94
C MET A 26 6.05 -4.40 7.18
N ASN A 27 6.00 -4.29 5.85
CA ASN A 27 7.09 -4.75 5.01
C ASN A 27 7.23 -3.86 3.77
N MET A 28 8.30 -3.07 3.74
CA MET A 28 8.55 -2.18 2.61
C MET A 28 8.39 -2.91 1.29
N GLU A 29 9.21 -3.93 1.08
CA GLU A 29 9.16 -4.71 -0.16
C GLU A 29 8.81 -6.17 0.14
N PRO A 30 7.55 -6.54 -0.09
CA PRO A 30 7.07 -7.90 0.14
C PRO A 30 7.64 -8.90 -0.85
N ASN A 31 7.46 -10.18 -0.57
CA ASN A 31 7.96 -11.25 -1.43
C ASN A 31 6.86 -11.77 -2.34
N SER A 32 7.22 -12.71 -3.22
CA SER A 32 6.26 -13.29 -4.15
C SER A 32 5.10 -13.95 -3.40
N ASP A 33 5.36 -14.34 -2.15
CA ASP A 33 4.34 -14.97 -1.33
C ASP A 33 3.34 -13.94 -0.81
N GLU A 34 3.85 -12.84 -0.27
CA GLU A 34 3.00 -11.78 0.26
C GLU A 34 2.22 -11.09 -0.86
N LEU A 35 2.95 -10.61 -1.86
CA LEU A 35 2.33 -9.93 -3.00
C LEU A 35 1.02 -10.61 -3.39
N LEU A 36 1.08 -11.91 -3.63
CA LEU A 36 -0.11 -12.68 -4.01
C LEU A 36 -1.25 -12.44 -3.02
N LYS A 37 -1.04 -12.85 -1.78
CA LYS A 37 -2.05 -12.67 -0.74
C LYS A 37 -2.58 -11.25 -0.73
N ILE A 38 -1.68 -10.29 -0.83
CA ILE A 38 -2.07 -8.88 -0.84
C ILE A 38 -3.17 -8.61 -1.86
N SER A 39 -2.97 -9.13 -3.08
CA SER A 39 -3.94 -8.95 -4.15
C SER A 39 -5.14 -9.88 -3.96
N ILE A 40 -4.94 -10.93 -3.17
CA ILE A 40 -6.00 -11.90 -2.92
C ILE A 40 -7.01 -11.35 -1.92
N ALA A 41 -6.53 -10.97 -0.74
CA ALA A 41 -7.39 -10.42 0.30
C ALA A 41 -8.36 -9.39 -0.28
N VAL A 42 -7.82 -8.52 -1.14
CA VAL A 42 -8.64 -7.47 -1.75
C VAL A 42 -9.38 -8.01 -2.97
N GLY A 43 -8.79 -8.99 -3.64
CA GLY A 43 -9.41 -9.57 -4.81
C GLY A 43 -8.82 -9.05 -6.11
N LEU A 44 -7.87 -8.12 -5.99
CA LEU A 44 -7.23 -7.54 -7.16
C LEU A 44 -6.19 -8.49 -7.73
N PRO A 45 -5.87 -8.32 -9.03
CA PRO A 45 -4.89 -9.15 -9.72
C PRO A 45 -3.46 -8.90 -9.24
N GLN A 46 -2.81 -9.94 -8.73
CA GLN A 46 -1.45 -9.83 -8.23
C GLN A 46 -0.61 -8.96 -9.14
N GLU A 47 -0.80 -9.11 -10.45
CA GLU A 47 -0.06 -8.33 -11.43
C GLU A 47 -0.18 -6.84 -11.14
N PHE A 48 -1.39 -6.39 -10.85
CA PHE A 48 -1.64 -4.98 -10.55
C PHE A 48 -0.92 -4.57 -9.27
N VAL A 49 -1.24 -5.24 -8.17
CA VAL A 49 -0.62 -4.94 -6.88
C VAL A 49 0.88 -4.76 -7.03
N LYS A 50 1.51 -5.64 -7.80
CA LYS A 50 2.95 -5.57 -8.01
C LYS A 50 3.38 -4.16 -8.40
N GLU A 51 2.83 -3.66 -9.50
CA GLU A 51 3.17 -2.33 -9.98
C GLU A 51 2.95 -1.29 -8.88
N TRP A 52 1.83 -1.41 -8.18
CA TRP A 52 1.50 -0.48 -7.10
C TRP A 52 2.65 -0.37 -6.11
N PHE A 53 3.26 -1.50 -5.79
CA PHE A 53 4.38 -1.53 -4.85
C PHE A 53 5.67 -1.06 -5.52
N GLU A 54 5.85 -1.46 -6.77
CA GLU A 54 7.04 -1.09 -7.53
C GLU A 54 7.18 0.44 -7.61
N GLN A 55 6.09 1.10 -7.99
CA GLN A 55 6.09 2.55 -8.10
C GLN A 55 6.74 3.20 -6.89
N ARG A 56 6.29 2.81 -5.70
CA ARG A 56 6.84 3.36 -4.46
C ARG A 56 8.35 3.28 -4.45
N LYS A 57 8.88 2.15 -4.93
CA LYS A 57 10.33 1.94 -4.98
C LYS A 57 11.01 3.06 -5.76
N VAL A 58 10.41 3.44 -6.88
CA VAL A 58 10.95 4.51 -7.72
C VAL A 58 11.39 5.71 -6.88
N TYR A 59 10.52 6.11 -5.95
CA TYR A 59 10.81 7.24 -5.08
C TYR A 59 11.79 6.86 -3.98
N GLN A 60 11.59 5.68 -3.41
CA GLN A 60 12.47 5.18 -2.35
C GLN A 60 13.92 5.18 -2.80
N TYR A 61 14.15 4.91 -4.08
CA TYR A 61 15.50 4.87 -4.63
C TYR A 61 15.86 6.22 -5.26
N SER A 62 14.87 6.86 -5.86
CA SER A 62 15.08 8.15 -6.51
C SER A 62 14.97 9.29 -5.49
N ASN A 63 15.94 10.20 -5.53
CA ASN A 63 15.96 11.34 -4.61
C ASN A 63 14.62 12.09 -4.66
N SER A 64 14.45 13.04 -3.74
CA SER A 64 13.23 13.83 -3.68
C SER A 64 12.02 12.94 -3.41
N ARG A 65 12.20 11.98 -2.51
CA ARG A 65 11.12 11.06 -2.16
C ARG A 65 10.13 11.71 -1.21
N SER A 66 8.88 11.79 -1.63
CA SER A 66 7.83 12.41 -0.83
C SER A 66 7.28 11.42 0.20
N GLY A 67 6.94 11.92 1.38
CA GLY A 67 6.41 11.06 2.42
C GLY A 67 6.43 11.73 3.79
N PRO A 68 5.43 11.42 4.61
CA PRO A 68 5.31 11.98 5.96
C PRO A 68 6.37 11.45 6.91
N SER A 69 7.27 10.61 6.38
CA SER A 69 8.34 10.02 7.18
C SER A 69 7.77 9.18 8.31
N SER A 70 6.79 8.34 7.98
CA SER A 70 6.16 7.48 8.96
C SER A 70 6.39 6.01 8.63
N GLY A 71 6.46 5.18 9.67
CA GLY A 71 6.68 3.76 9.47
C GLY A 71 5.46 2.93 9.78
N GLY A 1 -16.21 20.21 30.85
CA GLY A 1 -16.48 20.00 29.44
C GLY A 1 -15.83 18.74 28.91
N SER A 2 -16.64 17.88 28.28
CA SER A 2 -16.14 16.62 27.74
C SER A 2 -16.33 16.57 26.23
N SER A 3 -15.44 15.86 25.54
CA SER A 3 -15.51 15.74 24.09
C SER A 3 -16.11 14.41 23.68
N GLY A 4 -16.89 14.42 22.59
CA GLY A 4 -17.52 13.21 22.12
C GLY A 4 -16.93 12.71 20.82
N SER A 5 -15.77 12.06 20.90
CA SER A 5 -15.10 11.54 19.71
C SER A 5 -15.94 10.46 19.04
N SER A 6 -15.81 10.36 17.72
CA SER A 6 -16.55 9.37 16.95
C SER A 6 -15.75 8.88 15.76
N GLY A 7 -15.70 7.57 15.57
CA GLY A 7 -14.96 6.99 14.46
C GLY A 7 -15.82 6.07 13.61
N SER A 8 -15.32 4.86 13.37
CA SER A 8 -16.04 3.89 12.55
C SER A 8 -16.20 4.39 11.12
N PRO A 9 -15.11 4.92 10.55
CA PRO A 9 -15.11 5.44 9.19
C PRO A 9 -15.24 4.34 8.14
N ILE A 10 -16.32 4.39 7.37
CA ILE A 10 -16.57 3.40 6.34
C ILE A 10 -15.88 3.79 5.02
N ASN A 11 -15.33 2.79 4.33
CA ASN A 11 -14.64 3.04 3.07
C ASN A 11 -15.01 1.96 2.04
N PRO A 12 -15.76 2.37 1.01
CA PRO A 12 -16.20 1.47 -0.05
C PRO A 12 -15.05 1.03 -0.94
N TYR A 13 -14.24 1.99 -1.37
CA TYR A 13 -13.09 1.71 -2.23
C TYR A 13 -11.79 2.06 -1.54
N LYS A 14 -11.82 3.10 -0.71
CA LYS A 14 -10.64 3.54 0.02
C LYS A 14 -10.05 2.40 0.83
N ASP A 15 -10.91 1.50 1.29
CA ASP A 15 -10.46 0.36 2.08
C ASP A 15 -9.44 -0.46 1.32
N HIS A 16 -9.81 -0.91 0.12
CA HIS A 16 -8.92 -1.71 -0.71
C HIS A 16 -7.50 -1.17 -0.66
N MET A 17 -7.36 0.14 -0.79
CA MET A 17 -6.05 0.78 -0.75
C MET A 17 -5.44 0.69 0.64
N SER A 18 -6.21 1.08 1.65
CA SER A 18 -5.74 1.04 3.03
C SER A 18 -5.04 -0.27 3.34
N VAL A 19 -5.79 -1.36 3.25
CA VAL A 19 -5.23 -2.70 3.52
C VAL A 19 -3.86 -2.86 2.88
N LEU A 20 -3.76 -2.48 1.61
CA LEU A 20 -2.49 -2.59 0.88
C LEU A 20 -1.39 -1.80 1.58
N LYS A 21 -1.77 -0.66 2.17
CA LYS A 21 -0.82 0.18 2.88
C LYS A 21 -0.36 -0.49 4.17
N ALA A 22 -1.16 -1.43 4.66
CA ALA A 22 -0.83 -2.14 5.90
C ALA A 22 0.22 -3.21 5.64
N TYR A 23 0.13 -3.87 4.49
CA TYR A 23 1.08 -4.91 4.13
C TYR A 23 2.48 -4.35 3.94
N TYR A 24 2.55 -3.18 3.30
CA TYR A 24 3.84 -2.53 3.05
C TYR A 24 4.46 -2.04 4.36
N ALA A 25 3.70 -1.28 5.12
CA ALA A 25 4.18 -0.76 6.40
C ALA A 25 4.98 -1.81 7.16
N MET A 26 4.35 -2.95 7.41
CA MET A 26 5.01 -4.04 8.12
C MET A 26 6.15 -4.63 7.29
N ASN A 27 5.90 -4.81 6.00
CA ASN A 27 6.90 -5.37 5.10
C ASN A 27 7.15 -4.43 3.93
N MET A 28 8.28 -3.72 3.97
CA MET A 28 8.65 -2.80 2.90
C MET A 28 8.42 -3.43 1.53
N GLU A 29 9.21 -4.46 1.22
CA GLU A 29 9.10 -5.14 -0.06
C GLU A 29 8.79 -6.62 0.14
N PRO A 30 7.51 -6.99 -0.05
CA PRO A 30 7.05 -8.37 0.10
C PRO A 30 7.58 -9.29 -1.00
N ASN A 31 7.38 -10.59 -0.83
CA ASN A 31 7.85 -11.57 -1.80
C ASN A 31 6.68 -12.14 -2.61
N SER A 32 6.98 -13.02 -3.54
CA SER A 32 5.96 -13.64 -4.38
C SER A 32 4.82 -14.18 -3.53
N ASP A 33 5.16 -14.83 -2.43
CA ASP A 33 4.17 -15.39 -1.53
C ASP A 33 3.23 -14.31 -1.00
N GLU A 34 3.81 -13.30 -0.37
CA GLU A 34 3.02 -12.20 0.18
C GLU A 34 2.26 -11.47 -0.92
N LEU A 35 2.98 -10.96 -1.90
CA LEU A 35 2.38 -10.24 -3.02
C LEU A 35 1.05 -10.87 -3.41
N LEU A 36 1.08 -12.17 -3.68
CA LEU A 36 -0.13 -12.89 -4.06
C LEU A 36 -1.25 -12.67 -3.06
N LYS A 37 -1.04 -13.13 -1.83
CA LYS A 37 -2.03 -12.97 -0.77
C LYS A 37 -2.58 -11.55 -0.75
N ILE A 38 -1.68 -10.57 -0.70
CA ILE A 38 -2.07 -9.17 -0.67
C ILE A 38 -3.18 -8.89 -1.68
N SER A 39 -2.95 -9.29 -2.93
CA SER A 39 -3.92 -9.09 -3.99
C SER A 39 -5.12 -10.02 -3.83
N ILE A 40 -4.91 -11.09 -3.08
CA ILE A 40 -5.97 -12.07 -2.84
C ILE A 40 -6.99 -11.55 -1.83
N ALA A 41 -6.51 -11.21 -0.64
CA ALA A 41 -7.37 -10.70 0.41
C ALA A 41 -8.30 -9.61 -0.13
N VAL A 42 -7.73 -8.65 -0.85
CA VAL A 42 -8.50 -7.55 -1.41
C VAL A 42 -9.30 -8.01 -2.62
N GLY A 43 -8.72 -8.94 -3.39
CA GLY A 43 -9.40 -9.45 -4.56
C GLY A 43 -8.87 -8.85 -5.84
N LEU A 44 -7.65 -8.31 -5.79
CA LEU A 44 -7.04 -7.69 -6.95
C LEU A 44 -6.04 -8.64 -7.60
N PRO A 45 -5.75 -8.40 -8.89
CA PRO A 45 -4.81 -9.22 -9.66
C PRO A 45 -3.37 -9.03 -9.21
N GLN A 46 -2.72 -10.13 -8.84
CA GLN A 46 -1.34 -10.08 -8.38
C GLN A 46 -0.49 -9.20 -9.29
N GLU A 47 -0.73 -9.31 -10.60
CA GLU A 47 0.01 -8.52 -11.57
C GLU A 47 -0.06 -7.03 -11.25
N PHE A 48 -1.24 -6.59 -10.82
CA PHE A 48 -1.45 -5.18 -10.46
C PHE A 48 -0.71 -4.83 -9.17
N VAL A 49 -1.14 -5.45 -8.07
CA VAL A 49 -0.52 -5.21 -6.77
C VAL A 49 0.98 -4.99 -6.91
N LYS A 50 1.64 -5.87 -7.66
CA LYS A 50 3.08 -5.77 -7.87
C LYS A 50 3.46 -4.37 -8.37
N GLU A 51 2.89 -3.97 -9.50
CA GLU A 51 3.17 -2.67 -10.07
C GLU A 51 2.90 -1.56 -9.07
N TRP A 52 1.84 -1.72 -8.28
CA TRP A 52 1.48 -0.72 -7.28
C TRP A 52 2.61 -0.51 -6.29
N PHE A 53 3.18 -1.61 -5.79
CA PHE A 53 4.28 -1.54 -4.83
C PHE A 53 5.49 -0.88 -5.45
N GLU A 54 5.73 -1.16 -6.73
CA GLU A 54 6.86 -0.59 -7.45
C GLU A 54 6.86 0.94 -7.34
N GLN A 55 5.71 1.54 -7.60
CA GLN A 55 5.57 2.99 -7.54
C GLN A 55 6.15 3.53 -6.23
N ARG A 56 5.84 2.85 -5.12
CA ARG A 56 6.33 3.26 -3.81
C ARG A 56 7.85 3.40 -3.81
N LYS A 57 8.52 2.55 -4.59
CA LYS A 57 9.96 2.57 -4.68
C LYS A 57 10.45 3.78 -5.46
N VAL A 58 9.73 4.12 -6.52
CA VAL A 58 10.08 5.27 -7.35
C VAL A 58 10.33 6.51 -6.50
N TYR A 59 9.55 6.65 -5.43
CA TYR A 59 9.69 7.80 -4.54
C TYR A 59 10.89 7.62 -3.61
N GLN A 60 10.89 6.51 -2.86
CA GLN A 60 11.97 6.22 -1.93
C GLN A 60 13.33 6.26 -2.65
N TYR A 61 13.31 5.96 -3.94
CA TYR A 61 14.53 5.94 -4.73
C TYR A 61 14.77 7.30 -5.39
N SER A 62 13.68 7.96 -5.79
CA SER A 62 13.77 9.26 -6.43
C SER A 62 14.12 10.35 -5.41
N ASN A 63 13.23 10.54 -4.44
CA ASN A 63 13.44 11.54 -3.41
C ASN A 63 14.53 11.10 -2.43
N SER A 64 15.37 12.04 -2.00
CA SER A 64 16.44 11.75 -1.08
C SER A 64 16.33 12.62 0.18
N ARG A 65 17.05 12.22 1.23
CA ARG A 65 17.03 12.96 2.48
C ARG A 65 18.42 13.01 3.10
N SER A 66 18.55 13.79 4.17
CA SER A 66 19.83 13.93 4.86
C SER A 66 20.35 12.58 5.33
N GLY A 67 19.46 11.79 5.94
CA GLY A 67 19.85 10.48 6.43
C GLY A 67 18.93 9.97 7.51
N PRO A 68 18.68 8.65 7.51
CA PRO A 68 17.80 8.01 8.49
C PRO A 68 18.43 7.98 9.90
N SER A 69 18.23 9.06 10.64
CA SER A 69 18.77 9.18 11.98
C SER A 69 20.27 8.95 11.99
N SER A 70 20.96 9.55 11.03
CA SER A 70 22.41 9.41 10.92
C SER A 70 23.11 10.72 11.28
N GLY A 71 24.28 10.60 11.92
CA GLY A 71 25.02 11.78 12.31
C GLY A 71 26.21 11.43 13.19
N GLY A 1 -8.34 4.48 28.12
CA GLY A 1 -7.76 3.50 27.22
C GLY A 1 -8.61 2.24 27.12
N SER A 2 -8.53 1.41 28.14
CA SER A 2 -9.28 0.15 28.17
C SER A 2 -10.67 0.35 27.59
N SER A 3 -11.42 1.29 28.16
CA SER A 3 -12.78 1.58 27.71
C SER A 3 -12.88 3.02 27.19
N GLY A 4 -13.50 3.16 26.03
CA GLY A 4 -13.65 4.48 25.44
C GLY A 4 -14.37 4.44 24.10
N SER A 5 -13.63 4.09 23.04
CA SER A 5 -14.20 4.02 21.71
C SER A 5 -13.95 2.66 21.08
N SER A 6 -14.90 2.19 20.27
CA SER A 6 -14.78 0.90 19.61
C SER A 6 -15.63 0.85 18.35
N GLY A 7 -14.97 0.66 17.20
CA GLY A 7 -15.68 0.60 15.94
C GLY A 7 -14.78 0.24 14.78
N SER A 8 -14.89 -0.99 14.30
CA SER A 8 -14.07 -1.46 13.18
C SER A 8 -14.21 -0.53 11.98
N PRO A 9 -13.07 -0.02 11.48
CA PRO A 9 -13.05 0.88 10.32
C PRO A 9 -13.41 0.17 9.02
N ILE A 10 -14.65 0.38 8.57
CA ILE A 10 -15.12 -0.25 7.34
C ILE A 10 -15.17 0.76 6.19
N ASN A 11 -14.76 0.32 5.01
CA ASN A 11 -14.76 1.18 3.83
C ASN A 11 -15.04 0.39 2.57
N PRO A 12 -15.91 0.94 1.70
CA PRO A 12 -16.29 0.29 0.45
C PRO A 12 -15.15 0.28 -0.57
N TYR A 13 -14.56 1.45 -0.82
CA TYR A 13 -13.46 1.56 -1.76
C TYR A 13 -12.15 1.89 -1.03
N LYS A 14 -12.26 2.73 0.00
CA LYS A 14 -11.09 3.12 0.77
C LYS A 14 -10.42 1.91 1.41
N ASP A 15 -11.23 0.95 1.84
CA ASP A 15 -10.72 -0.27 2.46
C ASP A 15 -9.71 -0.96 1.54
N HIS A 16 -10.10 -1.18 0.29
CA HIS A 16 -9.23 -1.83 -0.67
C HIS A 16 -7.82 -1.25 -0.63
N MET A 17 -7.75 0.08 -0.59
CA MET A 17 -6.47 0.77 -0.54
C MET A 17 -5.82 0.65 0.84
N SER A 18 -6.63 0.87 1.88
CA SER A 18 -6.14 0.79 3.25
C SER A 18 -5.30 -0.47 3.45
N VAL A 19 -5.94 -1.63 3.29
CA VAL A 19 -5.25 -2.91 3.45
C VAL A 19 -3.86 -2.87 2.83
N LEU A 20 -3.81 -2.47 1.56
CA LEU A 20 -2.53 -2.39 0.85
C LEU A 20 -1.53 -1.54 1.62
N LYS A 21 -2.00 -0.43 2.18
CA LYS A 21 -1.15 0.46 2.95
C LYS A 21 -0.58 -0.25 4.17
N ALA A 22 -1.34 -1.21 4.70
CA ALA A 22 -0.90 -1.96 5.86
C ALA A 22 0.25 -2.90 5.53
N TYR A 23 0.00 -3.84 4.63
CA TYR A 23 1.02 -4.80 4.22
C TYR A 23 2.35 -4.11 3.99
N TYR A 24 2.30 -2.92 3.40
CA TYR A 24 3.51 -2.15 3.11
C TYR A 24 4.10 -1.58 4.41
N ALA A 25 3.24 -1.02 5.24
CA ALA A 25 3.68 -0.44 6.51
C ALA A 25 4.66 -1.36 7.23
N MET A 26 4.29 -2.64 7.35
CA MET A 26 5.15 -3.61 8.02
C MET A 26 6.27 -4.06 7.10
N ASN A 27 5.93 -4.33 5.85
CA ASN A 27 6.92 -4.77 4.87
C ASN A 27 6.86 -3.92 3.60
N MET A 28 7.80 -2.98 3.47
CA MET A 28 7.85 -2.10 2.32
C MET A 28 7.71 -2.90 1.02
N GLU A 29 8.72 -3.72 0.72
CA GLU A 29 8.71 -4.53 -0.48
C GLU A 29 8.51 -6.01 -0.15
N PRO A 30 7.28 -6.50 -0.34
CA PRO A 30 6.94 -7.90 -0.05
C PRO A 30 7.59 -8.86 -1.05
N ASN A 31 7.38 -10.16 -0.83
CA ASN A 31 7.94 -11.18 -1.70
C ASN A 31 6.85 -11.86 -2.52
N SER A 32 7.25 -12.44 -3.65
CA SER A 32 6.30 -13.11 -4.53
C SER A 32 5.19 -13.77 -3.74
N ASP A 33 5.56 -14.44 -2.64
CA ASP A 33 4.60 -15.12 -1.79
C ASP A 33 3.58 -14.13 -1.23
N GLU A 34 4.08 -13.06 -0.62
CA GLU A 34 3.21 -12.04 -0.03
C GLU A 34 2.39 -11.35 -1.11
N LEU A 35 3.08 -10.78 -2.10
CA LEU A 35 2.42 -10.07 -3.19
C LEU A 35 1.11 -10.77 -3.56
N LEU A 36 1.18 -12.07 -3.81
CA LEU A 36 0.00 -12.84 -4.18
C LEU A 36 -1.11 -12.65 -3.16
N LYS A 37 -0.87 -13.06 -1.92
CA LYS A 37 -1.85 -12.93 -0.86
C LYS A 37 -2.40 -11.51 -0.80
N ILE A 38 -1.50 -10.53 -0.83
CA ILE A 38 -1.89 -9.13 -0.77
C ILE A 38 -3.02 -8.84 -1.77
N SER A 39 -2.85 -9.31 -3.00
CA SER A 39 -3.84 -9.10 -4.04
C SER A 39 -5.03 -10.05 -3.86
N ILE A 40 -4.83 -11.09 -3.07
CA ILE A 40 -5.88 -12.07 -2.81
C ILE A 40 -6.85 -11.56 -1.77
N ALA A 41 -6.34 -11.20 -0.60
CA ALA A 41 -7.17 -10.68 0.49
C ALA A 41 -8.15 -9.64 -0.02
N VAL A 42 -7.68 -8.80 -0.95
CA VAL A 42 -8.52 -7.76 -1.52
C VAL A 42 -9.31 -8.26 -2.72
N GLY A 43 -8.72 -9.21 -3.44
CA GLY A 43 -9.37 -9.78 -4.61
C GLY A 43 -8.83 -9.22 -5.90
N LEU A 44 -7.89 -8.29 -5.80
CA LEU A 44 -7.29 -7.67 -6.97
C LEU A 44 -6.25 -8.61 -7.61
N PRO A 45 -5.99 -8.40 -8.90
CA PRO A 45 -5.03 -9.22 -9.66
C PRO A 45 -3.59 -8.96 -9.22
N GLN A 46 -2.91 -10.00 -8.76
CA GLN A 46 -1.53 -9.88 -8.31
C GLN A 46 -0.73 -8.97 -9.23
N GLU A 47 -0.94 -9.14 -10.54
CA GLU A 47 -0.23 -8.34 -11.53
C GLU A 47 -0.37 -6.85 -11.22
N PHE A 48 -1.56 -6.44 -10.82
CA PHE A 48 -1.82 -5.05 -10.48
C PHE A 48 -1.09 -4.64 -9.21
N VAL A 49 -1.42 -5.32 -8.11
CA VAL A 49 -0.81 -5.04 -6.82
C VAL A 49 0.69 -4.77 -6.97
N LYS A 50 1.36 -5.63 -7.73
CA LYS A 50 2.80 -5.49 -7.96
C LYS A 50 3.14 -4.04 -8.28
N GLU A 51 2.71 -3.57 -9.45
CA GLU A 51 2.98 -2.21 -9.87
C GLU A 51 2.77 -1.22 -8.73
N TRP A 52 1.69 -1.42 -7.98
CA TRP A 52 1.38 -0.55 -6.86
C TRP A 52 2.53 -0.52 -5.86
N PHE A 53 3.21 -1.64 -5.71
CA PHE A 53 4.33 -1.74 -4.78
C PHE A 53 5.63 -1.26 -5.44
N GLU A 54 5.88 -1.74 -6.66
CA GLU A 54 7.08 -1.37 -7.40
C GLU A 54 7.25 0.14 -7.42
N GLN A 55 6.20 0.85 -7.85
CA GLN A 55 6.23 2.30 -7.92
C GLN A 55 6.79 2.90 -6.63
N ARG A 56 6.25 2.46 -5.50
CA ARG A 56 6.69 2.95 -4.20
C ARG A 56 8.22 2.98 -4.12
N LYS A 57 8.86 1.94 -4.65
CA LYS A 57 10.31 1.84 -4.63
C LYS A 57 10.94 3.05 -5.30
N VAL A 58 10.38 3.45 -6.45
CA VAL A 58 10.89 4.60 -7.18
C VAL A 58 11.16 5.77 -6.25
N TYR A 59 10.20 6.06 -5.38
CA TYR A 59 10.35 7.17 -4.43
C TYR A 59 11.28 6.78 -3.29
N GLN A 60 11.16 5.56 -2.82
CA GLN A 60 12.00 5.06 -1.73
C GLN A 60 13.47 5.22 -2.05
N TYR A 61 13.82 5.02 -3.32
CA TYR A 61 15.20 5.15 -3.76
C TYR A 61 15.49 6.57 -4.23
N SER A 62 14.50 7.20 -4.86
CA SER A 62 14.65 8.55 -5.36
C SER A 62 14.37 9.57 -4.26
N ASN A 63 15.39 10.38 -3.95
CA ASN A 63 15.26 11.41 -2.92
C ASN A 63 14.82 12.73 -3.52
N SER A 64 15.57 13.21 -4.51
CA SER A 64 15.26 14.46 -5.17
C SER A 64 13.75 14.68 -5.25
N ARG A 65 13.06 13.70 -5.82
CA ARG A 65 11.61 13.77 -5.97
C ARG A 65 10.91 12.91 -4.92
N SER A 66 10.18 13.56 -4.02
CA SER A 66 9.46 12.85 -2.97
C SER A 66 8.26 12.11 -3.53
N GLY A 67 7.33 12.85 -4.12
CA GLY A 67 6.15 12.24 -4.70
C GLY A 67 4.91 13.09 -4.51
N PRO A 68 4.11 12.76 -3.49
CA PRO A 68 2.87 13.49 -3.18
C PRO A 68 3.14 14.89 -2.64
N SER A 69 2.98 15.89 -3.49
CA SER A 69 3.21 17.28 -3.10
C SER A 69 2.31 17.67 -1.93
N SER A 70 1.00 17.55 -2.15
CA SER A 70 0.02 17.89 -1.13
C SER A 70 -0.27 16.70 -0.22
N GLY A 71 -0.67 16.97 1.00
CA GLY A 71 -0.99 15.91 1.94
C GLY A 71 -2.38 15.34 1.75
N GLY A 1 -1.86 24.75 11.71
CA GLY A 1 -1.45 23.36 11.85
C GLY A 1 -2.52 22.39 11.38
N SER A 2 -2.70 21.31 12.14
CA SER A 2 -3.69 20.29 11.80
C SER A 2 -4.80 20.25 12.86
N SER A 3 -6.05 20.39 12.41
CA SER A 3 -7.18 20.37 13.32
C SER A 3 -7.29 19.02 14.03
N GLY A 4 -7.33 17.94 13.23
CA GLY A 4 -7.43 16.61 13.80
C GLY A 4 -8.59 15.83 13.22
N SER A 5 -8.91 14.70 13.84
CA SER A 5 -10.00 13.85 13.38
C SER A 5 -10.60 13.06 14.53
N SER A 6 -11.80 12.51 14.32
CA SER A 6 -12.49 11.74 15.34
C SER A 6 -13.27 10.59 14.72
N GLY A 7 -13.61 9.60 15.54
CA GLY A 7 -14.35 8.45 15.05
C GLY A 7 -13.57 7.65 14.01
N SER A 8 -14.18 6.57 13.54
CA SER A 8 -13.53 5.71 12.55
C SER A 8 -13.88 6.16 11.14
N PRO A 9 -12.84 6.46 10.33
CA PRO A 9 -13.01 6.91 8.95
C PRO A 9 -13.52 5.80 8.04
N ILE A 10 -14.73 5.97 7.52
CA ILE A 10 -15.33 4.99 6.63
C ILE A 10 -14.99 5.27 5.17
N ASN A 11 -14.76 4.22 4.40
CA ASN A 11 -14.42 4.36 3.00
C ASN A 11 -14.80 3.10 2.21
N PRO A 12 -15.61 3.27 1.17
CA PRO A 12 -16.06 2.16 0.32
C PRO A 12 -14.92 1.59 -0.53
N TYR A 13 -14.21 2.46 -1.23
CA TYR A 13 -13.11 2.04 -2.08
C TYR A 13 -11.78 2.20 -1.35
N LYS A 14 -11.51 3.39 -0.85
CA LYS A 14 -10.28 3.68 -0.13
C LYS A 14 -9.81 2.44 0.64
N ASP A 15 -10.76 1.67 1.15
CA ASP A 15 -10.44 0.46 1.91
C ASP A 15 -9.42 -0.39 1.15
N HIS A 16 -9.75 -0.74 -0.09
CA HIS A 16 -8.87 -1.57 -0.91
C HIS A 16 -7.43 -1.05 -0.85
N MET A 17 -7.28 0.27 -0.87
CA MET A 17 -5.96 0.89 -0.81
C MET A 17 -5.39 0.82 0.60
N SER A 18 -6.25 0.98 1.59
CA SER A 18 -5.83 0.93 2.99
C SER A 18 -5.12 -0.38 3.30
N VAL A 19 -5.82 -1.48 3.10
CA VAL A 19 -5.27 -2.80 3.36
C VAL A 19 -3.89 -2.94 2.74
N LEU A 20 -3.82 -2.71 1.43
CA LEU A 20 -2.56 -2.82 0.70
C LEU A 20 -1.45 -2.05 1.42
N LYS A 21 -1.79 -0.88 1.94
CA LYS A 21 -0.83 -0.05 2.66
C LYS A 21 -0.36 -0.75 3.94
N ALA A 22 -1.27 -1.45 4.58
CA ALA A 22 -0.95 -2.17 5.81
C ALA A 22 0.12 -3.22 5.58
N TYR A 23 0.04 -3.90 4.44
CA TYR A 23 1.01 -4.93 4.09
C TYR A 23 2.41 -4.33 3.89
N TYR A 24 2.46 -3.20 3.22
CA TYR A 24 3.73 -2.52 2.95
C TYR A 24 4.37 -2.03 4.26
N ALA A 25 3.59 -1.28 5.04
CA ALA A 25 4.08 -0.76 6.31
C ALA A 25 4.88 -1.81 7.07
N MET A 26 4.26 -2.97 7.29
CA MET A 26 4.91 -4.06 7.99
C MET A 26 6.10 -4.60 7.21
N ASN A 27 5.92 -4.75 5.89
CA ASN A 27 6.97 -5.25 5.03
C ASN A 27 7.23 -4.28 3.88
N MET A 28 8.44 -3.72 3.85
CA MET A 28 8.82 -2.78 2.81
C MET A 28 8.56 -3.36 1.43
N GLU A 29 9.31 -4.41 1.08
CA GLU A 29 9.15 -5.06 -0.21
C GLU A 29 8.78 -6.53 -0.05
N PRO A 30 7.50 -6.83 -0.25
CA PRO A 30 6.97 -8.19 -0.12
C PRO A 30 7.46 -9.11 -1.24
N ASN A 31 7.41 -10.41 -1.00
CA ASN A 31 7.84 -11.40 -1.98
C ASN A 31 6.65 -12.06 -2.66
N SER A 32 6.90 -12.71 -3.79
CA SER A 32 5.85 -13.39 -4.53
C SER A 32 4.80 -13.95 -3.59
N ASP A 33 5.25 -14.70 -2.59
CA ASP A 33 4.34 -15.30 -1.61
C ASP A 33 3.40 -14.26 -1.04
N GLU A 34 3.96 -13.21 -0.44
CA GLU A 34 3.17 -12.14 0.15
C GLU A 34 2.35 -11.41 -0.92
N LEU A 35 3.05 -10.91 -1.94
CA LEU A 35 2.38 -10.19 -3.02
C LEU A 35 1.07 -10.86 -3.40
N LEU A 36 1.11 -12.17 -3.61
CA LEU A 36 -0.08 -12.93 -3.98
C LEU A 36 -1.19 -12.71 -2.95
N LYS A 37 -0.93 -13.12 -1.71
CA LYS A 37 -1.90 -12.97 -0.64
C LYS A 37 -2.44 -11.54 -0.58
N ILE A 38 -1.54 -10.57 -0.70
CA ILE A 38 -1.93 -9.16 -0.66
C ILE A 38 -3.05 -8.88 -1.65
N SER A 39 -2.88 -9.35 -2.89
CA SER A 39 -3.88 -9.14 -3.92
C SER A 39 -5.06 -10.08 -3.73
N ILE A 40 -4.85 -11.14 -2.96
CA ILE A 40 -5.90 -12.12 -2.70
C ILE A 40 -6.89 -11.59 -1.67
N ALA A 41 -6.38 -11.25 -0.49
CA ALA A 41 -7.22 -10.72 0.58
C ALA A 41 -8.19 -9.66 0.06
N VAL A 42 -7.69 -8.83 -0.85
CA VAL A 42 -8.52 -7.76 -1.42
C VAL A 42 -9.30 -8.27 -2.63
N GLY A 43 -8.72 -9.24 -3.33
CA GLY A 43 -9.38 -9.79 -4.51
C GLY A 43 -8.83 -9.23 -5.80
N LEU A 44 -7.85 -8.35 -5.68
CA LEU A 44 -7.22 -7.74 -6.85
C LEU A 44 -6.19 -8.67 -7.48
N PRO A 45 -5.91 -8.46 -8.78
CA PRO A 45 -4.94 -9.27 -9.52
C PRO A 45 -3.51 -9.02 -9.06
N GLN A 46 -2.86 -10.05 -8.56
CA GLN A 46 -1.48 -9.95 -8.09
C GLN A 46 -0.66 -9.09 -9.03
N GLU A 47 -0.91 -9.23 -10.33
CA GLU A 47 -0.18 -8.47 -11.34
C GLU A 47 -0.26 -6.98 -11.05
N PHE A 48 -1.45 -6.51 -10.70
CA PHE A 48 -1.67 -5.10 -10.39
C PHE A 48 -0.93 -4.70 -9.12
N VAL A 49 -1.28 -5.35 -8.01
CA VAL A 49 -0.65 -5.07 -6.73
C VAL A 49 0.85 -4.89 -6.88
N LYS A 50 1.47 -5.74 -7.69
CA LYS A 50 2.91 -5.67 -7.92
C LYS A 50 3.33 -4.27 -8.38
N GLU A 51 2.75 -3.82 -9.49
CA GLU A 51 3.05 -2.51 -10.02
C GLU A 51 2.84 -1.42 -8.97
N TRP A 52 1.78 -1.58 -8.18
CA TRP A 52 1.47 -0.61 -7.13
C TRP A 52 2.64 -0.44 -6.17
N PHE A 53 3.17 -1.56 -5.69
CA PHE A 53 4.30 -1.54 -4.77
C PHE A 53 5.52 -0.91 -5.41
N GLU A 54 5.73 -1.21 -6.69
CA GLU A 54 6.86 -0.67 -7.43
C GLU A 54 6.91 0.85 -7.34
N GLN A 55 5.74 1.48 -7.48
CA GLN A 55 5.64 2.94 -7.40
C GLN A 55 6.32 3.46 -6.15
N ARG A 56 5.95 2.91 -5.00
CA ARG A 56 6.53 3.32 -3.74
C ARG A 56 8.05 3.43 -3.83
N LYS A 57 8.67 2.43 -4.45
CA LYS A 57 10.12 2.41 -4.60
C LYS A 57 10.59 3.61 -5.42
N VAL A 58 9.87 3.90 -6.50
CA VAL A 58 10.21 5.03 -7.37
C VAL A 58 10.54 6.27 -6.54
N TYR A 59 9.72 6.53 -5.53
CA TYR A 59 9.92 7.70 -4.67
C TYR A 59 11.04 7.45 -3.68
N GLN A 60 11.12 6.23 -3.17
CA GLN A 60 12.15 5.87 -2.20
C GLN A 60 13.54 6.14 -2.77
N TYR A 61 13.70 5.93 -4.07
CA TYR A 61 14.97 6.15 -4.73
C TYR A 61 15.04 7.55 -5.34
N SER A 62 13.90 8.03 -5.83
CA SER A 62 13.83 9.35 -6.45
C SER A 62 13.61 10.43 -5.39
N ASN A 63 14.57 11.34 -5.28
CA ASN A 63 14.47 12.43 -4.30
C ASN A 63 13.76 13.63 -4.91
N SER A 64 14.20 14.04 -6.09
CA SER A 64 13.60 15.19 -6.77
C SER A 64 12.11 15.27 -6.49
N ARG A 65 11.43 14.12 -6.56
CA ARG A 65 9.99 14.06 -6.31
C ARG A 65 9.68 14.26 -4.83
N SER A 66 8.78 15.19 -4.53
CA SER A 66 8.41 15.49 -3.16
C SER A 66 6.91 15.28 -2.95
N GLY A 67 6.56 14.41 -2.01
CA GLY A 67 5.16 14.14 -1.74
C GLY A 67 4.89 13.97 -0.26
N PRO A 68 3.61 14.04 0.13
CA PRO A 68 3.19 13.90 1.52
C PRO A 68 3.36 12.48 2.04
N SER A 69 3.25 12.31 3.35
CA SER A 69 3.40 11.00 3.97
C SER A 69 2.04 10.44 4.39
N SER A 70 1.87 9.13 4.22
CA SER A 70 0.62 8.47 4.57
C SER A 70 0.81 7.59 5.79
N GLY A 71 0.07 7.89 6.85
CA GLY A 71 0.16 7.12 8.07
C GLY A 71 -0.08 7.96 9.32
N GLY A 1 -12.16 17.90 5.34
CA GLY A 1 -12.81 17.95 6.64
C GLY A 1 -14.27 17.50 6.57
N SER A 2 -14.60 16.46 7.33
CA SER A 2 -15.95 15.93 7.35
C SER A 2 -16.51 15.94 8.77
N SER A 3 -17.67 16.57 8.94
CA SER A 3 -18.32 16.64 10.24
C SER A 3 -19.45 15.64 10.36
N GLY A 4 -19.22 14.57 11.10
CA GLY A 4 -20.23 13.54 11.27
C GLY A 4 -19.64 12.19 11.63
N SER A 5 -19.84 11.21 10.75
CA SER A 5 -19.33 9.87 10.98
C SER A 5 -19.88 9.28 12.27
N SER A 6 -21.18 9.48 12.49
CA SER A 6 -21.83 8.97 13.69
C SER A 6 -22.06 7.46 13.60
N GLY A 7 -22.56 7.01 12.45
CA GLY A 7 -22.81 5.60 12.25
C GLY A 7 -21.58 4.85 11.78
N SER A 8 -21.80 3.78 11.03
CA SER A 8 -20.70 2.97 10.51
C SER A 8 -20.23 3.49 9.16
N PRO A 9 -19.01 4.04 9.14
CA PRO A 9 -18.41 4.58 7.91
C PRO A 9 -18.05 3.50 6.90
N ILE A 10 -18.69 3.53 5.74
CA ILE A 10 -18.44 2.56 4.70
C ILE A 10 -17.29 3.01 3.79
N ASN A 11 -16.42 2.06 3.44
CA ASN A 11 -15.28 2.36 2.59
C ASN A 11 -15.33 1.52 1.30
N PRO A 12 -15.76 2.15 0.20
CA PRO A 12 -15.86 1.48 -1.10
C PRO A 12 -14.50 1.16 -1.69
N TYR A 13 -13.62 2.15 -1.74
CA TYR A 13 -12.29 1.98 -2.29
C TYR A 13 -11.23 2.25 -1.23
N LYS A 14 -11.53 3.15 -0.32
CA LYS A 14 -10.60 3.49 0.76
C LYS A 14 -10.05 2.24 1.41
N ASP A 15 -10.88 1.22 1.53
CA ASP A 15 -10.46 -0.04 2.14
C ASP A 15 -9.43 -0.76 1.26
N HIS A 16 -9.77 -0.96 0.00
CA HIS A 16 -8.87 -1.63 -0.93
C HIS A 16 -7.46 -1.08 -0.82
N MET A 17 -7.36 0.24 -0.67
CA MET A 17 -6.06 0.90 -0.55
C MET A 17 -5.46 0.68 0.84
N SER A 18 -6.23 1.02 1.86
CA SER A 18 -5.78 0.87 3.24
C SER A 18 -5.05 -0.46 3.43
N VAL A 19 -5.76 -1.56 3.18
CA VAL A 19 -5.19 -2.89 3.32
C VAL A 19 -3.78 -2.95 2.74
N LEU A 20 -3.65 -2.54 1.48
CA LEU A 20 -2.35 -2.54 0.81
C LEU A 20 -1.32 -1.76 1.61
N LYS A 21 -1.77 -0.66 2.23
CA LYS A 21 -0.88 0.18 3.03
C LYS A 21 -0.44 -0.55 4.29
N ALA A 22 -1.26 -1.50 4.74
CA ALA A 22 -0.96 -2.27 5.94
C ALA A 22 0.15 -3.29 5.68
N TYR A 23 0.14 -3.87 4.48
CA TYR A 23 1.16 -4.86 4.11
C TYR A 23 2.51 -4.20 3.94
N TYR A 24 2.53 -3.02 3.32
CA TYR A 24 3.76 -2.28 3.10
C TYR A 24 4.39 -1.84 4.41
N ALA A 25 3.61 -1.14 5.22
CA ALA A 25 4.10 -0.66 6.52
C ALA A 25 4.92 -1.73 7.22
N MET A 26 4.41 -2.96 7.21
CA MET A 26 5.09 -4.08 7.85
C MET A 26 6.26 -4.57 7.00
N ASN A 27 6.06 -4.59 5.69
CA ASN A 27 7.09 -5.04 4.76
C ASN A 27 7.12 -4.16 3.52
N MET A 28 8.15 -3.32 3.41
CA MET A 28 8.29 -2.43 2.26
C MET A 28 8.08 -3.19 0.96
N GLU A 29 8.92 -4.19 0.71
CA GLU A 29 8.82 -4.99 -0.50
C GLU A 29 8.59 -6.47 -0.17
N PRO A 30 7.33 -6.91 -0.30
CA PRO A 30 6.95 -8.29 -0.02
C PRO A 30 7.51 -9.27 -1.04
N ASN A 31 7.20 -10.56 -0.86
CA ASN A 31 7.68 -11.59 -1.78
C ASN A 31 6.51 -12.25 -2.51
N SER A 32 6.82 -12.90 -3.62
CA SER A 32 5.80 -13.57 -4.42
C SER A 32 4.70 -14.13 -3.53
N ASP A 33 5.09 -14.86 -2.49
CA ASP A 33 4.14 -15.46 -1.56
C ASP A 33 3.18 -14.41 -1.02
N GLU A 34 3.74 -13.38 -0.39
CA GLU A 34 2.93 -12.30 0.18
C GLU A 34 2.17 -11.56 -0.91
N LEU A 35 2.90 -11.06 -1.90
CA LEU A 35 2.28 -10.33 -3.01
C LEU A 35 0.94 -10.95 -3.39
N LEU A 36 0.96 -12.25 -3.63
CA LEU A 36 -0.25 -12.98 -4.01
C LEU A 36 -1.37 -12.73 -3.01
N LYS A 37 -1.16 -13.16 -1.77
CA LYS A 37 -2.14 -12.98 -0.70
C LYS A 37 -2.63 -11.54 -0.66
N ILE A 38 -1.71 -10.59 -0.77
CA ILE A 38 -2.05 -9.18 -0.74
C ILE A 38 -3.15 -8.86 -1.76
N SER A 39 -2.96 -9.32 -2.99
CA SER A 39 -3.93 -9.08 -4.05
C SER A 39 -5.14 -10.00 -3.89
N ILE A 40 -4.95 -11.09 -3.17
CA ILE A 40 -6.03 -12.05 -2.94
C ILE A 40 -7.04 -11.51 -1.94
N ALA A 41 -6.56 -11.14 -0.75
CA ALA A 41 -7.42 -10.61 0.30
C ALA A 41 -8.35 -9.54 -0.25
N VAL A 42 -7.81 -8.66 -1.09
CA VAL A 42 -8.59 -7.58 -1.69
C VAL A 42 -9.34 -8.07 -2.93
N GLY A 43 -8.75 -9.04 -3.61
CA GLY A 43 -9.39 -9.59 -4.81
C GLY A 43 -8.76 -9.06 -6.09
N LEU A 44 -7.81 -8.14 -5.94
CA LEU A 44 -7.13 -7.56 -7.10
C LEU A 44 -6.12 -8.54 -7.69
N PRO A 45 -5.80 -8.34 -8.98
CA PRO A 45 -4.85 -9.20 -9.68
C PRO A 45 -3.42 -9.00 -9.21
N GLN A 46 -2.83 -10.04 -8.64
CA GLN A 46 -1.46 -9.98 -8.14
C GLN A 46 -0.59 -9.13 -9.05
N GLU A 47 -0.80 -9.25 -10.36
CA GLU A 47 -0.04 -8.50 -11.35
C GLU A 47 -0.10 -7.00 -11.04
N PHE A 48 -1.29 -6.50 -10.77
CA PHE A 48 -1.48 -5.09 -10.46
C PHE A 48 -0.76 -4.71 -9.17
N VAL A 49 -1.10 -5.40 -8.09
CA VAL A 49 -0.48 -5.15 -6.79
C VAL A 49 1.03 -4.98 -6.91
N LYS A 50 1.66 -5.91 -7.62
CA LYS A 50 3.11 -5.88 -7.81
C LYS A 50 3.57 -4.47 -8.18
N GLU A 51 3.03 -3.95 -9.28
CA GLU A 51 3.39 -2.62 -9.76
C GLU A 51 3.14 -1.58 -8.67
N TRP A 52 1.93 -1.61 -8.09
CA TRP A 52 1.57 -0.67 -7.04
C TRP A 52 2.69 -0.54 -6.01
N PHE A 53 3.33 -1.66 -5.70
CA PHE A 53 4.43 -1.68 -4.73
C PHE A 53 5.68 -1.04 -5.31
N GLU A 54 5.97 -1.35 -6.57
CA GLU A 54 7.15 -0.81 -7.25
C GLU A 54 7.09 0.71 -7.30
N GLN A 55 5.91 1.24 -7.63
CA GLN A 55 5.72 2.68 -7.72
C GLN A 55 6.27 3.38 -6.48
N ARG A 56 5.94 2.85 -5.31
CA ARG A 56 6.41 3.43 -4.06
C ARG A 56 7.90 3.74 -4.12
N LYS A 57 8.68 2.82 -4.69
CA LYS A 57 10.12 3.01 -4.81
C LYS A 57 10.44 4.21 -5.68
N VAL A 58 9.70 4.36 -6.78
CA VAL A 58 9.91 5.48 -7.69
C VAL A 58 10.02 6.80 -6.93
N TYR A 59 9.12 7.01 -5.97
CA TYR A 59 9.13 8.22 -5.18
C TYR A 59 10.27 8.21 -4.17
N GLN A 60 10.52 7.05 -3.58
CA GLN A 60 11.59 6.91 -2.59
C GLN A 60 12.94 7.32 -3.19
N TYR A 61 13.15 6.98 -4.46
CA TYR A 61 14.40 7.32 -5.14
C TYR A 61 14.28 8.68 -5.83
N SER A 62 13.10 8.98 -6.34
CA SER A 62 12.86 10.24 -7.03
C SER A 62 12.53 11.34 -6.04
N ASN A 63 13.21 12.48 -6.18
CA ASN A 63 12.99 13.62 -5.28
C ASN A 63 11.79 14.45 -5.75
N SER A 64 11.87 14.97 -6.97
CA SER A 64 10.81 15.79 -7.53
C SER A 64 9.49 15.01 -7.54
N ARG A 65 8.41 15.68 -7.12
CA ARG A 65 7.11 15.05 -7.08
C ARG A 65 6.22 15.57 -8.21
N SER A 66 5.04 14.99 -8.35
CA SER A 66 4.10 15.40 -9.39
C SER A 66 3.63 16.83 -9.17
N GLY A 67 3.04 17.07 -8.00
CA GLY A 67 2.55 18.40 -7.69
C GLY A 67 1.87 18.46 -6.33
N PRO A 68 2.04 19.60 -5.63
CA PRO A 68 1.45 19.80 -4.30
C PRO A 68 -0.07 19.95 -4.36
N SER A 69 -0.54 20.83 -5.25
CA SER A 69 -1.98 21.06 -5.40
C SER A 69 -2.59 21.53 -4.08
N SER A 70 -1.88 22.41 -3.39
CA SER A 70 -2.35 22.94 -2.11
C SER A 70 -3.16 24.22 -2.32
N GLY A 71 -2.71 25.05 -3.25
CA GLY A 71 -3.40 26.30 -3.53
C GLY A 71 -2.90 27.44 -2.67
N GLY A 1 -8.98 19.52 14.98
CA GLY A 1 -9.32 18.30 15.69
C GLY A 1 -8.09 17.54 16.17
N SER A 2 -7.50 17.99 17.26
CA SER A 2 -6.32 17.35 17.81
C SER A 2 -6.53 15.85 17.97
N SER A 3 -7.62 15.48 18.63
CA SER A 3 -7.95 14.08 18.86
C SER A 3 -8.41 13.41 17.57
N GLY A 4 -8.68 12.11 17.63
CA GLY A 4 -9.13 11.39 16.47
C GLY A 4 -10.35 10.53 16.75
N SER A 5 -10.46 9.40 16.05
CA SER A 5 -11.59 8.50 16.23
C SER A 5 -11.20 7.30 17.08
N SER A 6 -12.07 6.94 18.02
CA SER A 6 -11.82 5.81 18.91
C SER A 6 -11.96 4.49 18.16
N GLY A 7 -13.12 4.30 17.52
CA GLY A 7 -13.35 3.08 16.78
C GLY A 7 -12.82 3.14 15.37
N SER A 8 -13.12 2.12 14.58
CA SER A 8 -12.65 2.05 13.19
C SER A 8 -13.75 1.55 12.27
N PRO A 9 -14.36 2.48 11.51
CA PRO A 9 -15.43 2.15 10.57
C PRO A 9 -14.94 1.35 9.37
N ILE A 10 -15.85 1.05 8.45
CA ILE A 10 -15.49 0.28 7.25
C ILE A 10 -15.71 1.11 6.00
N ASN A 11 -14.80 0.96 5.03
CA ASN A 11 -14.90 1.68 3.78
C ASN A 11 -15.00 0.73 2.59
N PRO A 12 -15.84 1.08 1.61
CA PRO A 12 -16.04 0.27 0.42
C PRO A 12 -14.83 0.27 -0.50
N TYR A 13 -14.35 1.46 -0.83
CA TYR A 13 -13.19 1.60 -1.71
C TYR A 13 -11.91 1.82 -0.90
N LYS A 14 -11.94 2.83 -0.03
CA LYS A 14 -10.80 3.15 0.82
C LYS A 14 -10.15 1.87 1.34
N ASP A 15 -10.97 0.93 1.78
CA ASP A 15 -10.46 -0.33 2.30
C ASP A 15 -9.47 -0.97 1.34
N HIS A 16 -9.91 -1.19 0.11
CA HIS A 16 -9.07 -1.80 -0.92
C HIS A 16 -7.64 -1.26 -0.83
N MET A 17 -7.52 0.06 -0.69
CA MET A 17 -6.21 0.69 -0.60
C MET A 17 -5.60 0.49 0.79
N SER A 18 -6.32 0.95 1.82
CA SER A 18 -5.85 0.81 3.19
C SER A 18 -5.07 -0.48 3.38
N VAL A 19 -5.76 -1.60 3.22
CA VAL A 19 -5.15 -2.92 3.37
C VAL A 19 -3.75 -2.94 2.75
N LEU A 20 -3.64 -2.45 1.52
CA LEU A 20 -2.37 -2.42 0.82
C LEU A 20 -1.34 -1.62 1.61
N LYS A 21 -1.79 -0.56 2.27
CA LYS A 21 -0.91 0.29 3.07
C LYS A 21 -0.47 -0.44 4.34
N ALA A 22 -1.28 -1.39 4.79
CA ALA A 22 -0.97 -2.15 5.99
C ALA A 22 0.12 -3.19 5.72
N TYR A 23 0.04 -3.84 4.57
CA TYR A 23 1.01 -4.86 4.19
C TYR A 23 2.38 -4.22 3.93
N TYR A 24 2.37 -3.08 3.26
CA TYR A 24 3.61 -2.37 2.95
C TYR A 24 4.24 -1.77 4.21
N ALA A 25 3.46 -0.97 4.93
CA ALA A 25 3.93 -0.34 6.15
C ALA A 25 4.77 -1.31 6.98
N MET A 26 4.33 -2.55 7.07
CA MET A 26 5.03 -3.57 7.83
C MET A 26 6.22 -4.11 7.03
N ASN A 27 5.99 -4.44 5.76
CA ASN A 27 7.04 -4.95 4.90
C ASN A 27 7.25 -4.04 3.69
N MET A 28 8.46 -3.50 3.58
CA MET A 28 8.79 -2.61 2.46
C MET A 28 8.63 -3.32 1.14
N GLU A 29 9.47 -4.34 0.90
CA GLU A 29 9.42 -5.10 -0.34
C GLU A 29 8.96 -6.53 -0.08
N PRO A 30 7.69 -6.81 -0.38
CA PRO A 30 7.09 -8.14 -0.20
C PRO A 30 7.66 -9.17 -1.17
N ASN A 31 7.39 -10.44 -0.90
CA ASN A 31 7.87 -11.52 -1.75
C ASN A 31 6.73 -12.11 -2.58
N SER A 32 7.08 -12.73 -3.70
CA SER A 32 6.09 -13.33 -4.58
C SER A 32 4.95 -13.97 -3.77
N ASP A 33 5.31 -14.60 -2.66
CA ASP A 33 4.34 -15.24 -1.80
C ASP A 33 3.38 -14.21 -1.20
N GLU A 34 3.95 -13.16 -0.62
CA GLU A 34 3.16 -12.11 0.00
C GLU A 34 2.34 -11.36 -1.06
N LEU A 35 3.02 -10.82 -2.07
CA LEU A 35 2.35 -10.09 -3.13
C LEU A 35 1.02 -10.74 -3.50
N LEU A 36 1.07 -12.04 -3.79
CA LEU A 36 -0.13 -12.78 -4.16
C LEU A 36 -1.25 -12.53 -3.15
N LYS A 37 -1.04 -12.98 -1.92
CA LYS A 37 -2.02 -12.80 -0.86
C LYS A 37 -2.55 -11.38 -0.83
N ILE A 38 -1.63 -10.41 -0.83
CA ILE A 38 -2.00 -9.00 -0.81
C ILE A 38 -3.11 -8.71 -1.81
N SER A 39 -2.93 -9.17 -3.04
CA SER A 39 -3.92 -8.97 -4.10
C SER A 39 -5.11 -9.89 -3.91
N ILE A 40 -4.94 -10.93 -3.11
CA ILE A 40 -6.00 -11.88 -2.83
C ILE A 40 -6.98 -11.34 -1.80
N ALA A 41 -6.46 -11.03 -0.61
CA ALA A 41 -7.29 -10.49 0.46
C ALA A 41 -8.21 -9.38 -0.04
N VAL A 42 -7.70 -8.59 -0.99
CA VAL A 42 -8.48 -7.50 -1.56
C VAL A 42 -9.28 -7.96 -2.77
N GLY A 43 -8.81 -9.02 -3.41
CA GLY A 43 -9.50 -9.56 -4.57
C GLY A 43 -8.92 -9.02 -5.87
N LEU A 44 -7.79 -8.33 -5.78
CA LEU A 44 -7.15 -7.77 -6.96
C LEU A 44 -6.12 -8.75 -7.53
N PRO A 45 -5.83 -8.59 -8.84
CA PRO A 45 -4.87 -9.45 -9.54
C PRO A 45 -3.44 -9.20 -9.08
N GLN A 46 -2.78 -10.25 -8.61
CA GLN A 46 -1.40 -10.14 -8.15
C GLN A 46 -0.58 -9.25 -9.08
N GLU A 47 -0.88 -9.32 -10.37
CA GLU A 47 -0.17 -8.52 -11.37
C GLU A 47 -0.30 -7.03 -11.06
N PHE A 48 -1.53 -6.60 -10.75
CA PHE A 48 -1.79 -5.20 -10.44
C PHE A 48 -1.03 -4.78 -9.19
N VAL A 49 -1.25 -5.50 -8.09
CA VAL A 49 -0.59 -5.19 -6.83
C VAL A 49 0.91 -5.00 -7.01
N LYS A 50 1.53 -5.94 -7.72
CA LYS A 50 2.96 -5.86 -7.98
C LYS A 50 3.38 -4.44 -8.31
N GLU A 51 2.81 -3.88 -9.38
CA GLU A 51 3.12 -2.53 -9.79
C GLU A 51 2.84 -1.53 -8.67
N TRP A 52 1.74 -1.74 -7.97
CA TRP A 52 1.36 -0.87 -6.87
C TRP A 52 2.48 -0.76 -5.84
N PHE A 53 3.24 -1.82 -5.69
CA PHE A 53 4.35 -1.85 -4.73
C PHE A 53 5.61 -1.24 -5.35
N GLU A 54 5.85 -1.54 -6.62
CA GLU A 54 7.02 -1.02 -7.31
C GLU A 54 7.07 0.50 -7.24
N GLN A 55 5.96 1.14 -7.59
CA GLN A 55 5.89 2.60 -7.56
C GLN A 55 6.51 3.15 -6.29
N ARG A 56 6.08 2.64 -5.14
CA ARG A 56 6.59 3.08 -3.86
C ARG A 56 8.12 3.22 -3.91
N LYS A 57 8.77 2.30 -4.60
CA LYS A 57 10.21 2.32 -4.73
C LYS A 57 10.69 3.61 -5.39
N VAL A 58 10.02 4.00 -6.46
CA VAL A 58 10.37 5.22 -7.18
C VAL A 58 10.60 6.37 -6.22
N TYR A 59 9.71 6.53 -5.24
CA TYR A 59 9.83 7.59 -4.26
C TYR A 59 10.88 7.24 -3.20
N GLN A 60 10.90 5.98 -2.79
CA GLN A 60 11.85 5.52 -1.78
C GLN A 60 13.28 5.80 -2.22
N TYR A 61 13.51 5.79 -3.53
CA TYR A 61 14.84 6.05 -4.07
C TYR A 61 14.98 7.49 -4.52
N SER A 62 13.89 8.06 -5.05
CA SER A 62 13.89 9.44 -5.52
C SER A 62 13.62 10.40 -4.37
N ASN A 63 14.50 11.37 -4.20
CA ASN A 63 14.37 12.37 -3.15
C ASN A 63 13.31 13.40 -3.51
N SER A 64 13.43 13.98 -4.70
CA SER A 64 12.49 14.99 -5.16
C SER A 64 11.08 14.42 -5.24
N ARG A 65 10.16 15.04 -4.52
CA ARG A 65 8.77 14.59 -4.51
C ARG A 65 7.82 15.76 -4.76
N SER A 66 6.60 15.44 -5.20
CA SER A 66 5.60 16.47 -5.48
C SER A 66 4.43 16.36 -4.50
N GLY A 67 3.92 17.52 -4.07
CA GLY A 67 2.80 17.53 -3.14
C GLY A 67 1.47 17.27 -3.83
N PRO A 68 0.52 16.70 -3.08
CA PRO A 68 -0.81 16.37 -3.60
C PRO A 68 -1.64 17.63 -3.89
N SER A 69 -1.50 18.15 -5.10
CA SER A 69 -2.24 19.34 -5.50
C SER A 69 -3.69 19.01 -5.82
N SER A 70 -4.53 20.05 -5.89
CA SER A 70 -5.94 19.86 -6.18
C SER A 70 -6.13 19.26 -7.58
N GLY A 71 -5.42 19.80 -8.55
CA GLY A 71 -5.52 19.31 -9.91
C GLY A 71 -4.27 19.59 -10.72
N GLY A 1 -2.19 10.33 16.80
CA GLY A 1 -3.10 9.86 15.78
C GLY A 1 -2.64 8.55 15.15
N SER A 2 -3.42 8.05 14.20
CA SER A 2 -3.09 6.80 13.52
C SER A 2 -3.08 5.64 14.51
N SER A 3 -4.07 5.61 15.40
CA SER A 3 -4.18 4.56 16.40
C SER A 3 -4.81 3.30 15.81
N GLY A 4 -5.87 3.51 15.03
CA GLY A 4 -6.56 2.39 14.42
C GLY A 4 -6.89 2.64 12.96
N SER A 5 -6.85 1.58 12.16
CA SER A 5 -7.15 1.68 10.73
C SER A 5 -8.64 1.88 10.50
N SER A 6 -9.45 0.99 11.08
CA SER A 6 -10.89 1.06 10.93
C SER A 6 -11.55 1.63 12.19
N GLY A 7 -12.66 2.33 12.00
CA GLY A 7 -13.36 2.92 13.13
C GLY A 7 -14.72 3.46 12.75
N SER A 8 -15.06 4.63 13.27
CA SER A 8 -16.34 5.27 12.99
C SER A 8 -16.55 5.41 11.48
N PRO A 9 -15.63 6.14 10.83
CA PRO A 9 -15.70 6.38 9.38
C PRO A 9 -15.41 5.10 8.58
N ILE A 10 -16.40 4.67 7.80
CA ILE A 10 -16.25 3.47 6.98
C ILE A 10 -15.66 3.81 5.62
N ASN A 11 -14.74 2.98 5.16
CA ASN A 11 -14.09 3.19 3.87
C ASN A 11 -14.71 2.29 2.81
N PRO A 12 -15.50 2.90 1.91
CA PRO A 12 -16.17 2.17 0.82
C PRO A 12 -15.19 1.67 -0.24
N TYR A 13 -14.35 2.58 -0.72
CA TYR A 13 -13.35 2.23 -1.74
C TYR A 13 -11.94 2.34 -1.18
N LYS A 14 -11.72 3.34 -0.32
CA LYS A 14 -10.42 3.56 0.28
C LYS A 14 -9.89 2.26 0.91
N ASP A 15 -10.79 1.47 1.48
CA ASP A 15 -10.41 0.21 2.10
C ASP A 15 -9.42 -0.56 1.22
N HIS A 16 -9.83 -0.83 -0.02
CA HIS A 16 -8.99 -1.56 -0.95
C HIS A 16 -7.54 -1.08 -0.87
N MET A 17 -7.36 0.22 -0.69
CA MET A 17 -6.03 0.81 -0.60
C MET A 17 -5.46 0.62 0.81
N SER A 18 -6.13 1.20 1.80
CA SER A 18 -5.69 1.11 3.18
C SER A 18 -5.04 -0.25 3.44
N VAL A 19 -5.77 -1.32 3.16
CA VAL A 19 -5.26 -2.68 3.37
C VAL A 19 -3.87 -2.83 2.78
N LEU A 20 -3.70 -2.39 1.54
CA LEU A 20 -2.42 -2.49 0.85
C LEU A 20 -1.32 -1.77 1.65
N LYS A 21 -1.70 -0.67 2.29
CA LYS A 21 -0.76 0.11 3.08
C LYS A 21 -0.36 -0.64 4.35
N ALA A 22 -1.20 -1.59 4.76
CA ALA A 22 -0.92 -2.39 5.94
C ALA A 22 0.13 -3.46 5.66
N TYR A 23 0.11 -3.98 4.43
CA TYR A 23 1.05 -5.02 4.04
C TYR A 23 2.44 -4.42 3.81
N TYR A 24 2.49 -3.26 3.17
CA TYR A 24 3.76 -2.60 2.88
C TYR A 24 4.42 -2.11 4.17
N ALA A 25 3.67 -1.33 4.95
CA ALA A 25 4.17 -0.81 6.21
C ALA A 25 4.98 -1.86 6.97
N MET A 26 4.39 -3.04 7.13
CA MET A 26 5.04 -4.14 7.84
C MET A 26 6.21 -4.68 7.03
N ASN A 27 6.03 -4.76 5.71
CA ASN A 27 7.08 -5.26 4.83
C ASN A 27 7.32 -4.30 3.67
N MET A 28 8.53 -3.75 3.61
CA MET A 28 8.90 -2.82 2.55
C MET A 28 8.63 -3.42 1.18
N GLU A 29 9.39 -4.45 0.84
CA GLU A 29 9.24 -5.11 -0.45
C GLU A 29 8.83 -6.57 -0.27
N PRO A 30 7.53 -6.85 -0.48
CA PRO A 30 6.98 -8.20 -0.35
C PRO A 30 7.46 -9.14 -1.45
N ASN A 31 7.25 -10.43 -1.26
CA ASN A 31 7.65 -11.43 -2.23
C ASN A 31 6.43 -12.14 -2.83
N SER A 32 6.65 -12.85 -3.93
CA SER A 32 5.58 -13.57 -4.60
C SER A 32 4.57 -14.11 -3.58
N ASP A 33 5.08 -14.76 -2.54
CA ASP A 33 4.23 -15.32 -1.49
C ASP A 33 3.27 -14.26 -0.95
N GLU A 34 3.83 -13.18 -0.43
CA GLU A 34 3.02 -12.10 0.12
C GLU A 34 2.21 -11.40 -0.97
N LEU A 35 2.90 -10.92 -2.00
CA LEU A 35 2.24 -10.25 -3.11
C LEU A 35 0.92 -10.92 -3.46
N LEU A 36 0.95 -12.25 -3.55
CA LEU A 36 -0.24 -13.02 -3.88
C LEU A 36 -1.36 -12.75 -2.86
N LYS A 37 -1.08 -13.06 -1.60
CA LYS A 37 -2.05 -12.85 -0.53
C LYS A 37 -2.57 -11.42 -0.53
N ILE A 38 -1.66 -10.46 -0.68
CA ILE A 38 -2.02 -9.06 -0.70
C ILE A 38 -3.11 -8.78 -1.74
N SER A 39 -2.92 -9.32 -2.94
CA SER A 39 -3.89 -9.14 -4.02
C SER A 39 -5.09 -10.06 -3.83
N ILE A 40 -4.91 -11.11 -3.03
CA ILE A 40 -5.97 -12.07 -2.77
C ILE A 40 -6.99 -11.50 -1.77
N ALA A 41 -6.50 -11.13 -0.59
CA ALA A 41 -7.37 -10.57 0.44
C ALA A 41 -8.30 -9.51 -0.13
N VAL A 42 -7.78 -8.71 -1.05
CA VAL A 42 -8.57 -7.65 -1.67
C VAL A 42 -9.32 -8.17 -2.89
N GLY A 43 -8.74 -9.18 -3.55
CA GLY A 43 -9.38 -9.75 -4.72
C GLY A 43 -8.76 -9.24 -6.01
N LEU A 44 -7.75 -8.39 -5.89
CA LEU A 44 -7.08 -7.82 -7.06
C LEU A 44 -6.05 -8.81 -7.62
N PRO A 45 -5.73 -8.64 -8.91
CA PRO A 45 -4.76 -9.50 -9.59
C PRO A 45 -3.33 -9.26 -9.11
N GLN A 46 -2.73 -10.30 -8.54
CA GLN A 46 -1.36 -10.20 -8.03
C GLN A 46 -0.50 -9.36 -8.96
N GLU A 47 -0.66 -9.56 -10.26
CA GLU A 47 0.11 -8.81 -11.25
C GLU A 47 0.00 -7.31 -11.01
N PHE A 48 -1.21 -6.85 -10.73
CA PHE A 48 -1.44 -5.43 -10.47
C PHE A 48 -0.73 -4.98 -9.20
N VAL A 49 -1.14 -5.54 -8.07
CA VAL A 49 -0.53 -5.20 -6.79
C VAL A 49 0.96 -4.95 -6.94
N LYS A 50 1.62 -5.76 -7.74
CA LYS A 50 3.05 -5.63 -7.98
C LYS A 50 3.40 -4.20 -8.41
N GLU A 51 2.96 -3.84 -9.61
CA GLU A 51 3.23 -2.52 -10.16
C GLU A 51 3.03 -1.44 -9.08
N TRP A 52 1.96 -1.60 -8.30
CA TRP A 52 1.65 -0.64 -7.24
C TRP A 52 2.82 -0.49 -6.29
N PHE A 53 3.26 -1.61 -5.72
CA PHE A 53 4.38 -1.61 -4.78
C PHE A 53 5.61 -0.96 -5.40
N GLU A 54 5.87 -1.28 -6.67
CA GLU A 54 7.02 -0.74 -7.38
C GLU A 54 7.00 0.79 -7.33
N GLN A 55 5.86 1.38 -7.68
CA GLN A 55 5.72 2.83 -7.68
C GLN A 55 6.26 3.44 -6.39
N ARG A 56 5.81 2.90 -5.26
CA ARG A 56 6.26 3.38 -3.95
C ARG A 56 7.77 3.61 -3.93
N LYS A 57 8.49 2.69 -4.56
CA LYS A 57 9.95 2.78 -4.62
C LYS A 57 10.39 4.09 -5.28
N VAL A 58 9.74 4.42 -6.39
CA VAL A 58 10.06 5.65 -7.11
C VAL A 58 10.17 6.84 -6.16
N TYR A 59 9.19 6.98 -5.27
CA TYR A 59 9.18 8.07 -4.31
C TYR A 59 10.22 7.83 -3.21
N GLN A 60 10.38 6.57 -2.82
CA GLN A 60 11.33 6.21 -1.78
C GLN A 60 12.74 6.71 -2.13
N TYR A 61 13.06 6.70 -3.42
CA TYR A 61 14.37 7.14 -3.89
C TYR A 61 14.34 8.62 -4.27
N SER A 62 13.20 9.05 -4.83
CA SER A 62 13.05 10.44 -5.24
C SER A 62 12.60 11.31 -4.08
N ASN A 63 13.39 12.35 -3.79
CA ASN A 63 13.07 13.26 -2.70
C ASN A 63 12.17 14.39 -3.17
N SER A 64 11.45 15.00 -2.23
CA SER A 64 10.55 16.10 -2.55
C SER A 64 11.26 17.45 -2.49
N ARG A 65 12.06 17.63 -1.43
CA ARG A 65 12.80 18.87 -1.25
C ARG A 65 14.00 18.93 -2.19
N SER A 66 14.11 20.02 -2.94
CA SER A 66 15.22 20.20 -3.88
C SER A 66 16.51 20.50 -3.15
N GLY A 67 16.46 21.49 -2.25
CA GLY A 67 17.65 21.87 -1.50
C GLY A 67 18.39 23.03 -2.13
N PRO A 68 19.72 22.91 -2.20
CA PRO A 68 20.58 23.94 -2.78
C PRO A 68 20.41 24.07 -4.30
N SER A 69 19.41 24.85 -4.71
CA SER A 69 19.13 25.05 -6.12
C SER A 69 20.35 25.61 -6.84
N SER A 70 20.40 25.41 -8.16
CA SER A 70 21.52 25.89 -8.96
C SER A 70 22.85 25.44 -8.37
N GLY A 71 22.89 24.21 -7.88
CA GLY A 71 24.11 23.67 -7.29
C GLY A 71 24.19 22.17 -7.40
N GLY A 1 5.88 8.87 5.05
CA GLY A 1 4.72 9.74 5.24
C GLY A 1 3.94 9.38 6.49
N SER A 2 2.64 9.65 6.47
CA SER A 2 1.77 9.36 7.61
C SER A 2 0.58 8.52 7.18
N SER A 3 0.12 7.65 8.08
CA SER A 3 -1.02 6.79 7.79
C SER A 3 -2.33 7.58 7.86
N GLY A 4 -2.58 8.20 9.01
CA GLY A 4 -3.80 8.98 9.18
C GLY A 4 -5.00 8.30 8.57
N SER A 5 -5.10 6.99 8.74
CA SER A 5 -6.21 6.22 8.19
C SER A 5 -7.37 6.16 9.19
N SER A 6 -8.59 6.24 8.66
CA SER A 6 -9.78 6.19 9.51
C SER A 6 -9.79 4.95 10.38
N GLY A 7 -10.77 4.85 11.27
CA GLY A 7 -10.88 3.69 12.15
C GLY A 7 -12.25 3.56 12.76
N SER A 8 -12.76 4.65 13.34
CA SER A 8 -14.07 4.65 13.98
C SER A 8 -15.16 4.34 12.96
N PRO A 9 -15.26 5.21 11.93
CA PRO A 9 -16.27 5.06 10.87
C PRO A 9 -15.97 3.87 9.97
N ILE A 10 -16.75 3.75 8.90
CA ILE A 10 -16.58 2.65 7.95
C ILE A 10 -16.03 3.16 6.62
N ASN A 11 -15.14 2.38 6.02
CA ASN A 11 -14.54 2.75 4.74
C ASN A 11 -15.23 2.03 3.59
N PRO A 12 -15.91 2.78 2.73
CA PRO A 12 -16.62 2.23 1.57
C PRO A 12 -15.68 1.71 0.50
N TYR A 13 -14.75 2.55 0.08
CA TYR A 13 -13.77 2.18 -0.94
C TYR A 13 -12.35 2.22 -0.39
N LYS A 14 -12.09 3.22 0.45
CA LYS A 14 -10.77 3.39 1.05
C LYS A 14 -10.23 2.05 1.55
N ASP A 15 -11.14 1.19 2.01
CA ASP A 15 -10.75 -0.13 2.51
C ASP A 15 -9.75 -0.79 1.57
N HIS A 16 -10.14 -0.94 0.31
CA HIS A 16 -9.28 -1.57 -0.69
C HIS A 16 -7.84 -1.09 -0.55
N MET A 17 -7.68 0.21 -0.29
CA MET A 17 -6.35 0.80 -0.13
C MET A 17 -5.80 0.50 1.26
N SER A 18 -6.50 0.98 2.28
CA SER A 18 -6.08 0.78 3.65
C SER A 18 -5.38 -0.56 3.82
N VAL A 19 -6.07 -1.63 3.44
CA VAL A 19 -5.51 -2.99 3.54
C VAL A 19 -4.13 -3.06 2.92
N LEU A 20 -4.02 -2.61 1.68
CA LEU A 20 -2.75 -2.62 0.95
C LEU A 20 -1.69 -1.83 1.71
N LYS A 21 -2.10 -0.71 2.29
CA LYS A 21 -1.19 0.14 3.05
C LYS A 21 -0.70 -0.57 4.30
N ALA A 22 -1.49 -1.51 4.79
CA ALA A 22 -1.14 -2.26 5.99
C ALA A 22 -0.03 -3.27 5.69
N TYR A 23 -0.07 -3.86 4.50
CA TYR A 23 0.94 -4.83 4.10
C TYR A 23 2.27 -4.15 3.83
N TYR A 24 2.22 -2.97 3.22
CA TYR A 24 3.43 -2.22 2.90
C TYR A 24 4.12 -1.74 4.18
N ALA A 25 3.38 -1.01 5.01
CA ALA A 25 3.93 -0.50 6.26
C ALA A 25 4.82 -1.53 6.94
N MET A 26 4.31 -2.74 7.08
CA MET A 26 5.07 -3.82 7.72
C MET A 26 6.27 -4.20 6.86
N ASN A 27 6.14 -4.05 5.55
CA ASN A 27 7.22 -4.39 4.62
C ASN A 27 7.13 -3.55 3.35
N MET A 28 8.16 -2.75 3.11
CA MET A 28 8.20 -1.88 1.94
C MET A 28 7.91 -2.68 0.67
N GLU A 29 8.79 -3.61 0.34
CA GLU A 29 8.62 -4.44 -0.86
C GLU A 29 8.52 -5.91 -0.47
N PRO A 30 7.29 -6.45 -0.53
CA PRO A 30 7.03 -7.86 -0.20
C PRO A 30 7.61 -8.82 -1.24
N ASN A 31 7.33 -10.11 -1.07
CA ASN A 31 7.83 -11.13 -1.99
C ASN A 31 6.67 -11.85 -2.67
N SER A 32 6.96 -12.51 -3.78
CA SER A 32 5.94 -13.24 -4.54
C SER A 32 4.89 -13.82 -3.59
N ASP A 33 5.35 -14.54 -2.57
CA ASP A 33 4.44 -15.15 -1.60
C ASP A 33 3.47 -14.11 -1.05
N GLU A 34 4.02 -13.06 -0.45
CA GLU A 34 3.19 -12.00 0.13
C GLU A 34 2.38 -11.28 -0.95
N LEU A 35 3.08 -10.77 -1.96
CA LEU A 35 2.44 -10.06 -3.06
C LEU A 35 1.12 -10.74 -3.45
N LEU A 36 1.19 -12.05 -3.69
CA LEU A 36 0.01 -12.82 -4.07
C LEU A 36 -1.12 -12.61 -3.07
N LYS A 37 -0.89 -13.00 -1.82
CA LYS A 37 -1.88 -12.86 -0.77
C LYS A 37 -2.43 -11.43 -0.74
N ILE A 38 -1.53 -10.45 -0.72
CA ILE A 38 -1.92 -9.05 -0.68
C ILE A 38 -3.02 -8.77 -1.70
N SER A 39 -2.81 -9.23 -2.93
CA SER A 39 -3.79 -9.02 -4.00
C SER A 39 -4.98 -9.96 -3.84
N ILE A 40 -4.77 -11.04 -3.08
CA ILE A 40 -5.83 -12.02 -2.85
C ILE A 40 -6.85 -11.50 -1.85
N ALA A 41 -6.37 -11.11 -0.67
CA ALA A 41 -7.24 -10.59 0.38
C ALA A 41 -8.22 -9.56 -0.18
N VAL A 42 -7.73 -8.72 -1.10
CA VAL A 42 -8.56 -7.69 -1.71
C VAL A 42 -9.30 -8.24 -2.93
N GLY A 43 -8.65 -9.16 -3.64
CA GLY A 43 -9.26 -9.74 -4.82
C GLY A 43 -8.65 -9.21 -6.11
N LEU A 44 -7.81 -8.20 -5.99
CA LEU A 44 -7.16 -7.60 -7.15
C LEU A 44 -6.12 -8.55 -7.74
N PRO A 45 -5.83 -8.37 -9.04
CA PRO A 45 -4.86 -9.19 -9.76
C PRO A 45 -3.43 -8.94 -9.30
N GLN A 46 -2.77 -9.98 -8.81
CA GLN A 46 -1.40 -9.87 -8.33
C GLN A 46 -0.58 -8.97 -9.25
N GLU A 47 -0.75 -9.15 -10.55
CA GLU A 47 -0.02 -8.36 -11.54
C GLU A 47 -0.12 -6.88 -11.22
N PHE A 48 -1.31 -6.43 -10.83
CA PHE A 48 -1.54 -5.04 -10.49
C PHE A 48 -0.83 -4.66 -9.21
N VAL A 49 -1.18 -5.33 -8.12
CA VAL A 49 -0.57 -5.07 -6.82
C VAL A 49 0.93 -4.87 -6.96
N LYS A 50 1.57 -5.76 -7.70
CA LYS A 50 3.02 -5.69 -7.92
C LYS A 50 3.44 -4.28 -8.28
N GLU A 51 2.98 -3.80 -9.43
CA GLU A 51 3.31 -2.45 -9.88
C GLU A 51 3.09 -1.43 -8.78
N TRP A 52 1.92 -1.50 -8.13
CA TRP A 52 1.58 -0.58 -7.06
C TRP A 52 2.72 -0.49 -6.04
N PHE A 53 3.31 -1.63 -5.72
CA PHE A 53 4.41 -1.68 -4.76
C PHE A 53 5.70 -1.16 -5.38
N GLU A 54 5.95 -1.56 -6.62
CA GLU A 54 7.15 -1.13 -7.33
C GLU A 54 7.22 0.39 -7.41
N GLN A 55 6.19 1.00 -8.00
CA GLN A 55 6.14 2.44 -8.15
C GLN A 55 6.65 3.14 -6.89
N ARG A 56 6.09 2.76 -5.74
CA ARG A 56 6.49 3.34 -4.47
C ARG A 56 8.01 3.34 -4.32
N LYS A 57 8.63 2.23 -4.68
CA LYS A 57 10.08 2.10 -4.59
C LYS A 57 10.78 3.18 -5.40
N VAL A 58 10.23 3.48 -6.58
CA VAL A 58 10.79 4.51 -7.45
C VAL A 58 11.06 5.80 -6.69
N TYR A 59 10.09 6.21 -5.87
CA TYR A 59 10.23 7.44 -5.09
C TYR A 59 11.20 7.23 -3.94
N GLN A 60 11.09 6.08 -3.27
CA GLN A 60 11.97 5.76 -2.14
C GLN A 60 13.44 5.78 -2.57
N TYR A 61 13.69 5.40 -3.81
CA TYR A 61 15.05 5.36 -4.34
C TYR A 61 15.47 6.74 -4.84
N SER A 62 14.52 7.48 -5.40
CA SER A 62 14.79 8.81 -5.91
C SER A 62 15.09 9.79 -4.77
N ASN A 63 14.19 9.85 -3.79
CA ASN A 63 14.36 10.74 -2.65
C ASN A 63 15.66 10.44 -1.93
N SER A 64 16.17 11.45 -1.21
CA SER A 64 17.42 11.31 -0.47
C SER A 64 17.19 11.48 1.02
N ARG A 65 18.14 10.97 1.82
CA ARG A 65 18.03 11.07 3.27
C ARG A 65 16.67 10.56 3.76
N SER A 66 16.12 9.59 3.05
CA SER A 66 14.82 9.02 3.39
C SER A 66 14.82 7.51 3.21
N GLY A 67 14.11 6.81 4.10
CA GLY A 67 14.04 5.36 4.02
C GLY A 67 14.74 4.68 5.17
N PRO A 68 14.71 3.35 5.19
CA PRO A 68 15.34 2.54 6.24
C PRO A 68 16.86 2.60 6.18
N SER A 69 17.49 2.92 7.31
CA SER A 69 18.94 3.00 7.38
C SER A 69 19.58 1.62 7.31
N SER A 70 20.90 1.59 7.22
CA SER A 70 21.63 0.33 7.13
C SER A 70 21.78 -0.30 8.51
N GLY A 71 22.28 0.49 9.46
CA GLY A 71 22.47 -0.02 10.82
C GLY A 71 21.16 -0.33 11.50
N GLY A 1 8.09 16.17 -20.87
CA GLY A 1 7.27 15.22 -20.16
C GLY A 1 6.01 14.85 -20.92
N SER A 2 5.59 13.60 -20.81
CA SER A 2 4.40 13.13 -21.50
C SER A 2 3.51 12.33 -20.57
N SER A 3 2.20 12.47 -20.74
CA SER A 3 1.24 11.76 -19.90
C SER A 3 0.42 10.76 -20.72
N GLY A 4 -0.21 9.81 -20.04
CA GLY A 4 -1.02 8.82 -20.73
C GLY A 4 -2.47 8.84 -20.29
N SER A 5 -3.33 8.20 -21.07
CA SER A 5 -4.75 8.17 -20.76
C SER A 5 -5.09 6.95 -19.90
N SER A 6 -5.61 7.20 -18.70
CA SER A 6 -5.97 6.12 -17.79
C SER A 6 -7.43 6.24 -17.35
N GLY A 7 -8.13 5.11 -17.37
CA GLY A 7 -9.53 5.11 -16.98
C GLY A 7 -9.78 4.32 -15.71
N SER A 8 -9.20 4.78 -14.61
CA SER A 8 -9.34 4.10 -13.32
C SER A 8 -9.74 5.10 -12.24
N PRO A 9 -10.62 4.65 -11.33
CA PRO A 9 -11.10 5.48 -10.21
C PRO A 9 -10.01 5.75 -9.18
N ILE A 10 -10.36 6.54 -8.16
CA ILE A 10 -9.40 6.87 -7.11
C ILE A 10 -9.94 6.48 -5.74
N ASN A 11 -9.07 5.94 -4.90
CA ASN A 11 -9.47 5.52 -3.55
C ASN A 11 -8.68 6.28 -2.49
N PRO A 12 -9.32 7.29 -1.88
CA PRO A 12 -8.69 8.12 -0.84
C PRO A 12 -8.48 7.34 0.45
N TYR A 13 -9.57 6.97 1.10
CA TYR A 13 -9.49 6.22 2.36
C TYR A 13 -10.14 4.84 2.21
N LYS A 14 -10.50 4.49 0.99
CA LYS A 14 -11.13 3.20 0.71
C LYS A 14 -10.29 2.05 1.28
N ASP A 15 -10.97 1.03 1.78
CA ASP A 15 -10.29 -0.13 2.35
C ASP A 15 -9.36 -0.77 1.32
N HIS A 16 -9.88 -1.01 0.12
CA HIS A 16 -9.11 -1.62 -0.95
C HIS A 16 -7.67 -1.12 -0.93
N MET A 17 -7.51 0.19 -0.75
CA MET A 17 -6.18 0.79 -0.72
C MET A 17 -5.56 0.64 0.67
N SER A 18 -6.29 1.06 1.69
CA SER A 18 -5.80 0.99 3.06
C SER A 18 -5.07 -0.33 3.30
N VAL A 19 -5.80 -1.44 3.18
CA VAL A 19 -5.21 -2.76 3.37
C VAL A 19 -3.81 -2.84 2.77
N LEU A 20 -3.69 -2.39 1.53
CA LEU A 20 -2.40 -2.41 0.84
C LEU A 20 -1.34 -1.67 1.64
N LYS A 21 -1.74 -0.57 2.28
CA LYS A 21 -0.82 0.22 3.08
C LYS A 21 -0.40 -0.55 4.34
N ALA A 22 -1.24 -1.48 4.77
CA ALA A 22 -0.95 -2.27 5.96
C ALA A 22 0.13 -3.31 5.67
N TYR A 23 0.06 -3.92 4.50
CA TYR A 23 1.03 -4.93 4.10
C TYR A 23 2.41 -4.32 3.91
N TYR A 24 2.46 -3.16 3.24
CA TYR A 24 3.72 -2.48 3.00
C TYR A 24 4.32 -1.96 4.30
N ALA A 25 3.51 -1.28 5.10
CA ALA A 25 3.97 -0.74 6.37
C ALA A 25 4.80 -1.77 7.13
N MET A 26 4.27 -2.98 7.27
CA MET A 26 4.96 -4.04 7.98
C MET A 26 6.14 -4.55 7.16
N ASN A 27 5.93 -4.75 5.87
CA ASN A 27 6.98 -5.23 4.98
C ASN A 27 7.18 -4.28 3.80
N MET A 28 8.30 -3.58 3.81
CA MET A 28 8.62 -2.63 2.73
C MET A 28 8.40 -3.27 1.36
N GLU A 29 9.14 -4.34 1.10
CA GLU A 29 9.03 -5.05 -0.17
C GLU A 29 8.70 -6.53 0.04
N PRO A 30 7.43 -6.88 -0.16
CA PRO A 30 6.96 -8.26 0.01
C PRO A 30 7.49 -9.19 -1.07
N ASN A 31 7.49 -10.49 -0.78
CA ASN A 31 7.98 -11.48 -1.73
C ASN A 31 6.85 -11.98 -2.62
N SER A 32 7.19 -12.87 -3.55
CA SER A 32 6.20 -13.42 -4.48
C SER A 32 5.07 -14.11 -3.71
N ASP A 33 5.37 -14.55 -2.50
CA ASP A 33 4.38 -15.23 -1.67
C ASP A 33 3.41 -14.22 -1.07
N GLU A 34 3.94 -13.14 -0.52
CA GLU A 34 3.13 -12.10 0.09
C GLU A 34 2.30 -11.36 -0.96
N LEU A 35 2.98 -10.87 -1.99
CA LEU A 35 2.32 -10.14 -3.07
C LEU A 35 0.98 -10.78 -3.41
N LEU A 36 1.01 -12.08 -3.68
CA LEU A 36 -0.20 -12.82 -4.03
C LEU A 36 -1.30 -12.57 -2.99
N LYS A 37 -1.07 -13.01 -1.76
CA LYS A 37 -2.03 -12.83 -0.69
C LYS A 37 -2.55 -11.40 -0.65
N ILE A 38 -1.63 -10.44 -0.78
CA ILE A 38 -2.00 -9.03 -0.77
C ILE A 38 -3.11 -8.74 -1.77
N SER A 39 -2.94 -9.23 -2.99
CA SER A 39 -3.94 -9.03 -4.04
C SER A 39 -5.14 -9.95 -3.84
N ILE A 40 -4.93 -11.04 -3.11
CA ILE A 40 -5.98 -12.00 -2.85
C ILE A 40 -6.98 -11.46 -1.82
N ALA A 41 -6.48 -11.09 -0.66
CA ALA A 41 -7.33 -10.54 0.41
C ALA A 41 -8.28 -9.50 -0.14
N VAL A 42 -7.77 -8.62 -1.01
CA VAL A 42 -8.58 -7.56 -1.60
C VAL A 42 -9.35 -8.08 -2.81
N GLY A 43 -8.77 -9.06 -3.50
CA GLY A 43 -9.42 -9.62 -4.68
C GLY A 43 -8.84 -9.09 -5.97
N LEU A 44 -7.85 -8.20 -5.85
CA LEU A 44 -7.21 -7.61 -7.02
C LEU A 44 -6.19 -8.57 -7.63
N PRO A 45 -5.89 -8.37 -8.92
CA PRO A 45 -4.93 -9.21 -9.65
C PRO A 45 -3.50 -8.98 -9.18
N GLN A 46 -2.88 -10.02 -8.65
CA GLN A 46 -1.50 -9.94 -8.16
C GLN A 46 -0.65 -9.09 -9.10
N GLU A 47 -0.92 -9.19 -10.40
CA GLU A 47 -0.18 -8.42 -11.39
C GLU A 47 -0.25 -6.93 -11.11
N PHE A 48 -1.46 -6.44 -10.85
CA PHE A 48 -1.67 -5.03 -10.56
C PHE A 48 -0.95 -4.62 -9.29
N VAL A 49 -1.23 -5.33 -8.21
CA VAL A 49 -0.61 -5.05 -6.92
C VAL A 49 0.90 -4.91 -7.05
N LYS A 50 1.52 -5.90 -7.71
CA LYS A 50 2.97 -5.90 -7.91
C LYS A 50 3.47 -4.50 -8.26
N GLU A 51 2.90 -3.92 -9.32
CA GLU A 51 3.30 -2.59 -9.75
C GLU A 51 3.05 -1.57 -8.65
N TRP A 52 1.92 -1.68 -7.98
CA TRP A 52 1.57 -0.76 -6.90
C TRP A 52 2.68 -0.69 -5.87
N PHE A 53 3.34 -1.82 -5.62
CA PHE A 53 4.42 -1.88 -4.65
C PHE A 53 5.71 -1.31 -5.24
N GLU A 54 6.00 -1.70 -6.48
CA GLU A 54 7.21 -1.24 -7.17
C GLU A 54 7.22 0.29 -7.24
N GLN A 55 6.10 0.88 -7.67
CA GLN A 55 6.00 2.32 -7.80
C GLN A 55 6.47 3.01 -6.53
N ARG A 56 5.98 2.54 -5.38
CA ARG A 56 6.36 3.10 -4.09
C ARG A 56 7.85 3.44 -4.06
N LYS A 57 8.65 2.64 -4.74
CA LYS A 57 10.08 2.85 -4.79
C LYS A 57 10.43 4.13 -5.55
N VAL A 58 9.72 4.37 -6.65
CA VAL A 58 9.94 5.56 -7.46
C VAL A 58 9.98 6.81 -6.59
N TYR A 59 9.15 6.83 -5.55
CA TYR A 59 9.10 7.98 -4.64
C TYR A 59 10.18 7.87 -3.56
N GLN A 60 10.26 6.71 -2.93
CA GLN A 60 11.25 6.48 -1.89
C GLN A 60 12.66 6.77 -2.39
N TYR A 61 12.88 6.54 -3.69
CA TYR A 61 14.18 6.79 -4.30
C TYR A 61 14.34 8.25 -4.68
N SER A 62 13.24 8.87 -5.11
CA SER A 62 13.27 10.27 -5.53
C SER A 62 13.36 11.18 -4.31
N ASN A 63 12.32 11.17 -3.48
CA ASN A 63 12.29 12.01 -2.29
C ASN A 63 13.67 12.07 -1.63
N SER A 64 14.33 10.93 -1.54
CA SER A 64 15.65 10.86 -0.95
C SER A 64 16.71 11.42 -1.88
N ARG A 65 17.51 12.35 -1.38
CA ARG A 65 18.56 12.98 -2.17
C ARG A 65 19.55 11.93 -2.67
N SER A 66 19.69 11.83 -3.99
CA SER A 66 20.60 10.86 -4.59
C SER A 66 21.03 11.32 -5.98
N GLY A 67 22.34 11.26 -6.24
CA GLY A 67 22.85 11.68 -7.53
C GLY A 67 24.12 12.51 -7.40
N PRO A 68 24.57 13.07 -8.53
CA PRO A 68 25.78 13.90 -8.58
C PRO A 68 25.59 15.24 -7.86
N SER A 69 26.63 15.68 -7.17
CA SER A 69 26.58 16.95 -6.44
C SER A 69 27.62 17.92 -6.97
N SER A 70 27.49 19.18 -6.57
CA SER A 70 28.43 20.22 -7.01
C SER A 70 29.85 19.88 -6.61
N GLY A 71 30.03 19.48 -5.34
CA GLY A 71 31.34 19.13 -4.85
C GLY A 71 31.29 18.19 -3.67
N GLY A 1 -17.96 5.60 22.92
CA GLY A 1 -17.78 6.71 23.84
C GLY A 1 -16.44 7.39 23.69
N SER A 2 -16.38 8.67 24.02
CA SER A 2 -15.14 9.44 23.90
C SER A 2 -13.99 8.71 24.56
N SER A 3 -14.23 8.19 25.76
CA SER A 3 -13.21 7.47 26.50
C SER A 3 -13.07 6.04 25.99
N GLY A 4 -14.19 5.32 25.92
CA GLY A 4 -14.17 3.96 25.45
C GLY A 4 -13.80 3.86 23.98
N SER A 5 -14.70 3.28 23.18
CA SER A 5 -14.46 3.13 21.75
C SER A 5 -14.98 4.34 20.98
N SER A 6 -14.20 4.77 20.00
CA SER A 6 -14.56 5.93 19.19
C SER A 6 -15.54 5.53 18.08
N GLY A 7 -15.26 4.40 17.43
CA GLY A 7 -16.11 3.93 16.37
C GLY A 7 -15.42 3.93 15.02
N SER A 8 -15.37 2.78 14.37
CA SER A 8 -14.73 2.65 13.07
C SER A 8 -15.75 2.69 11.94
N PRO A 9 -15.59 3.67 11.04
CA PRO A 9 -16.51 3.84 9.90
C PRO A 9 -16.36 2.73 8.87
N ILE A 10 -17.14 2.81 7.80
CA ILE A 10 -17.09 1.82 6.73
C ILE A 10 -16.55 2.41 5.44
N ASN A 11 -15.70 1.64 4.75
CA ASN A 11 -15.11 2.08 3.50
C ASN A 11 -15.45 1.12 2.36
N PRO A 12 -16.16 1.63 1.34
CA PRO A 12 -16.55 0.84 0.18
C PRO A 12 -15.37 0.46 -0.70
N TYR A 13 -14.59 1.47 -1.09
CA TYR A 13 -13.43 1.24 -1.94
C TYR A 13 -12.14 1.62 -1.21
N LYS A 14 -12.21 2.69 -0.42
CA LYS A 14 -11.05 3.16 0.33
C LYS A 14 -10.40 2.01 1.10
N ASP A 15 -11.19 0.98 1.40
CA ASP A 15 -10.67 -0.18 2.12
C ASP A 15 -9.62 -0.91 1.30
N HIS A 16 -9.98 -1.31 0.09
CA HIS A 16 -9.06 -2.01 -0.79
C HIS A 16 -7.68 -1.34 -0.80
N MET A 17 -7.69 -0.02 -0.64
CA MET A 17 -6.44 0.74 -0.62
C MET A 17 -5.74 0.61 0.72
N SER A 18 -6.40 1.10 1.77
CA SER A 18 -5.83 1.05 3.12
C SER A 18 -5.14 -0.29 3.36
N VAL A 19 -5.88 -1.38 3.21
CA VAL A 19 -5.33 -2.71 3.42
C VAL A 19 -3.94 -2.84 2.78
N LEU A 20 -3.82 -2.39 1.54
CA LEU A 20 -2.55 -2.45 0.83
C LEU A 20 -1.46 -1.71 1.59
N LYS A 21 -1.84 -0.61 2.24
CA LYS A 21 -0.90 0.20 3.01
C LYS A 21 -0.46 -0.53 4.27
N ALA A 22 -1.26 -1.51 4.69
CA ALA A 22 -0.96 -2.29 5.89
C ALA A 22 0.09 -3.36 5.59
N TYR A 23 0.02 -3.93 4.39
CA TYR A 23 0.97 -4.97 3.98
C TYR A 23 2.37 -4.37 3.76
N TYR A 24 2.41 -3.16 3.23
CA TYR A 24 3.68 -2.49 2.96
C TYR A 24 4.30 -1.99 4.26
N ALA A 25 3.53 -1.21 5.01
CA ALA A 25 4.00 -0.67 6.28
C ALA A 25 4.82 -1.71 7.06
N MET A 26 4.31 -2.93 7.09
CA MET A 26 4.99 -4.01 7.80
C MET A 26 6.21 -4.49 7.03
N ASN A 27 6.03 -4.72 5.73
CA ASN A 27 7.13 -5.18 4.88
C ASN A 27 7.33 -4.23 3.69
N MET A 28 8.48 -3.58 3.64
CA MET A 28 8.80 -2.65 2.57
C MET A 28 8.58 -3.32 1.21
N GLU A 29 9.25 -4.44 0.98
CA GLU A 29 9.13 -5.18 -0.27
C GLU A 29 8.79 -6.64 -0.02
N PRO A 30 7.52 -6.99 -0.22
CA PRO A 30 7.03 -8.36 -0.02
C PRO A 30 7.55 -9.31 -1.08
N ASN A 31 7.41 -10.62 -0.82
CA ASN A 31 7.87 -11.63 -1.75
C ASN A 31 6.70 -12.23 -2.53
N SER A 32 7.01 -12.90 -3.64
CA SER A 32 5.99 -13.52 -4.47
C SER A 32 4.82 -14.02 -3.61
N ASP A 33 5.14 -14.79 -2.59
CA ASP A 33 4.13 -15.34 -1.69
C ASP A 33 3.24 -14.23 -1.14
N GLU A 34 3.86 -13.25 -0.49
CA GLU A 34 3.13 -12.13 0.09
C GLU A 34 2.35 -11.38 -0.99
N LEU A 35 3.06 -10.93 -2.01
CA LEU A 35 2.43 -10.19 -3.11
C LEU A 35 1.08 -10.79 -3.46
N LEU A 36 1.05 -12.10 -3.66
CA LEU A 36 -0.19 -12.79 -4.00
C LEU A 36 -1.27 -12.54 -2.95
N LYS A 37 -1.04 -13.04 -1.74
CA LYS A 37 -1.99 -12.87 -0.65
C LYS A 37 -2.49 -11.43 -0.59
N ILE A 38 -1.57 -10.48 -0.73
CA ILE A 38 -1.92 -9.07 -0.69
C ILE A 38 -3.01 -8.74 -1.71
N SER A 39 -2.86 -9.27 -2.92
CA SER A 39 -3.84 -9.04 -3.97
C SER A 39 -5.05 -9.95 -3.81
N ILE A 40 -4.87 -11.02 -3.04
CA ILE A 40 -5.95 -11.98 -2.80
C ILE A 40 -6.94 -11.44 -1.76
N ALA A 41 -6.43 -11.09 -0.59
CA ALA A 41 -7.26 -10.57 0.49
C ALA A 41 -8.21 -9.49 -0.03
N VAL A 42 -7.70 -8.65 -0.92
CA VAL A 42 -8.49 -7.56 -1.49
C VAL A 42 -9.28 -8.05 -2.71
N GLY A 43 -8.71 -9.01 -3.44
CA GLY A 43 -9.37 -9.54 -4.62
C GLY A 43 -8.78 -9.01 -5.90
N LEU A 44 -7.78 -8.15 -5.79
CA LEU A 44 -7.13 -7.57 -6.96
C LEU A 44 -6.14 -8.56 -7.57
N PRO A 45 -5.84 -8.37 -8.87
CA PRO A 45 -4.91 -9.24 -9.60
C PRO A 45 -3.47 -9.04 -9.14
N GLN A 46 -2.89 -10.08 -8.56
CA GLN A 46 -1.51 -10.03 -8.08
C GLN A 46 -0.66 -9.17 -9.01
N GLU A 47 -0.94 -9.23 -10.30
CA GLU A 47 -0.19 -8.46 -11.28
C GLU A 47 -0.26 -6.96 -10.98
N PHE A 48 -1.47 -6.46 -10.76
CA PHE A 48 -1.67 -5.05 -10.46
C PHE A 48 -0.96 -4.67 -9.16
N VAL A 49 -1.24 -5.42 -8.10
CA VAL A 49 -0.64 -5.17 -6.80
C VAL A 49 0.87 -4.94 -6.93
N LYS A 50 1.52 -5.79 -7.71
CA LYS A 50 2.96 -5.67 -7.93
C LYS A 50 3.35 -4.23 -8.24
N GLU A 51 2.93 -3.74 -9.41
CA GLU A 51 3.24 -2.38 -9.83
C GLU A 51 3.03 -1.41 -8.68
N TRP A 52 1.89 -1.52 -8.01
CA TRP A 52 1.56 -0.64 -6.89
C TRP A 52 2.72 -0.57 -5.89
N PHE A 53 3.34 -1.72 -5.64
CA PHE A 53 4.47 -1.79 -4.71
C PHE A 53 5.73 -1.20 -5.34
N GLU A 54 5.95 -1.51 -6.62
CA GLU A 54 7.12 -1.01 -7.32
C GLU A 54 7.16 0.51 -7.30
N GLN A 55 6.06 1.15 -7.70
CA GLN A 55 5.97 2.60 -7.73
C GLN A 55 6.59 3.20 -6.47
N ARG A 56 6.18 2.69 -5.31
CA ARG A 56 6.69 3.18 -4.03
C ARG A 56 8.20 3.41 -4.10
N LYS A 57 8.88 2.53 -4.81
CA LYS A 57 10.34 2.63 -4.96
C LYS A 57 10.73 3.96 -5.59
N VAL A 58 10.10 4.28 -6.73
CA VAL A 58 10.38 5.52 -7.43
C VAL A 58 10.47 6.70 -6.45
N TYR A 59 9.81 6.56 -5.30
CA TYR A 59 9.82 7.60 -4.29
C TYR A 59 10.79 7.26 -3.17
N GLN A 60 11.10 5.98 -3.03
CA GLN A 60 12.02 5.52 -1.99
C GLN A 60 13.47 5.64 -2.46
N TYR A 61 13.80 4.91 -3.51
CA TYR A 61 15.16 4.92 -4.05
C TYR A 61 15.48 6.29 -4.66
N SER A 62 14.51 7.19 -4.65
CA SER A 62 14.68 8.52 -5.20
C SER A 62 14.33 9.58 -4.16
N ASN A 63 14.59 10.85 -4.50
CA ASN A 63 14.30 11.96 -3.61
C ASN A 63 13.01 12.67 -4.02
N SER A 64 12.48 13.48 -3.11
CA SER A 64 11.25 14.21 -3.38
C SER A 64 11.44 15.70 -3.09
N ARG A 65 11.21 16.53 -4.10
CA ARG A 65 11.35 17.98 -3.96
C ARG A 65 10.23 18.55 -3.11
N SER A 66 9.00 18.38 -3.57
CA SER A 66 7.83 18.89 -2.85
C SER A 66 7.29 17.83 -1.88
N GLY A 67 7.01 18.26 -0.66
CA GLY A 67 6.49 17.35 0.34
C GLY A 67 5.04 17.00 0.11
N PRO A 68 4.14 17.75 0.77
CA PRO A 68 2.69 17.54 0.65
C PRO A 68 2.16 17.93 -0.73
N SER A 69 1.96 16.93 -1.58
CA SER A 69 1.45 17.17 -2.92
C SER A 69 0.16 17.97 -2.89
N SER A 70 -0.81 17.47 -2.13
CA SER A 70 -2.11 18.15 -2.00
C SER A 70 -2.65 18.04 -0.58
N GLY A 71 -2.73 19.18 0.10
CA GLY A 71 -3.22 19.20 1.47
C GLY A 71 -3.33 20.60 2.03
N GLY A 1 1.25 10.12 21.15
CA GLY A 1 0.16 10.58 21.99
C GLY A 1 -1.18 10.55 21.26
N SER A 2 -2.15 9.88 21.87
CA SER A 2 -3.48 9.77 21.27
C SER A 2 -4.37 10.92 21.72
N SER A 3 -5.24 11.38 20.81
CA SER A 3 -6.13 12.49 21.10
C SER A 3 -7.33 12.01 21.93
N GLY A 4 -8.09 11.08 21.36
CA GLY A 4 -9.25 10.55 22.05
C GLY A 4 -10.56 11.09 21.49
N SER A 5 -10.96 10.58 20.32
CA SER A 5 -12.19 11.04 19.69
C SER A 5 -12.89 9.87 19.00
N SER A 6 -14.22 9.92 18.97
CA SER A 6 -15.00 8.86 18.35
C SER A 6 -14.70 8.76 16.85
N GLY A 7 -15.11 7.65 16.24
CA GLY A 7 -14.86 7.46 14.82
C GLY A 7 -15.52 6.20 14.30
N SER A 8 -14.71 5.30 13.75
CA SER A 8 -15.22 4.05 13.19
C SER A 8 -16.15 4.32 12.01
N PRO A 9 -15.71 5.18 11.09
CA PRO A 9 -16.49 5.54 9.90
C PRO A 9 -16.60 4.39 8.91
N ILE A 10 -17.28 4.63 7.79
CA ILE A 10 -17.45 3.62 6.77
C ILE A 10 -16.60 3.92 5.55
N ASN A 11 -15.98 2.88 4.99
CA ASN A 11 -15.12 3.03 3.82
C ASN A 11 -15.58 2.11 2.69
N PRO A 12 -16.17 2.70 1.64
CA PRO A 12 -16.65 1.94 0.48
C PRO A 12 -15.52 1.35 -0.35
N TYR A 13 -14.57 2.20 -0.75
CA TYR A 13 -13.44 1.77 -1.55
C TYR A 13 -12.12 2.00 -0.80
N LYS A 14 -12.06 3.10 -0.07
CA LYS A 14 -10.87 3.44 0.70
C LYS A 14 -10.23 2.19 1.31
N ASP A 15 -11.07 1.32 1.86
CA ASP A 15 -10.58 0.08 2.47
C ASP A 15 -9.61 -0.64 1.54
N HIS A 16 -10.08 -0.95 0.34
CA HIS A 16 -9.25 -1.65 -0.64
C HIS A 16 -7.80 -1.15 -0.58
N MET A 17 -7.64 0.13 -0.29
CA MET A 17 -6.31 0.74 -0.21
C MET A 17 -5.71 0.51 1.18
N SER A 18 -6.41 0.94 2.21
CA SER A 18 -5.94 0.78 3.58
C SER A 18 -5.26 -0.56 3.77
N VAL A 19 -5.92 -1.63 3.33
CA VAL A 19 -5.38 -2.98 3.46
C VAL A 19 -4.02 -3.08 2.81
N LEU A 20 -3.92 -2.59 1.57
CA LEU A 20 -2.66 -2.63 0.83
C LEU A 20 -1.58 -1.81 1.55
N LYS A 21 -2.00 -0.71 2.17
CA LYS A 21 -1.08 0.15 2.89
C LYS A 21 -0.59 -0.52 4.18
N ALA A 22 -1.35 -1.52 4.64
CA ALA A 22 -0.99 -2.24 5.85
C ALA A 22 0.09 -3.28 5.57
N TYR A 23 0.04 -3.88 4.40
CA TYR A 23 1.02 -4.89 4.01
C TYR A 23 2.39 -4.28 3.79
N TYR A 24 2.41 -3.13 3.11
CA TYR A 24 3.66 -2.43 2.84
C TYR A 24 4.27 -1.88 4.11
N ALA A 25 3.47 -1.15 4.89
CA ALA A 25 3.93 -0.57 6.14
C ALA A 25 4.81 -1.55 6.91
N MET A 26 4.25 -2.73 7.20
CA MET A 26 4.98 -3.75 7.93
C MET A 26 6.18 -4.25 7.13
N ASN A 27 5.97 -4.47 5.84
CA ASN A 27 7.03 -4.95 4.96
C ASN A 27 7.22 -4.01 3.77
N MET A 28 8.34 -3.31 3.75
CA MET A 28 8.64 -2.37 2.67
C MET A 28 8.39 -3.03 1.31
N GLU A 29 9.10 -4.10 1.03
CA GLU A 29 8.96 -4.82 -0.22
C GLU A 29 8.70 -6.30 0.01
N PRO A 30 7.43 -6.70 -0.13
CA PRO A 30 7.01 -8.10 0.07
C PRO A 30 7.53 -9.02 -1.04
N ASN A 31 7.36 -10.32 -0.84
CA ASN A 31 7.82 -11.30 -1.82
C ASN A 31 6.62 -11.96 -2.51
N SER A 32 6.90 -12.63 -3.63
CA SER A 32 5.85 -13.30 -4.39
C SER A 32 4.77 -13.86 -3.47
N ASP A 33 5.20 -14.60 -2.45
CA ASP A 33 4.27 -15.19 -1.49
C ASP A 33 3.30 -14.14 -0.97
N GLU A 34 3.83 -13.10 -0.35
CA GLU A 34 3.00 -12.03 0.20
C GLU A 34 2.26 -11.29 -0.92
N LEU A 35 3.01 -10.80 -1.90
CA LEU A 35 2.41 -10.08 -3.02
C LEU A 35 1.12 -10.74 -3.47
N LEU A 36 1.16 -12.05 -3.67
CA LEU A 36 -0.02 -12.80 -4.10
C LEU A 36 -1.17 -12.61 -3.11
N LYS A 37 -0.98 -13.08 -1.89
CA LYS A 37 -2.00 -12.95 -0.86
C LYS A 37 -2.57 -11.54 -0.81
N ILE A 38 -1.67 -10.55 -0.78
CA ILE A 38 -2.07 -9.16 -0.74
C ILE A 38 -3.17 -8.86 -1.75
N SER A 39 -2.94 -9.28 -2.99
CA SER A 39 -3.90 -9.07 -4.07
C SER A 39 -5.08 -10.03 -3.93
N ILE A 40 -4.88 -11.10 -3.18
CA ILE A 40 -5.93 -12.09 -2.97
C ILE A 40 -6.97 -11.60 -1.97
N ALA A 41 -6.51 -11.25 -0.77
CA ALA A 41 -7.40 -10.76 0.27
C ALA A 41 -8.35 -9.71 -0.27
N VAL A 42 -7.85 -8.85 -1.15
CA VAL A 42 -8.67 -7.81 -1.75
C VAL A 42 -9.38 -8.31 -3.00
N GLY A 43 -8.76 -9.25 -3.69
CA GLY A 43 -9.36 -9.81 -4.89
C GLY A 43 -8.74 -9.25 -6.16
N LEU A 44 -7.83 -8.29 -6.00
CA LEU A 44 -7.15 -7.68 -7.14
C LEU A 44 -6.09 -8.62 -7.72
N PRO A 45 -5.77 -8.41 -9.00
CA PRO A 45 -4.77 -9.23 -9.70
C PRO A 45 -3.35 -8.97 -9.20
N GLN A 46 -2.68 -10.03 -8.77
CA GLN A 46 -1.32 -9.92 -8.26
C GLN A 46 -0.47 -9.02 -9.15
N GLU A 47 -0.70 -9.13 -10.45
CA GLU A 47 0.04 -8.32 -11.42
C GLU A 47 -0.07 -6.83 -11.09
N PHE A 48 -1.29 -6.39 -10.78
CA PHE A 48 -1.54 -4.99 -10.44
C PHE A 48 -0.87 -4.62 -9.12
N VAL A 49 -1.18 -5.38 -8.07
CA VAL A 49 -0.61 -5.12 -6.75
C VAL A 49 0.90 -4.96 -6.83
N LYS A 50 1.55 -5.78 -7.65
CA LYS A 50 2.99 -5.73 -7.82
C LYS A 50 3.45 -4.31 -8.16
N GLU A 51 2.94 -3.78 -9.27
CA GLU A 51 3.31 -2.43 -9.69
C GLU A 51 3.08 -1.43 -8.56
N TRP A 52 1.89 -1.44 -7.98
CA TRP A 52 1.55 -0.54 -6.90
C TRP A 52 2.69 -0.46 -5.89
N PHE A 53 3.30 -1.60 -5.59
CA PHE A 53 4.41 -1.65 -4.65
C PHE A 53 5.69 -1.08 -5.26
N GLU A 54 6.04 -1.59 -6.44
CA GLU A 54 7.24 -1.14 -7.13
C GLU A 54 7.30 0.39 -7.18
N GLN A 55 6.19 0.99 -7.60
CA GLN A 55 6.11 2.45 -7.69
C GLN A 55 6.72 3.11 -6.46
N ARG A 56 6.27 2.69 -5.29
CA ARG A 56 6.77 3.24 -4.03
C ARG A 56 8.29 3.45 -4.10
N LYS A 57 8.96 2.59 -4.84
CA LYS A 57 10.41 2.68 -4.99
C LYS A 57 10.80 3.76 -5.98
N VAL A 58 10.00 3.89 -7.05
CA VAL A 58 10.25 4.89 -8.07
C VAL A 58 10.43 6.27 -7.46
N TYR A 59 9.79 6.50 -6.31
CA TYR A 59 9.87 7.78 -5.62
C TYR A 59 11.09 7.82 -4.69
N GLN A 60 11.24 6.77 -3.89
CA GLN A 60 12.35 6.68 -2.96
C GLN A 60 13.68 6.85 -3.68
N TYR A 61 13.74 6.38 -4.92
CA TYR A 61 14.95 6.47 -5.72
C TYR A 61 15.03 7.80 -6.45
N SER A 62 13.87 8.30 -6.88
CA SER A 62 13.81 9.57 -7.60
C SER A 62 13.81 10.74 -6.64
N ASN A 63 14.84 11.57 -6.71
CA ASN A 63 14.96 12.74 -5.84
C ASN A 63 14.14 13.91 -6.37
N SER A 64 14.23 14.13 -7.68
CA SER A 64 13.51 15.23 -8.32
C SER A 64 12.03 15.18 -7.94
N ARG A 65 11.40 14.05 -8.19
CA ARG A 65 9.98 13.89 -7.87
C ARG A 65 9.75 13.96 -6.36
N SER A 66 8.77 14.77 -5.96
CA SER A 66 8.45 14.94 -4.55
C SER A 66 6.95 14.80 -4.32
N GLY A 67 6.57 14.62 -3.05
CA GLY A 67 5.16 14.48 -2.72
C GLY A 67 4.95 13.79 -1.40
N PRO A 68 3.69 13.43 -1.10
CA PRO A 68 3.33 12.76 0.15
C PRO A 68 3.84 11.32 0.20
N SER A 69 3.92 10.68 -0.97
CA SER A 69 4.39 9.30 -1.06
C SER A 69 5.66 9.12 -0.23
N SER A 70 6.70 9.88 -0.57
CA SER A 70 7.97 9.78 0.12
C SER A 70 8.11 10.91 1.13
N GLY A 71 8.11 10.55 2.41
CA GLY A 71 8.24 11.55 3.47
C GLY A 71 7.98 10.97 4.85
N GLY A 1 -40.01 6.97 15.72
CA GLY A 1 -39.33 5.68 15.64
C GLY A 1 -38.69 5.46 14.29
N SER A 2 -37.36 5.50 14.26
CA SER A 2 -36.62 5.30 13.01
C SER A 2 -36.97 6.38 12.00
N SER A 3 -37.03 7.62 12.47
CA SER A 3 -37.36 8.76 11.60
C SER A 3 -36.08 9.37 11.02
N GLY A 4 -35.15 9.72 11.90
CA GLY A 4 -33.91 10.31 11.45
C GLY A 4 -32.74 9.34 11.48
N SER A 5 -31.97 9.30 10.41
CA SER A 5 -30.83 8.40 10.32
C SER A 5 -29.68 9.04 9.56
N SER A 6 -28.52 9.11 10.20
CA SER A 6 -27.35 9.72 9.58
C SER A 6 -26.88 8.91 8.37
N GLY A 7 -26.82 7.59 8.53
CA GLY A 7 -26.41 6.72 7.46
C GLY A 7 -25.43 5.65 7.91
N SER A 8 -24.64 5.15 6.97
CA SER A 8 -23.66 4.10 7.29
C SER A 8 -22.37 4.33 6.50
N PRO A 9 -21.25 4.43 7.24
CA PRO A 9 -19.93 4.64 6.64
C PRO A 9 -19.43 3.41 5.89
N ILE A 10 -19.23 3.58 4.58
CA ILE A 10 -18.76 2.48 3.74
C ILE A 10 -17.58 2.93 2.88
N ASN A 11 -16.59 2.05 2.75
CA ASN A 11 -15.41 2.36 1.95
C ASN A 11 -15.37 1.49 0.69
N PRO A 12 -15.74 2.08 -0.45
CA PRO A 12 -15.76 1.38 -1.74
C PRO A 12 -14.35 1.08 -2.25
N TYR A 13 -13.50 2.10 -2.28
CA TYR A 13 -12.13 1.94 -2.74
C TYR A 13 -11.13 2.24 -1.62
N LYS A 14 -11.46 3.24 -0.81
CA LYS A 14 -10.60 3.63 0.30
C LYS A 14 -10.01 2.41 0.99
N ASP A 15 -10.88 1.51 1.45
CA ASP A 15 -10.44 0.30 2.13
C ASP A 15 -9.39 -0.43 1.30
N HIS A 16 -9.74 -0.76 0.06
CA HIS A 16 -8.82 -1.46 -0.83
C HIS A 16 -7.42 -0.86 -0.76
N MET A 17 -7.34 0.47 -0.69
CA MET A 17 -6.08 1.16 -0.62
C MET A 17 -5.41 0.94 0.75
N SER A 18 -6.21 0.96 1.80
CA SER A 18 -5.69 0.76 3.15
C SER A 18 -5.00 -0.58 3.27
N VAL A 19 -5.76 -1.67 3.09
CA VAL A 19 -5.22 -3.01 3.17
C VAL A 19 -3.81 -3.08 2.59
N LEU A 20 -3.68 -2.62 1.34
CA LEU A 20 -2.38 -2.63 0.67
C LEU A 20 -1.35 -1.84 1.45
N LYS A 21 -1.80 -0.77 2.09
CA LYS A 21 -0.91 0.07 2.90
C LYS A 21 -0.49 -0.64 4.17
N ALA A 22 -1.39 -1.45 4.72
CA ALA A 22 -1.12 -2.19 5.94
C ALA A 22 -0.01 -3.23 5.72
N TYR A 23 -0.10 -3.95 4.61
CA TYR A 23 0.88 -4.98 4.28
C TYR A 23 2.26 -4.35 4.08
N TYR A 24 2.29 -3.21 3.41
CA TYR A 24 3.55 -2.51 3.14
C TYR A 24 4.17 -2.00 4.44
N ALA A 25 3.37 -1.30 5.24
CA ALA A 25 3.85 -0.76 6.51
C ALA A 25 4.65 -1.81 7.28
N MET A 26 4.09 -3.00 7.39
CA MET A 26 4.75 -4.09 8.10
C MET A 26 5.94 -4.63 7.30
N ASN A 27 5.71 -4.86 6.01
CA ASN A 27 6.75 -5.38 5.13
C ASN A 27 7.06 -4.39 4.01
N MET A 28 8.31 -3.94 3.95
CA MET A 28 8.74 -3.00 2.92
C MET A 28 8.51 -3.57 1.53
N GLU A 29 9.23 -4.64 1.21
CA GLU A 29 9.10 -5.28 -0.09
C GLU A 29 8.65 -6.73 0.05
N PRO A 30 7.36 -6.99 -0.19
CA PRO A 30 6.78 -8.33 -0.09
C PRO A 30 7.28 -9.25 -1.20
N ASN A 31 7.48 -10.52 -0.86
CA ASN A 31 7.96 -11.51 -1.82
C ASN A 31 6.79 -12.14 -2.58
N SER A 32 7.10 -12.83 -3.67
CA SER A 32 6.08 -13.48 -4.48
C SER A 32 4.94 -13.99 -3.61
N ASP A 33 5.29 -14.67 -2.53
CA ASP A 33 4.29 -15.21 -1.61
C ASP A 33 3.40 -14.11 -1.06
N GLU A 34 4.01 -13.09 -0.47
CA GLU A 34 3.28 -11.98 0.10
C GLU A 34 2.48 -11.24 -0.98
N LEU A 35 3.18 -10.78 -2.01
CA LEU A 35 2.54 -10.06 -3.11
C LEU A 35 1.21 -10.72 -3.49
N LEU A 36 1.24 -12.03 -3.70
CA LEU A 36 0.05 -12.78 -4.06
C LEU A 36 -1.07 -12.53 -3.06
N LYS A 37 -0.86 -12.99 -1.82
CA LYS A 37 -1.84 -12.81 -0.77
C LYS A 37 -2.43 -11.40 -0.79
N ILE A 38 -1.56 -10.41 -0.72
CA ILE A 38 -1.99 -9.01 -0.74
C ILE A 38 -3.12 -8.80 -1.73
N SER A 39 -2.92 -9.26 -2.97
CA SER A 39 -3.92 -9.12 -4.02
C SER A 39 -5.08 -10.08 -3.78
N ILE A 40 -4.82 -11.14 -3.03
CA ILE A 40 -5.84 -12.14 -2.74
C ILE A 40 -6.86 -11.61 -1.73
N ALA A 41 -6.35 -11.21 -0.57
CA ALA A 41 -7.20 -10.68 0.48
C ALA A 41 -8.20 -9.66 -0.07
N VAL A 42 -7.72 -8.80 -0.96
CA VAL A 42 -8.56 -7.78 -1.57
C VAL A 42 -9.32 -8.34 -2.78
N GLY A 43 -8.69 -9.29 -3.46
CA GLY A 43 -9.32 -9.89 -4.63
C GLY A 43 -8.76 -9.33 -5.93
N LEU A 44 -7.87 -8.37 -5.83
CA LEU A 44 -7.26 -7.75 -7.00
C LEU A 44 -6.22 -8.67 -7.62
N PRO A 45 -5.94 -8.46 -8.93
CA PRO A 45 -4.96 -9.26 -9.66
C PRO A 45 -3.52 -8.99 -9.21
N GLN A 46 -2.89 -10.01 -8.65
CA GLN A 46 -1.51 -9.88 -8.17
C GLN A 46 -0.70 -9.00 -9.10
N GLU A 47 -0.90 -9.16 -10.40
CA GLU A 47 -0.18 -8.38 -11.40
C GLU A 47 -0.29 -6.89 -11.09
N PHE A 48 -1.50 -6.43 -10.78
CA PHE A 48 -1.73 -5.02 -10.47
C PHE A 48 -0.99 -4.62 -9.20
N VAL A 49 -1.27 -5.32 -8.10
CA VAL A 49 -0.64 -5.04 -6.83
C VAL A 49 0.88 -4.89 -6.98
N LYS A 50 1.48 -5.80 -7.74
CA LYS A 50 2.93 -5.77 -7.97
C LYS A 50 3.38 -4.35 -8.32
N GLU A 51 2.78 -3.77 -9.34
CA GLU A 51 3.14 -2.42 -9.77
C GLU A 51 2.91 -1.41 -8.63
N TRP A 52 1.79 -1.57 -7.94
CA TRP A 52 1.46 -0.68 -6.83
C TRP A 52 2.60 -0.60 -5.84
N PHE A 53 3.21 -1.74 -5.54
CA PHE A 53 4.32 -1.79 -4.60
C PHE A 53 5.59 -1.20 -5.22
N GLU A 54 5.84 -1.53 -6.49
CA GLU A 54 7.01 -1.04 -7.19
C GLU A 54 7.00 0.49 -7.24
N GLN A 55 5.87 1.05 -7.62
CA GLN A 55 5.73 2.51 -7.72
C GLN A 55 6.33 3.19 -6.49
N ARG A 56 6.03 2.64 -5.31
CA ARG A 56 6.54 3.21 -4.07
C ARG A 56 8.06 3.43 -4.14
N LYS A 57 8.76 2.47 -4.73
CA LYS A 57 10.20 2.55 -4.87
C LYS A 57 10.59 3.72 -5.77
N VAL A 58 9.85 3.91 -6.84
CA VAL A 58 10.12 5.00 -7.78
C VAL A 58 10.18 6.34 -7.06
N TYR A 59 9.18 6.61 -6.23
CA TYR A 59 9.12 7.85 -5.47
C TYR A 59 10.09 7.83 -4.29
N GLN A 60 10.16 6.68 -3.63
CA GLN A 60 11.04 6.52 -2.48
C GLN A 60 12.49 6.75 -2.86
N TYR A 61 12.76 6.77 -4.17
CA TYR A 61 14.11 6.98 -4.67
C TYR A 61 14.17 8.25 -5.51
N SER A 62 13.10 8.53 -6.25
CA SER A 62 13.05 9.71 -7.09
C SER A 62 12.49 10.91 -6.32
N ASN A 63 12.39 10.76 -5.01
CA ASN A 63 11.88 11.83 -4.16
C ASN A 63 12.70 13.10 -4.30
N SER A 64 14.02 12.95 -4.25
CA SER A 64 14.93 14.09 -4.37
C SER A 64 15.06 14.51 -5.83
N ARG A 65 15.37 15.79 -6.04
CA ARG A 65 15.53 16.32 -7.39
C ARG A 65 16.76 15.75 -8.07
N SER A 66 17.91 15.87 -7.41
CA SER A 66 19.17 15.37 -7.96
C SER A 66 19.43 13.94 -7.48
N GLY A 67 19.66 13.04 -8.43
CA GLY A 67 19.91 11.65 -8.09
C GLY A 67 21.19 11.12 -8.72
N PRO A 68 21.90 10.25 -7.99
CA PRO A 68 23.15 9.66 -8.47
C PRO A 68 22.93 8.68 -9.61
N SER A 69 23.30 9.10 -10.82
CA SER A 69 23.15 8.26 -12.00
C SER A 69 24.38 7.38 -12.21
N SER A 70 25.55 8.00 -12.18
CA SER A 70 26.80 7.27 -12.38
C SER A 70 27.41 6.88 -11.03
N GLY A 71 27.89 5.64 -10.95
CA GLY A 71 28.50 5.17 -9.72
C GLY A 71 28.38 3.67 -9.56
#